data_7XE3
#
_entry.id   7XE3
#
_cell.length_a   143.372
_cell.length_b   171.226
_cell.length_c   201.918
_cell.angle_alpha   90.00
_cell.angle_beta   90.00
_cell.angle_gamma   90.00
#
_symmetry.space_group_name_H-M   'I 2 2 2'
#
loop_
_entity.id
_entity.type
_entity.pdbx_description
1 polymer 'Lysine-specific histone demethylase 1B'
2 non-polymer 'ZINC ION'
3 non-polymer 'FLAVIN-ADENINE DINUCLEOTIDE'
4 non-polymer 3-[4-bromanyl-2,5-bis(fluoranyl)phenyl]propanal
5 non-polymer 'CITRATE ANION'
6 non-polymer 'TETRAETHYLENE GLYCOL'
7 non-polymer 1,2-ETHANEDIOL
8 water water
#
_entity_poly.entity_id   1
_entity_poly.type   'polypeptide(L)'
_entity_poly.pdbx_seq_one_letter_code
;AKKKATETTDEDEDGGSEKKYRKCEKAGCTATCPVCFASASERCAKNGYTSRWYHLSCGEHFCNECFDHYYRSHKDGYDK
YTTWKKIWTSNGKTEPSPKAFMADQQLPYWVQCTKPECRKWRQLTKEIQLTPQIAKTYRCGMKPNTAIKPETSDHCSLPE
DLRVLEVSNHWWYSMLILPPLLKDSVAAPLLSAYYPDCVGMSPSCTSTNRAAATGNASPGKLEHSKAALSVHVPGMNRYF
QPFYQPNECGKALCVRPDVMELDELYEFPEYSRDPTMYLALRNLILALWYTNCKEALTPQKCIPHIIVRGLVRIRCVQEV
ERILYFMTRKGLINTGVLSVGADQYLLPKDYHNKSVIIIGAGPAGLAAARQLHNFGIKVTVLEAKDRIGGRVWDDKSFKG
VTVGRGAQIVNGCINNPVALMCEQLGISMHKFGERCDLIQEGGRITDPTIDKRMDFHFNALLDVVSEWRKDKTQLQDVPL
GEKIEEIYKAFIKESGIQFSELEGQVLQFHLSNLEYACGSNLHQVSARSWDHNEFFAQFAGDHTLLTPGYSVIIEKLAEG
LDIQLKSPVQCIDYSGDEVQVTTTDGTGYSAQKVLVTVPLALLQKGAIQFNPPLSEKKMKAINSLGAGIIEKIALQFPYR
FWDSKVQGADFFGHVPPSASKRGLFAVFYDMDPQKKHSVLMSVIAGEAVASVRTLDDKQVLQQCMATLRELFKEQEVPDP
TKYFVTRWSTDPWIQMAYSFVKTGGSGEAYDIIAEDIQGTVFFAGEATNRHFPQTVTGAYLSGVREASKIAAF
;
_entity_poly.pdbx_strand_id   A,B
#
loop_
_chem_comp.id
_chem_comp.type
_chem_comp.name
_chem_comp.formula
8A2 non-polymer 3-[4-bromanyl-2,5-bis(fluoranyl)phenyl]propanal 'C9 H7 Br F2 O'
EDO non-polymer 1,2-ETHANEDIOL 'C2 H6 O2'
FAD non-polymer 'FLAVIN-ADENINE DINUCLEOTIDE' 'C27 H33 N9 O15 P2'
FLC non-polymer 'CITRATE ANION' 'C6 H5 O7 -3'
PG4 non-polymer 'TETRAETHYLENE GLYCOL' 'C8 H18 O5'
ZN non-polymer 'ZINC ION' 'Zn 2'
#
# COMPACT_ATOMS: atom_id res chain seq x y z
N SER A 17 12.27 13.67 -52.40
CA SER A 17 11.06 12.87 -52.26
C SER A 17 10.79 12.47 -50.81
N GLU A 18 10.66 13.47 -49.92
CA GLU A 18 10.34 13.29 -48.51
C GLU A 18 11.34 12.37 -47.80
N LYS A 19 11.05 11.99 -46.55
CA LYS A 19 11.93 11.15 -45.76
C LYS A 19 11.15 10.01 -45.13
N LYS A 20 11.84 8.89 -44.89
CA LYS A 20 11.22 7.68 -44.37
C LYS A 20 12.14 6.98 -43.37
N TYR A 21 11.52 6.29 -42.39
CA TYR A 21 12.24 5.70 -41.27
C TYR A 21 11.81 4.26 -41.00
N ARG A 22 12.76 3.43 -40.58
CA ARG A 22 12.40 2.13 -40.02
C ARG A 22 11.80 2.28 -38.63
N LYS A 23 12.26 3.28 -37.86
CA LYS A 23 12.11 3.29 -36.43
C LYS A 23 10.85 4.02 -36.00
N CYS A 24 10.33 3.61 -34.84
CA CYS A 24 9.13 4.21 -34.28
C CYS A 24 9.31 5.70 -34.06
N GLU A 25 8.16 6.40 -34.02
CA GLU A 25 8.15 7.85 -33.79
C GLU A 25 8.62 8.20 -32.39
N LYS A 26 8.41 7.31 -31.42
CA LYS A 26 8.63 7.59 -30.02
C LYS A 26 10.03 7.15 -29.62
N ALA A 27 10.86 8.10 -29.17
CA ALA A 27 12.14 7.78 -28.57
C ALA A 27 11.95 6.75 -27.46
N GLY A 28 12.87 5.80 -27.40
CA GLY A 28 12.84 4.78 -26.38
C GLY A 28 11.92 3.62 -26.64
N CYS A 29 11.15 3.63 -27.73
CA CYS A 29 10.30 2.48 -28.01
C CYS A 29 11.13 1.23 -28.19
N THR A 30 10.67 0.11 -27.63
CA THR A 30 11.45 -1.11 -27.67
C THR A 30 11.27 -1.91 -28.96
N ALA A 31 10.32 -1.52 -29.83
CA ALA A 31 10.15 -2.21 -31.10
C ALA A 31 11.30 -1.86 -32.03
N THR A 32 12.15 -2.84 -32.32
CA THR A 32 13.26 -2.57 -33.24
C THR A 32 12.75 -2.46 -34.67
N CYS A 33 11.67 -3.17 -35.01
CA CYS A 33 11.09 -3.09 -36.34
C CYS A 33 9.58 -2.98 -36.26
N PRO A 34 9.04 -1.76 -36.31
CA PRO A 34 7.58 -1.58 -36.43
C PRO A 34 7.03 -2.28 -37.67
N VAL A 35 5.91 -2.97 -37.47
CA VAL A 35 5.18 -3.62 -38.55
C VAL A 35 3.73 -3.16 -38.46
N CYS A 36 3.15 -2.78 -39.59
CA CYS A 36 1.83 -2.20 -39.56
C CYS A 36 0.80 -3.27 -39.24
N PHE A 37 0.01 -3.05 -38.19
CA PHE A 37 -1.05 -3.98 -37.84
C PHE A 37 -2.31 -3.79 -38.68
N ALA A 38 -2.45 -2.63 -39.34
CA ALA A 38 -3.70 -2.26 -39.97
C ALA A 38 -3.81 -2.87 -41.37
N SER A 39 -2.86 -2.54 -42.24
CA SER A 39 -2.93 -2.93 -43.64
C SER A 39 -4.27 -2.49 -44.24
N ALA A 40 -4.62 -1.24 -43.95
CA ALA A 40 -5.85 -0.64 -44.45
C ALA A 40 -5.68 -0.01 -45.82
N SER A 41 -4.48 0.49 -46.14
CA SER A 41 -4.22 1.17 -47.40
C SER A 41 -3.59 0.22 -48.41
N GLU A 42 -3.83 0.53 -49.69
CA GLU A 42 -3.20 -0.22 -50.76
C GLU A 42 -1.68 -0.15 -50.70
N ARG A 43 -1.14 0.94 -50.14
CA ARG A 43 0.30 1.17 -50.07
C ARG A 43 0.82 1.07 -48.65
N CYS A 44 0.18 0.23 -47.81
CA CYS A 44 0.68 -0.02 -46.45
C CYS A 44 2.18 -0.28 -46.49
N ALA A 45 2.89 0.25 -45.50
CA ALA A 45 4.34 0.05 -45.41
C ALA A 45 4.73 -1.34 -44.95
N LYS A 46 3.76 -2.19 -44.61
CA LYS A 46 4.02 -3.54 -44.12
C LYS A 46 5.01 -3.50 -42.94
N ASN A 47 6.31 -3.73 -43.21
CA ASN A 47 7.31 -3.72 -42.15
C ASN A 47 8.58 -2.93 -42.54
N GLY A 48 8.46 -2.00 -43.48
CA GLY A 48 9.62 -1.23 -43.89
C GLY A 48 9.60 0.23 -43.48
N TYR A 49 9.69 1.11 -44.46
CA TYR A 49 9.85 2.54 -44.23
C TYR A 49 8.55 3.28 -44.46
N THR A 50 8.40 4.40 -43.76
CA THR A 50 7.22 5.23 -43.91
C THR A 50 7.56 6.62 -43.40
N SER A 51 6.73 7.60 -43.80
CA SER A 51 6.98 8.98 -43.38
C SER A 51 6.81 9.15 -41.87
N ARG A 52 5.98 8.31 -41.24
CA ARG A 52 5.92 8.28 -39.78
C ARG A 52 5.38 6.92 -39.33
N TRP A 53 6.00 6.36 -38.30
CA TRP A 53 5.53 5.10 -37.71
C TRP A 53 4.73 5.45 -36.45
N TYR A 54 3.41 5.44 -36.55
CA TYR A 54 2.56 5.85 -35.43
C TYR A 54 2.56 4.77 -34.35
N HIS A 55 2.78 5.20 -33.10
CA HIS A 55 2.97 4.31 -31.95
C HIS A 55 1.69 4.24 -31.12
N LEU A 56 1.16 3.02 -30.93
CA LEU A 56 0.11 2.79 -29.95
C LEU A 56 0.65 2.15 -28.67
N SER A 57 1.40 1.07 -28.81
CA SER A 57 2.14 0.47 -27.72
C SER A 57 3.51 0.09 -28.25
N CYS A 58 4.38 -0.42 -27.37
CA CYS A 58 5.65 -0.93 -27.84
C CYS A 58 5.49 -2.06 -28.85
N GLY A 59 4.33 -2.69 -28.92
CA GLY A 59 4.21 -3.84 -29.78
C GLY A 59 3.27 -3.60 -30.92
N GLU A 60 2.74 -2.38 -31.02
CA GLU A 60 1.66 -2.09 -31.95
C GLU A 60 1.91 -0.75 -32.63
N HIS A 61 2.08 -0.77 -33.96
CA HIS A 61 2.31 0.44 -34.73
C HIS A 61 1.55 0.35 -36.05
N PHE A 62 1.28 1.51 -36.64
CA PHE A 62 0.72 1.54 -37.98
C PHE A 62 1.36 2.64 -38.80
N CYS A 63 1.50 2.38 -40.10
CA CYS A 63 2.21 3.22 -41.03
C CYS A 63 1.38 4.45 -41.42
N ASN A 64 2.06 5.43 -42.03
CA ASN A 64 1.38 6.69 -42.32
C ASN A 64 0.39 6.53 -43.48
N GLU A 65 0.64 5.59 -44.38
CA GLU A 65 -0.32 5.37 -45.47
C GLU A 65 -1.67 4.92 -44.90
N CYS A 66 -1.65 3.93 -44.01
CA CYS A 66 -2.88 3.51 -43.35
C CYS A 66 -3.45 4.64 -42.49
N PHE A 67 -2.60 5.55 -41.99
CA PHE A 67 -3.09 6.71 -41.28
C PHE A 67 -3.90 7.61 -42.21
N ASP A 68 -3.37 7.88 -43.41
CA ASP A 68 -4.10 8.70 -44.37
C ASP A 68 -5.32 7.98 -44.93
N HIS A 69 -5.32 6.64 -44.93
CA HIS A 69 -6.46 5.90 -45.47
C HIS A 69 -7.76 6.33 -44.80
N TYR A 70 -7.71 6.53 -43.48
CA TYR A 70 -8.86 6.93 -42.67
C TYR A 70 -8.95 8.44 -42.48
N TYR A 71 -7.81 9.12 -42.34
CA TYR A 71 -7.82 10.53 -41.95
C TYR A 71 -8.17 11.46 -43.14
N ARG A 72 -7.41 11.40 -44.22
CA ARG A 72 -7.57 12.37 -45.30
C ARG A 72 -8.92 12.23 -45.98
N SER A 73 -9.52 13.37 -46.36
CA SER A 73 -10.90 13.37 -46.84
C SER A 73 -11.07 12.66 -48.18
N HIS A 74 -10.02 12.68 -49.02
CA HIS A 74 -10.10 12.09 -50.35
C HIS A 74 -9.83 10.59 -50.37
N LYS A 75 -9.62 9.96 -49.22
CA LYS A 75 -9.24 8.56 -49.16
C LYS A 75 -10.45 7.68 -48.84
N ASP A 76 -10.24 6.37 -48.98
CA ASP A 76 -11.32 5.40 -49.00
C ASP A 76 -12.02 5.32 -47.65
N GLY A 77 -11.33 4.75 -46.66
CA GLY A 77 -11.90 4.55 -45.35
C GLY A 77 -12.15 5.83 -44.57
N TYR A 78 -12.33 6.95 -45.27
CA TYR A 78 -12.63 8.21 -44.60
C TYR A 78 -14.06 8.23 -44.05
N ASP A 79 -15.02 7.67 -44.78
CA ASP A 79 -16.39 7.62 -44.27
C ASP A 79 -16.46 6.79 -43.00
N LYS A 80 -15.80 5.64 -42.99
CA LYS A 80 -15.80 4.80 -41.79
C LYS A 80 -15.23 5.55 -40.59
N TYR A 81 -14.15 6.29 -40.80
CA TYR A 81 -13.53 7.05 -39.71
C TYR A 81 -14.41 8.23 -39.29
N THR A 82 -14.89 8.99 -40.27
CA THR A 82 -15.74 10.14 -39.96
C THR A 82 -17.01 9.71 -39.24
N THR A 83 -17.55 8.54 -39.57
CA THR A 83 -18.75 8.04 -38.91
C THR A 83 -18.44 7.63 -37.48
N TRP A 84 -17.34 6.89 -37.28
CA TRP A 84 -16.92 6.57 -35.91
C TRP A 84 -16.69 7.85 -35.10
N LYS A 85 -16.09 8.85 -35.74
CA LYS A 85 -15.84 10.14 -35.09
C LYS A 85 -17.15 10.72 -34.54
N LYS A 86 -18.20 10.75 -35.35
CA LYS A 86 -19.45 11.38 -34.90
C LYS A 86 -20.03 10.65 -33.70
N ILE A 87 -20.05 9.31 -33.74
CA ILE A 87 -20.46 8.51 -32.60
C ILE A 87 -19.59 8.82 -31.38
N TRP A 88 -18.26 8.88 -31.59
CA TRP A 88 -17.32 9.10 -30.50
C TRP A 88 -17.54 10.44 -29.81
N THR A 89 -17.63 11.53 -30.59
CA THR A 89 -17.71 12.86 -29.99
C THR A 89 -19.05 13.13 -29.32
N SER A 90 -20.10 12.38 -29.64
CA SER A 90 -21.39 12.68 -29.03
C SER A 90 -21.65 11.87 -27.77
N ASN A 91 -20.96 10.73 -27.58
CA ASN A 91 -21.16 9.92 -26.38
C ASN A 91 -20.01 10.00 -25.39
N GLY A 92 -18.84 10.49 -25.78
CA GLY A 92 -17.68 10.50 -24.93
C GLY A 92 -17.10 11.89 -24.75
N LYS A 93 -16.18 11.99 -23.77
CA LYS A 93 -15.41 13.21 -23.53
C LYS A 93 -13.96 13.09 -24.00
N THR A 94 -13.55 11.94 -24.53
CA THR A 94 -12.19 11.73 -25.02
C THR A 94 -12.10 12.12 -26.49
N GLU A 95 -11.06 12.85 -26.87
CA GLU A 95 -10.98 13.37 -28.22
C GLU A 95 -10.91 12.21 -29.22
N PRO A 96 -11.47 12.39 -30.43
CA PRO A 96 -11.23 11.41 -31.50
C PRO A 96 -9.96 11.72 -32.25
N SER A 97 -9.18 10.69 -32.51
CA SER A 97 -7.98 10.82 -33.32
C SER A 97 -7.79 9.50 -34.05
N PRO A 98 -6.97 9.47 -35.10
CA PRO A 98 -6.70 8.18 -35.76
C PRO A 98 -6.16 7.12 -34.81
N LYS A 99 -5.32 7.49 -33.83
CA LYS A 99 -4.86 6.49 -32.86
C LYS A 99 -6.01 5.95 -32.03
N ALA A 100 -6.86 6.84 -31.51
CA ALA A 100 -8.02 6.39 -30.74
C ALA A 100 -8.91 5.47 -31.58
N PHE A 101 -9.15 5.85 -32.83
CA PHE A 101 -9.94 5.02 -33.75
C PHE A 101 -9.31 3.63 -33.91
N MET A 102 -8.03 3.58 -34.30
CA MET A 102 -7.36 2.29 -34.49
C MET A 102 -7.51 1.41 -33.27
N ALA A 103 -7.27 1.97 -32.08
CA ALA A 103 -7.31 1.19 -30.85
C ALA A 103 -8.71 0.68 -30.54
N ASP A 104 -9.74 1.42 -30.92
CA ASP A 104 -11.11 0.99 -30.69
C ASP A 104 -11.65 0.10 -31.80
N GLN A 105 -11.10 0.18 -33.01
CA GLN A 105 -11.74 -0.44 -34.16
C GLN A 105 -10.85 -1.29 -35.05
N GLN A 106 -9.52 -1.28 -34.87
CA GLN A 106 -8.71 -1.89 -35.90
C GLN A 106 -7.65 -2.84 -35.33
N LEU A 107 -7.21 -2.61 -34.10
CA LEU A 107 -6.31 -3.55 -33.46
C LEU A 107 -6.97 -4.93 -33.42
N PRO A 108 -6.20 -6.00 -33.56
CA PRO A 108 -6.78 -7.34 -33.45
C PRO A 108 -6.96 -7.74 -31.99
N TYR A 109 -7.81 -8.73 -31.79
CA TYR A 109 -8.06 -9.23 -30.44
C TYR A 109 -7.05 -10.29 -30.05
N TRP A 110 -6.73 -10.35 -28.76
CA TRP A 110 -5.90 -11.42 -28.18
C TRP A 110 -6.70 -12.24 -27.18
N VAL A 111 -6.56 -13.56 -27.24
CA VAL A 111 -7.28 -14.46 -26.36
C VAL A 111 -6.35 -15.56 -25.87
N GLN A 112 -6.65 -16.11 -24.69
CA GLN A 112 -5.87 -17.18 -24.10
C GLN A 112 -6.42 -18.54 -24.48
N CYS A 113 -5.52 -19.49 -24.68
CA CYS A 113 -5.95 -20.86 -24.75
C CYS A 113 -6.66 -21.21 -23.44
N THR A 114 -7.85 -21.82 -23.54
CA THR A 114 -8.61 -22.20 -22.36
C THR A 114 -8.20 -23.54 -21.78
N LYS A 115 -7.46 -24.36 -22.53
CA LYS A 115 -6.85 -25.55 -21.98
C LYS A 115 -6.09 -25.20 -20.70
N PRO A 116 -6.27 -25.94 -19.61
CA PRO A 116 -5.70 -25.49 -18.32
C PRO A 116 -4.18 -25.44 -18.29
N GLU A 117 -3.48 -26.48 -18.75
CA GLU A 117 -2.03 -26.54 -18.67
C GLU A 117 -1.33 -25.72 -19.75
N CYS A 118 -2.08 -24.97 -20.56
CA CYS A 118 -1.51 -24.14 -21.63
C CYS A 118 -1.67 -22.66 -21.30
N ARG A 119 -2.88 -22.11 -21.46
CA ARG A 119 -3.20 -20.72 -21.09
C ARG A 119 -2.38 -19.70 -21.88
N LYS A 120 -1.81 -20.11 -23.03
CA LYS A 120 -0.97 -19.24 -23.83
C LYS A 120 -1.81 -18.20 -24.61
N TRP A 121 -1.24 -17.01 -24.74
CA TRP A 121 -1.88 -15.94 -25.49
C TRP A 121 -1.67 -16.10 -26.99
N ARG A 122 -2.73 -15.86 -27.76
CA ARG A 122 -2.68 -15.91 -29.21
C ARG A 122 -3.38 -14.68 -29.80
N GLN A 123 -2.95 -14.30 -31.01
CA GLN A 123 -3.59 -13.20 -31.72
C GLN A 123 -4.65 -13.76 -32.67
N LEU A 124 -5.85 -13.24 -32.59
CA LEU A 124 -6.89 -13.66 -33.52
C LEU A 124 -6.75 -12.91 -34.84
N THR A 125 -7.34 -13.45 -35.90
CA THR A 125 -7.31 -12.74 -37.18
C THR A 125 -8.25 -11.53 -37.12
N LYS A 126 -8.19 -10.69 -38.16
CA LYS A 126 -8.82 -9.37 -38.08
C LYS A 126 -10.34 -9.43 -38.10
N GLU A 127 -10.94 -10.25 -38.97
CA GLU A 127 -12.39 -10.24 -39.10
C GLU A 127 -13.08 -10.75 -37.85
N ILE A 128 -12.39 -11.50 -37.01
CA ILE A 128 -12.99 -12.11 -35.83
C ILE A 128 -13.18 -11.04 -34.76
N GLN A 129 -14.41 -10.88 -34.29
CA GLN A 129 -14.73 -10.02 -33.16
C GLN A 129 -14.91 -10.90 -31.93
N LEU A 130 -14.18 -10.58 -30.87
CA LEU A 130 -14.12 -11.40 -29.67
C LEU A 130 -15.43 -11.36 -28.92
N THR A 131 -16.08 -12.49 -28.79
CA THR A 131 -17.21 -12.62 -27.90
C THR A 131 -16.78 -13.26 -26.60
N PRO A 132 -17.55 -13.08 -25.52
CA PRO A 132 -17.29 -13.89 -24.31
C PRO A 132 -17.43 -15.38 -24.56
N GLN A 133 -18.20 -15.78 -25.56
CA GLN A 133 -18.27 -17.20 -25.94
C GLN A 133 -16.93 -17.69 -26.49
N ILE A 134 -16.27 -16.89 -27.33
CA ILE A 134 -14.96 -17.31 -27.84
C ILE A 134 -13.98 -17.43 -26.70
N ALA A 135 -13.96 -16.44 -25.80
CA ALA A 135 -13.00 -16.43 -24.70
C ALA A 135 -13.20 -17.60 -23.76
N LYS A 136 -14.42 -18.13 -23.67
CA LYS A 136 -14.65 -19.27 -22.79
C LYS A 136 -14.16 -20.57 -23.38
N THR A 137 -14.01 -20.64 -24.70
CA THR A 137 -13.84 -21.91 -25.42
C THR A 137 -12.59 -21.99 -26.28
N TYR A 138 -11.81 -20.90 -26.39
CA TYR A 138 -10.71 -20.86 -27.35
C TYR A 138 -9.61 -21.86 -26.99
N ARG A 139 -9.11 -22.54 -28.00
CA ARG A 139 -7.94 -23.41 -27.88
C ARG A 139 -7.01 -23.17 -29.07
N CYS A 140 -5.71 -23.13 -28.78
CA CYS A 140 -4.66 -22.78 -29.72
C CYS A 140 -4.88 -23.34 -31.11
N GLY A 141 -4.85 -22.44 -32.11
CA GLY A 141 -4.82 -22.85 -33.50
C GLY A 141 -6.04 -23.60 -34.01
N MET A 142 -7.17 -23.49 -33.31
CA MET A 142 -8.45 -23.98 -33.81
C MET A 142 -9.33 -22.78 -34.11
N LYS A 143 -9.96 -22.79 -35.29
CA LYS A 143 -10.70 -21.63 -35.79
C LYS A 143 -11.91 -21.33 -34.91
N PRO A 144 -11.97 -20.16 -34.25
CA PRO A 144 -12.99 -19.94 -33.20
C PRO A 144 -14.43 -19.83 -33.71
N ASN A 145 -15.35 -19.67 -32.76
CA ASN A 145 -16.79 -19.90 -32.88
C ASN A 145 -17.11 -21.37 -33.12
N THR A 146 -16.11 -22.26 -32.95
CA THR A 146 -16.27 -23.71 -33.15
C THR A 146 -16.50 -24.44 -31.84
N THR A 152 -6.48 -32.61 -32.48
CA THR A 152 -5.12 -32.73 -31.94
C THR A 152 -4.83 -31.66 -30.88
N SER A 153 -3.65 -31.75 -30.25
CA SER A 153 -3.18 -30.80 -29.25
C SER A 153 -1.78 -30.29 -29.58
N ASP A 154 -1.46 -30.21 -30.87
CA ASP A 154 -0.12 -29.86 -31.30
C ASP A 154 0.16 -28.37 -31.20
N HIS A 155 -0.85 -27.53 -31.46
CA HIS A 155 -0.68 -26.08 -31.58
C HIS A 155 -0.37 -25.39 -30.26
N CYS A 156 -0.55 -26.09 -29.13
CA CYS A 156 -0.32 -25.44 -27.85
C CYS A 156 1.16 -25.22 -27.59
N SER A 157 1.99 -26.18 -27.97
CA SER A 157 3.42 -26.13 -27.70
C SER A 157 4.13 -25.00 -28.44
N LEU A 158 3.48 -24.33 -29.39
CA LEU A 158 4.14 -23.25 -30.11
C LEU A 158 4.38 -22.07 -29.18
N PRO A 159 5.50 -21.37 -29.33
CA PRO A 159 5.77 -20.23 -28.45
C PRO A 159 4.81 -19.09 -28.72
N GLU A 160 4.47 -18.36 -27.65
CA GLU A 160 3.72 -17.12 -27.79
C GLU A 160 4.52 -16.09 -28.56
N ASP A 161 3.79 -15.26 -29.29
CA ASP A 161 4.33 -14.02 -29.83
C ASP A 161 5.19 -13.35 -28.77
N LEU A 162 6.42 -12.99 -29.14
CA LEU A 162 7.34 -12.40 -28.17
C LEU A 162 6.77 -11.15 -27.52
N ARG A 163 5.94 -10.40 -28.24
CA ARG A 163 5.39 -9.16 -27.68
C ARG A 163 4.55 -9.40 -26.43
N VAL A 164 3.98 -10.60 -26.29
CA VAL A 164 3.14 -10.92 -25.14
C VAL A 164 3.91 -10.73 -23.85
N LEU A 165 5.09 -11.36 -23.73
CA LEU A 165 5.84 -11.26 -22.48
C LEU A 165 6.16 -9.82 -22.12
N GLU A 166 6.34 -8.94 -23.11
CA GLU A 166 6.62 -7.54 -22.79
C GLU A 166 5.52 -6.92 -21.95
N VAL A 167 4.28 -7.39 -22.11
CA VAL A 167 3.13 -6.65 -21.58
C VAL A 167 3.18 -6.58 -20.06
N SER A 168 3.70 -7.61 -19.40
CA SER A 168 3.60 -7.69 -17.96
C SER A 168 4.59 -6.80 -17.22
N ASN A 169 5.44 -6.07 -17.93
CA ASN A 169 6.31 -5.10 -17.28
C ASN A 169 5.57 -3.80 -17.05
N HIS A 170 5.97 -3.07 -16.01
CA HIS A 170 5.33 -1.79 -15.79
C HIS A 170 5.64 -0.84 -16.94
N TRP A 171 6.89 -0.85 -17.41
CA TRP A 171 7.24 0.07 -18.47
C TRP A 171 6.40 -0.16 -19.73
N TRP A 172 5.77 -1.31 -19.88
CA TRP A 172 4.87 -1.48 -21.01
C TRP A 172 3.69 -0.54 -20.90
N TYR A 173 3.03 -0.54 -19.73
CA TYR A 173 1.93 0.39 -19.48
C TYR A 173 2.40 1.84 -19.61
N SER A 174 3.62 2.14 -19.14
CA SER A 174 4.16 3.49 -19.29
C SER A 174 4.17 3.92 -20.74
N MET A 175 4.52 3.02 -21.65
CA MET A 175 4.66 3.31 -23.06
C MET A 175 3.37 3.18 -23.83
N LEU A 176 2.28 2.85 -23.15
CA LEU A 176 0.98 2.74 -23.80
C LEU A 176 0.39 4.14 -23.97
N ILE A 177 0.04 4.53 -25.19
CA ILE A 177 -0.29 5.93 -25.36
C ILE A 177 -1.73 6.23 -24.93
N LEU A 178 -2.66 5.30 -25.09
CA LEU A 178 -4.05 5.52 -24.71
C LEU A 178 -4.51 4.41 -23.77
N PRO A 179 -5.30 4.74 -22.76
CA PRO A 179 -5.81 3.71 -21.84
C PRO A 179 -6.81 2.81 -22.54
N PRO A 180 -6.99 1.58 -22.07
CA PRO A 180 -8.01 0.70 -22.66
C PRO A 180 -9.42 1.18 -22.35
N LEU A 181 -10.34 0.89 -23.27
CA LEU A 181 -11.76 1.16 -23.07
C LEU A 181 -12.53 -0.12 -23.34
N LEU A 182 -13.19 -0.66 -22.30
CA LEU A 182 -13.87 -1.94 -22.41
C LEU A 182 -15.15 -1.84 -23.23
N LYS A 183 -15.49 -2.94 -23.91
CA LYS A 183 -16.71 -3.03 -24.72
C LYS A 183 -17.69 -3.96 -24.04
N ASP A 184 -18.97 -3.55 -24.02
CA ASP A 184 -20.06 -4.34 -23.46
C ASP A 184 -19.73 -4.78 -22.03
N SER A 185 -19.26 -3.83 -21.23
CA SER A 185 -19.04 -4.13 -19.82
C SER A 185 -20.38 -4.44 -19.16
N VAL A 186 -20.38 -5.42 -18.24
CA VAL A 186 -21.57 -5.70 -17.46
C VAL A 186 -21.93 -4.51 -16.59
N ALA A 187 -20.96 -3.61 -16.33
CA ALA A 187 -21.26 -2.43 -15.54
C ALA A 187 -22.08 -1.40 -16.32
N ALA A 188 -22.01 -1.43 -17.65
CA ALA A 188 -22.57 -0.35 -18.47
C ALA A 188 -24.05 -0.06 -18.19
N PRO A 189 -24.95 -1.05 -18.03
CA PRO A 189 -26.35 -0.69 -17.75
C PRO A 189 -26.54 0.12 -16.48
N LEU A 190 -25.58 0.10 -15.56
CA LEU A 190 -25.67 0.83 -14.30
C LEU A 190 -25.05 2.23 -14.38
N LEU A 191 -24.18 2.47 -15.36
CA LEU A 191 -23.42 3.71 -15.46
C LEU A 191 -23.92 4.64 -16.56
N SER A 192 -25.16 4.47 -17.02
CA SER A 192 -25.70 5.30 -18.10
C SER A 192 -25.60 6.79 -17.81
N ALA A 193 -25.71 7.18 -16.54
CA ALA A 193 -25.60 8.60 -16.20
C ALA A 193 -24.21 9.18 -16.47
N TYR A 194 -23.21 8.36 -16.81
CA TYR A 194 -21.82 8.77 -16.91
C TYR A 194 -21.32 8.66 -18.34
N TYR A 195 -20.44 9.57 -18.74
CA TYR A 195 -19.77 9.40 -20.02
C TYR A 195 -19.02 8.07 -20.02
N PRO A 196 -19.23 7.20 -21.01
CA PRO A 196 -18.62 5.85 -20.96
C PRO A 196 -17.11 5.85 -20.77
N ASP A 197 -16.39 6.81 -21.35
CA ASP A 197 -14.94 6.81 -21.24
C ASP A 197 -14.45 7.37 -19.91
N CYS A 198 -15.26 8.17 -19.22
CA CYS A 198 -14.92 8.60 -17.87
C CYS A 198 -14.97 7.47 -16.85
N VAL A 199 -15.48 6.29 -17.23
CA VAL A 199 -15.60 5.13 -16.35
C VAL A 199 -14.99 3.91 -17.04
N GLY A 200 -14.21 4.15 -18.09
CA GLY A 200 -13.41 3.11 -18.70
C GLY A 200 -14.06 2.29 -19.79
N MET A 201 -15.17 2.76 -20.36
CA MET A 201 -15.91 2.02 -21.37
C MET A 201 -15.87 2.77 -22.70
N SER A 202 -15.92 2.03 -23.80
CA SER A 202 -15.77 2.64 -25.11
C SER A 202 -17.03 3.40 -25.49
N PRO A 203 -16.91 4.65 -25.91
CA PRO A 203 -18.11 5.41 -26.32
C PRO A 203 -18.73 4.89 -27.60
N SER A 204 -17.98 4.17 -28.45
CA SER A 204 -18.49 3.64 -29.71
C SER A 204 -19.30 2.36 -29.52
N CYS A 205 -19.74 2.09 -28.30
CA CYS A 205 -20.36 0.83 -27.95
C CYS A 205 -21.85 1.08 -27.72
N THR A 206 -22.69 0.57 -28.63
CA THR A 206 -24.12 0.84 -28.60
C THR A 206 -24.85 0.13 -27.47
N SER A 207 -24.16 -0.68 -26.69
CA SER A 207 -24.72 -1.30 -25.50
C SER A 207 -23.78 -1.13 -24.32
N VAL A 233 -31.95 -1.80 -13.72
CA VAL A 233 -31.26 -3.02 -14.19
C VAL A 233 -32.11 -4.25 -13.87
N PRO A 234 -32.88 -4.71 -14.85
CA PRO A 234 -33.81 -5.83 -14.59
C PRO A 234 -33.06 -7.09 -14.18
N GLY A 235 -33.52 -7.68 -13.06
CA GLY A 235 -32.98 -8.93 -12.55
C GLY A 235 -32.04 -8.78 -11.36
N MET A 236 -31.34 -7.66 -11.25
CA MET A 236 -30.51 -7.40 -10.09
C MET A 236 -31.38 -7.01 -8.89
N ASN A 237 -30.92 -7.35 -7.70
CA ASN A 237 -31.66 -7.05 -6.48
C ASN A 237 -31.79 -5.54 -6.28
N ARG A 238 -33.02 -5.09 -6.00
CA ARG A 238 -33.30 -3.66 -5.81
C ARG A 238 -32.41 -3.01 -4.76
N TYR A 239 -31.81 -3.81 -3.86
CA TYR A 239 -30.97 -3.30 -2.79
C TYR A 239 -29.51 -3.15 -3.17
N PHE A 240 -29.09 -3.73 -4.29
CA PHE A 240 -27.72 -3.58 -4.76
C PHE A 240 -27.65 -2.33 -5.63
N GLN A 241 -27.05 -1.27 -5.10
CA GLN A 241 -26.81 -0.03 -5.83
C GLN A 241 -25.36 0.38 -5.56
N PRO A 242 -24.39 -0.35 -6.13
CA PRO A 242 -23.00 -0.14 -5.73
C PRO A 242 -22.36 1.14 -6.25
N PHE A 243 -22.98 1.85 -7.18
CA PHE A 243 -22.37 3.04 -7.76
C PHE A 243 -23.17 4.27 -7.38
N TYR A 244 -22.46 5.34 -7.06
CA TYR A 244 -23.10 6.64 -6.91
C TYR A 244 -23.53 7.14 -8.28
N GLN A 245 -24.64 7.86 -8.32
CA GLN A 245 -24.92 8.66 -9.49
C GLN A 245 -24.11 9.96 -9.39
N PRO A 246 -23.83 10.64 -10.50
CA PRO A 246 -22.95 11.82 -10.42
C PRO A 246 -23.55 12.91 -9.53
N ASN A 247 -22.67 13.58 -8.76
CA ASN A 247 -23.05 14.62 -7.81
C ASN A 247 -24.03 14.07 -6.76
N GLU A 248 -23.69 12.91 -6.23
CA GLU A 248 -24.50 12.26 -5.22
C GLU A 248 -23.58 11.73 -4.11
N CYS A 249 -23.97 11.97 -2.86
CA CYS A 249 -23.22 11.47 -1.71
C CYS A 249 -24.22 10.96 -0.68
N GLY A 250 -23.74 10.71 0.54
CA GLY A 250 -24.62 10.34 1.63
C GLY A 250 -25.33 9.02 1.45
N LYS A 251 -24.69 8.06 0.81
CA LYS A 251 -25.23 6.71 0.65
C LYS A 251 -24.12 5.73 0.98
N ALA A 252 -24.29 4.99 2.08
CA ALA A 252 -23.25 4.10 2.57
C ALA A 252 -22.87 3.04 1.53
N LEU A 253 -21.58 2.72 1.47
CA LEU A 253 -21.02 1.65 0.67
C LEU A 253 -21.19 1.85 -0.84
N CYS A 254 -21.55 3.04 -1.29
CA CYS A 254 -21.48 3.33 -2.71
C CYS A 254 -20.06 3.74 -3.06
N VAL A 255 -19.54 3.19 -4.15
CA VAL A 255 -18.28 3.64 -4.70
C VAL A 255 -18.58 4.58 -5.86
N ARG A 256 -17.69 5.54 -6.07
CA ARG A 256 -17.80 6.45 -7.21
C ARG A 256 -17.22 5.76 -8.44
N PRO A 257 -18.02 5.53 -9.49
CA PRO A 257 -17.53 4.72 -10.61
C PRO A 257 -16.47 5.41 -11.44
N ASP A 258 -16.18 6.70 -11.18
CA ASP A 258 -15.27 7.49 -11.98
C ASP A 258 -14.09 8.01 -11.17
N VAL A 259 -13.97 7.62 -9.91
CA VAL A 259 -12.93 8.11 -9.02
C VAL A 259 -12.42 6.94 -8.20
N MET A 260 -11.10 6.78 -8.18
CA MET A 260 -10.48 5.79 -7.32
C MET A 260 -10.48 6.30 -5.90
N GLU A 261 -10.60 5.39 -4.95
CA GLU A 261 -10.61 5.83 -3.56
C GLU A 261 -9.21 5.79 -2.98
N LEU A 262 -9.03 6.52 -1.88
CA LEU A 262 -7.72 6.64 -1.26
C LEU A 262 -7.07 5.26 -1.03
N ASP A 263 -7.81 4.32 -0.43
CA ASP A 263 -7.18 3.04 -0.16
C ASP A 263 -6.93 2.26 -1.46
N GLU A 264 -7.64 2.57 -2.53
CA GLU A 264 -7.32 1.96 -3.82
C GLU A 264 -6.05 2.55 -4.42
N LEU A 265 -5.90 3.87 -4.33
CA LEU A 265 -4.69 4.51 -4.85
C LEU A 265 -3.45 4.07 -4.08
N TYR A 266 -3.59 3.84 -2.76
CA TYR A 266 -2.48 3.34 -1.97
C TYR A 266 -1.96 2.02 -2.52
N GLU A 267 -2.87 1.14 -2.91
CA GLU A 267 -2.48 -0.19 -3.37
C GLU A 267 -2.09 -0.19 -4.85
N PHE A 268 -2.65 0.71 -5.65
CA PHE A 268 -2.40 0.75 -7.09
C PHE A 268 -1.97 2.14 -7.54
N PRO A 269 -0.85 2.67 -6.99
CA PRO A 269 -0.47 4.05 -7.33
C PRO A 269 -0.16 4.26 -8.81
N GLU A 270 0.08 3.20 -9.57
CA GLU A 270 0.37 3.37 -11.00
C GLU A 270 -0.84 3.88 -11.77
N TYR A 271 -1.99 3.93 -11.13
CA TYR A 271 -3.22 4.37 -11.75
C TYR A 271 -3.65 5.76 -11.30
N SER A 272 -2.82 6.40 -10.46
CA SER A 272 -3.15 7.71 -9.90
C SER A 272 -3.34 8.77 -10.99
N ARG A 273 -2.41 8.83 -11.95
CA ARG A 273 -2.54 9.87 -12.97
C ARG A 273 -3.77 9.64 -13.83
N ASP A 274 -4.05 8.40 -14.20
CA ASP A 274 -5.10 8.09 -15.17
C ASP A 274 -5.74 6.77 -14.76
N PRO A 275 -6.82 6.83 -13.99
CA PRO A 275 -7.43 5.61 -13.43
C PRO A 275 -8.41 4.90 -14.35
N THR A 276 -8.60 5.40 -15.58
CA THR A 276 -9.49 4.84 -16.58
C THR A 276 -9.52 3.32 -16.52
N MET A 277 -8.34 2.72 -16.53
CA MET A 277 -8.26 1.27 -16.65
C MET A 277 -8.65 0.54 -15.37
N TYR A 278 -8.16 1.02 -14.23
CA TYR A 278 -8.55 0.42 -12.97
C TYR A 278 -10.05 0.52 -12.76
N LEU A 279 -10.61 1.71 -13.04
CA LEU A 279 -12.03 1.92 -12.87
C LEU A 279 -12.84 0.91 -13.69
N ALA A 280 -12.53 0.80 -14.98
CA ALA A 280 -13.17 -0.21 -15.82
C ALA A 280 -13.22 -1.59 -15.17
N LEU A 281 -12.10 -2.05 -14.62
CA LEU A 281 -12.02 -3.41 -14.09
C LEU A 281 -12.68 -3.53 -12.72
N ARG A 282 -12.46 -2.56 -11.83
CA ARG A 282 -13.18 -2.60 -10.56
C ARG A 282 -14.69 -2.59 -10.79
N ASN A 283 -15.17 -1.63 -11.59
CA ASN A 283 -16.59 -1.55 -11.87
C ASN A 283 -17.11 -2.84 -12.48
N LEU A 284 -16.36 -3.45 -13.39
CA LEU A 284 -16.77 -4.72 -13.96
C LEU A 284 -16.91 -5.79 -12.88
N ILE A 285 -15.96 -5.84 -11.95
CA ILE A 285 -16.00 -6.87 -10.91
C ILE A 285 -17.22 -6.68 -10.02
N LEU A 286 -17.49 -5.43 -9.63
CA LEU A 286 -18.68 -5.16 -8.83
C LEU A 286 -19.95 -5.59 -9.55
N ALA A 287 -20.10 -5.16 -10.81
CA ALA A 287 -21.26 -5.57 -11.60
C ALA A 287 -21.38 -7.08 -11.66
N LEU A 288 -20.26 -7.79 -11.84
CA LEU A 288 -20.34 -9.24 -11.95
C LEU A 288 -20.75 -9.86 -10.61
N TRP A 289 -20.26 -9.29 -9.50
CA TRP A 289 -20.56 -9.84 -8.19
C TRP A 289 -22.04 -9.68 -7.86
N TYR A 290 -22.57 -8.47 -7.99
CA TYR A 290 -23.98 -8.28 -7.67
C TYR A 290 -24.89 -8.96 -8.69
N THR A 291 -24.40 -9.20 -9.91
CA THR A 291 -25.15 -10.02 -10.85
C THR A 291 -25.20 -11.48 -10.41
N ASN A 292 -24.28 -11.94 -9.59
CA ASN A 292 -24.36 -13.31 -9.07
C ASN A 292 -23.54 -13.41 -7.79
N CYS A 293 -24.20 -13.12 -6.66
CA CYS A 293 -23.55 -13.14 -5.36
C CYS A 293 -23.65 -14.48 -4.66
N LYS A 294 -24.05 -15.55 -5.36
CA LYS A 294 -24.20 -16.85 -4.72
C LYS A 294 -23.05 -17.80 -5.01
N GLU A 295 -22.17 -17.45 -5.94
CA GLU A 295 -20.97 -18.20 -6.24
C GLU A 295 -19.77 -17.27 -6.17
N ALA A 296 -18.59 -17.85 -5.98
CA ALA A 296 -17.35 -17.07 -5.96
C ALA A 296 -17.01 -16.55 -7.34
N LEU A 297 -16.61 -15.28 -7.40
CA LEU A 297 -16.24 -14.60 -8.63
C LEU A 297 -14.73 -14.74 -8.82
N THR A 298 -14.32 -15.65 -9.69
CA THR A 298 -12.92 -15.97 -9.97
C THR A 298 -12.39 -15.12 -11.10
N PRO A 299 -11.06 -15.11 -11.29
CA PRO A 299 -10.52 -14.51 -12.53
C PRO A 299 -11.01 -15.22 -13.78
N GLN A 300 -11.02 -16.55 -13.77
CA GLN A 300 -11.58 -17.32 -14.88
C GLN A 300 -12.94 -16.80 -15.27
N LYS A 301 -13.74 -16.39 -14.29
CA LYS A 301 -15.09 -15.92 -14.53
C LYS A 301 -15.11 -14.50 -15.08
N CYS A 302 -14.16 -13.65 -14.70
CA CYS A 302 -14.13 -12.29 -15.20
C CYS A 302 -13.59 -12.19 -16.63
N ILE A 303 -12.61 -13.02 -16.96
CA ILE A 303 -11.84 -12.81 -18.19
C ILE A 303 -12.72 -12.74 -19.45
N PRO A 304 -13.68 -13.63 -19.67
CA PRO A 304 -14.44 -13.53 -20.92
C PRO A 304 -15.33 -12.31 -20.98
N HIS A 305 -15.50 -11.57 -19.88
CA HIS A 305 -16.21 -10.30 -19.94
C HIS A 305 -15.30 -9.10 -20.14
N ILE A 306 -13.99 -9.30 -20.26
CA ILE A 306 -13.05 -8.21 -20.55
C ILE A 306 -12.81 -8.20 -22.05
N ILE A 307 -13.48 -7.28 -22.76
CA ILE A 307 -13.47 -7.21 -24.22
C ILE A 307 -12.84 -5.88 -24.64
N VAL A 308 -11.61 -5.94 -25.16
CA VAL A 308 -10.90 -4.77 -25.67
C VAL A 308 -9.89 -5.25 -26.70
N ARG A 309 -9.73 -4.47 -27.76
CA ARG A 309 -8.78 -4.84 -28.79
C ARG A 309 -7.36 -4.60 -28.32
N GLY A 310 -6.42 -5.38 -28.86
CA GLY A 310 -5.01 -5.11 -28.74
C GLY A 310 -4.33 -5.85 -27.60
N LEU A 311 -3.01 -5.65 -27.54
CA LEU A 311 -2.20 -6.28 -26.50
C LEU A 311 -2.60 -5.84 -25.10
N VAL A 312 -3.27 -4.69 -24.97
CA VAL A 312 -3.61 -4.18 -23.66
C VAL A 312 -4.59 -5.11 -22.96
N ARG A 313 -5.33 -5.92 -23.71
CA ARG A 313 -6.25 -6.87 -23.08
C ARG A 313 -5.48 -7.82 -22.17
N ILE A 314 -4.28 -8.22 -22.59
CA ILE A 314 -3.42 -9.03 -21.73
C ILE A 314 -3.15 -8.30 -20.42
N ARG A 315 -2.82 -7.01 -20.50
CA ARG A 315 -2.61 -6.23 -19.29
C ARG A 315 -3.87 -6.20 -18.43
N CYS A 316 -5.03 -6.05 -19.07
CA CYS A 316 -6.28 -6.04 -18.30
C CYS A 316 -6.53 -7.37 -17.62
N VAL A 317 -6.29 -8.47 -18.32
CA VAL A 317 -6.52 -9.79 -17.74
C VAL A 317 -5.56 -10.05 -16.60
N GLN A 318 -4.35 -9.50 -16.66
CA GLN A 318 -3.42 -9.66 -15.55
C GLN A 318 -3.80 -8.78 -14.38
N GLU A 319 -4.33 -7.58 -14.64
CA GLU A 319 -4.71 -6.69 -13.55
C GLU A 319 -6.00 -7.14 -12.87
N VAL A 320 -6.99 -7.59 -13.65
CA VAL A 320 -8.27 -8.00 -13.06
C VAL A 320 -8.02 -8.95 -11.90
N GLU A 321 -7.03 -9.82 -12.04
CA GLU A 321 -6.78 -10.82 -11.01
C GLU A 321 -6.24 -10.16 -9.75
N ARG A 322 -5.27 -9.25 -9.91
CA ARG A 322 -4.78 -8.50 -8.74
C ARG A 322 -5.92 -7.74 -8.09
N ILE A 323 -6.70 -7.01 -8.89
CA ILE A 323 -7.76 -6.20 -8.35
C ILE A 323 -8.77 -7.07 -7.62
N LEU A 324 -9.03 -8.25 -8.17
CA LEU A 324 -9.99 -9.16 -7.59
C LEU A 324 -9.56 -9.60 -6.20
N TYR A 325 -8.31 -10.04 -6.07
CA TYR A 325 -7.81 -10.43 -4.76
C TYR A 325 -7.87 -9.26 -3.76
N PHE A 326 -7.66 -8.04 -4.22
CA PHE A 326 -7.74 -6.88 -3.34
C PHE A 326 -9.17 -6.67 -2.84
N MET A 327 -10.14 -6.62 -3.75
CA MET A 327 -11.51 -6.44 -3.31
C MET A 327 -12.06 -7.63 -2.53
N THR A 328 -11.46 -8.81 -2.68
CA THR A 328 -11.85 -9.92 -1.84
C THR A 328 -11.36 -9.73 -0.41
N ARG A 329 -10.07 -9.41 -0.25
CA ARG A 329 -9.54 -9.18 1.08
C ARG A 329 -10.33 -8.08 1.80
N LYS A 330 -10.69 -7.03 1.07
CA LYS A 330 -11.44 -5.92 1.64
C LYS A 330 -12.90 -6.26 1.86
N GLY A 331 -13.33 -7.47 1.49
CA GLY A 331 -14.70 -7.87 1.69
C GLY A 331 -15.75 -7.16 0.86
N LEU A 332 -15.36 -6.48 -0.22
CA LEU A 332 -16.31 -5.84 -1.13
C LEU A 332 -16.98 -6.82 -2.09
N ILE A 333 -16.41 -8.00 -2.31
CA ILE A 333 -17.02 -9.05 -3.11
C ILE A 333 -16.70 -10.38 -2.44
N ASN A 334 -17.27 -11.46 -2.98
CA ASN A 334 -16.95 -12.80 -2.52
C ASN A 334 -17.09 -12.89 -1.00
N THR A 335 -18.20 -12.38 -0.50
CA THR A 335 -18.41 -12.19 0.93
C THR A 335 -19.82 -12.65 1.25
N GLY A 336 -20.37 -12.19 2.38
CA GLY A 336 -21.69 -12.65 2.79
C GLY A 336 -21.60 -14.05 3.38
N VAL A 337 -22.61 -14.87 3.11
CA VAL A 337 -22.60 -16.26 3.59
C VAL A 337 -22.13 -17.22 2.49
N LEU A 338 -21.45 -16.70 1.47
CA LEU A 338 -20.79 -17.53 0.49
C LEU A 338 -19.82 -18.47 1.17
N SER A 339 -19.79 -19.71 0.69
CA SER A 339 -18.93 -20.75 1.26
C SER A 339 -18.07 -21.37 0.17
N VAL A 340 -16.83 -21.70 0.52
CA VAL A 340 -15.91 -22.36 -0.38
C VAL A 340 -15.47 -23.68 0.23
N GLY A 341 -15.18 -24.64 -0.63
CA GLY A 341 -14.61 -25.90 -0.20
C GLY A 341 -13.10 -25.86 -0.14
N ALA A 342 -12.51 -26.98 0.28
CA ALA A 342 -11.06 -27.09 0.29
C ALA A 342 -10.51 -26.93 -1.13
N ASP A 343 -9.26 -26.46 -1.22
CA ASP A 343 -8.57 -26.20 -2.48
C ASP A 343 -9.36 -25.25 -3.38
N GLN A 344 -10.36 -24.58 -2.82
CA GLN A 344 -11.11 -23.57 -3.56
C GLN A 344 -11.11 -22.25 -2.80
N TYR A 345 -10.06 -22.02 -2.01
CA TYR A 345 -9.97 -20.82 -1.19
C TYR A 345 -9.91 -19.57 -2.06
N LEU A 346 -10.34 -18.45 -1.49
CA LEU A 346 -10.53 -17.21 -2.23
C LEU A 346 -9.27 -16.40 -2.36
N LEU A 347 -8.25 -16.66 -1.54
CA LEU A 347 -7.02 -15.91 -1.68
C LEU A 347 -5.85 -16.83 -1.99
N PRO A 348 -4.86 -16.35 -2.73
CA PRO A 348 -3.70 -17.18 -3.06
C PRO A 348 -2.96 -17.67 -1.81
N LYS A 349 -2.22 -18.77 -1.99
CA LYS A 349 -1.56 -19.44 -0.87
C LYS A 349 -0.66 -18.52 -0.05
N ASP A 350 -0.30 -17.35 -0.60
CA ASP A 350 0.49 -16.38 0.17
C ASP A 350 -0.21 -15.99 1.46
N TYR A 351 -1.48 -15.57 1.37
CA TYR A 351 -2.21 -15.04 2.51
C TYR A 351 -2.59 -16.17 3.48
N HIS A 352 -2.09 -17.37 3.25
CA HIS A 352 -2.53 -18.55 3.99
C HIS A 352 -1.62 -18.94 5.14
N ASN A 353 -0.49 -18.24 5.32
CA ASN A 353 0.52 -18.65 6.28
C ASN A 353 0.24 -18.18 7.71
N LYS A 354 -1.04 -18.05 8.10
CA LYS A 354 -1.43 -17.51 9.39
C LYS A 354 -2.43 -18.43 10.08
N SER A 355 -2.64 -18.18 11.37
CA SER A 355 -3.67 -18.83 12.17
C SER A 355 -4.27 -17.81 13.13
N VAL A 356 -5.57 -17.91 13.40
CA VAL A 356 -6.26 -16.89 14.18
C VAL A 356 -7.18 -17.54 15.21
N ILE A 357 -7.18 -17.00 16.44
CA ILE A 357 -8.21 -17.29 17.43
C ILE A 357 -9.14 -16.11 17.52
N ILE A 358 -10.44 -16.38 17.40
CA ILE A 358 -11.48 -15.36 17.44
C ILE A 358 -12.31 -15.58 18.69
N ILE A 359 -12.50 -14.52 19.47
CA ILE A 359 -13.22 -14.58 20.74
C ILE A 359 -14.59 -13.95 20.55
N GLY A 360 -15.63 -14.74 20.82
CA GLY A 360 -17.00 -14.31 20.65
C GLY A 360 -17.55 -14.76 19.31
N ALA A 361 -18.69 -15.45 19.30
CA ALA A 361 -19.27 -15.96 18.06
C ALA A 361 -20.55 -15.22 17.71
N GLY A 362 -20.58 -13.91 17.97
CA GLY A 362 -21.69 -13.08 17.55
C GLY A 362 -21.48 -12.71 16.09
N PRO A 363 -22.24 -11.74 15.59
CA PRO A 363 -22.09 -11.39 14.17
C PRO A 363 -20.69 -10.93 13.78
N ALA A 364 -20.02 -10.13 14.62
CA ALA A 364 -18.68 -9.67 14.28
C ALA A 364 -17.69 -10.82 14.30
N GLY A 365 -17.75 -11.66 15.33
CA GLY A 365 -16.84 -12.79 15.41
C GLY A 365 -17.03 -13.78 14.27
N LEU A 366 -18.30 -14.17 14.02
CA LEU A 366 -18.57 -15.10 12.94
C LEU A 366 -18.27 -14.49 11.57
N ALA A 367 -18.46 -13.19 11.40
CA ALA A 367 -18.13 -12.58 10.12
C ALA A 367 -16.63 -12.72 9.85
N ALA A 368 -15.79 -12.29 10.79
CA ALA A 368 -14.35 -12.45 10.60
C ALA A 368 -13.97 -13.90 10.39
N ALA A 369 -14.60 -14.82 11.15
CA ALA A 369 -14.29 -16.24 11.03
C ALA A 369 -14.64 -16.76 9.63
N ARG A 370 -15.78 -16.33 9.10
CA ARG A 370 -16.19 -16.78 7.77
C ARG A 370 -15.28 -16.22 6.70
N GLN A 371 -14.95 -14.93 6.79
CA GLN A 371 -13.98 -14.33 5.89
C GLN A 371 -12.64 -15.07 5.95
N LEU A 372 -11.98 -15.03 7.10
CA LEU A 372 -10.66 -15.64 7.23
C LEU A 372 -10.66 -17.09 6.75
N HIS A 373 -11.72 -17.83 7.05
CA HIS A 373 -11.79 -19.22 6.63
C HIS A 373 -11.82 -19.32 5.11
N ASN A 374 -12.71 -18.53 4.48
CA ASN A 374 -12.81 -18.54 3.02
C ASN A 374 -11.48 -18.18 2.37
N PHE A 375 -10.71 -17.29 3.00
CA PHE A 375 -9.41 -16.92 2.47
C PHE A 375 -8.41 -18.07 2.53
N GLY A 376 -8.65 -19.08 3.34
CA GLY A 376 -7.68 -20.13 3.57
C GLY A 376 -6.78 -19.93 4.76
N ILE A 377 -7.25 -19.31 5.83
CA ILE A 377 -6.49 -19.10 7.05
C ILE A 377 -7.09 -19.97 8.15
N LYS A 378 -6.23 -20.60 8.96
CA LYS A 378 -6.74 -21.44 10.04
C LYS A 378 -7.47 -20.56 11.06
N VAL A 379 -8.68 -20.97 11.43
CA VAL A 379 -9.54 -20.17 12.28
C VAL A 379 -10.16 -21.05 13.35
N THR A 380 -10.03 -20.64 14.61
CA THR A 380 -10.74 -21.26 15.73
C THR A 380 -11.49 -20.17 16.48
N VAL A 381 -12.76 -20.43 16.81
CA VAL A 381 -13.61 -19.48 17.51
C VAL A 381 -13.93 -20.05 18.89
N LEU A 382 -13.68 -19.26 19.93
CA LEU A 382 -13.99 -19.62 21.30
C LEU A 382 -15.14 -18.75 21.77
N GLU A 383 -16.28 -19.37 22.09
CA GLU A 383 -17.46 -18.67 22.57
C GLU A 383 -17.71 -19.04 24.02
N ALA A 384 -18.05 -18.03 24.84
CA ALA A 384 -18.35 -18.29 26.24
C ALA A 384 -19.65 -19.08 26.39
N LYS A 385 -20.74 -18.59 25.75
CA LYS A 385 -22.03 -19.22 25.92
C LYS A 385 -22.06 -20.61 25.28
N ASP A 386 -23.16 -21.33 25.50
CA ASP A 386 -23.40 -22.65 24.89
C ASP A 386 -24.16 -22.57 23.57
N ARG A 387 -24.21 -21.39 22.95
CA ARG A 387 -24.79 -21.20 21.63
C ARG A 387 -24.03 -20.08 20.96
N ILE A 388 -24.14 -20.03 19.63
CA ILE A 388 -23.57 -18.92 18.88
C ILE A 388 -24.61 -17.80 18.83
N GLY A 389 -24.25 -16.65 18.26
CA GLY A 389 -25.19 -15.60 17.94
C GLY A 389 -25.00 -14.33 18.75
N GLY A 390 -24.55 -14.43 19.98
CA GLY A 390 -24.41 -13.24 20.78
C GLY A 390 -25.77 -12.60 21.01
N ARG A 391 -25.84 -11.30 20.75
CA ARG A 391 -27.10 -10.59 20.86
C ARG A 391 -28.04 -10.93 19.70
N VAL A 392 -27.75 -11.96 18.90
CA VAL A 392 -28.71 -12.53 17.99
C VAL A 392 -29.12 -13.88 18.56
N TRP A 393 -30.40 -14.00 18.94
CA TRP A 393 -30.90 -15.21 19.58
C TRP A 393 -32.40 -15.30 19.28
N ASP A 394 -32.75 -16.11 18.30
CA ASP A 394 -34.11 -16.19 17.82
C ASP A 394 -34.83 -17.33 18.52
N ASP A 395 -35.98 -17.02 19.14
CA ASP A 395 -36.90 -18.03 19.61
C ASP A 395 -37.65 -18.58 18.43
N LYS A 396 -37.61 -19.90 18.26
CA LYS A 396 -38.29 -20.56 17.14
C LYS A 396 -39.51 -21.35 17.58
N SER A 397 -39.90 -21.27 18.86
CA SER A 397 -40.95 -22.13 19.39
C SER A 397 -42.36 -21.55 19.25
N PHE A 398 -42.51 -20.31 18.83
CA PHE A 398 -43.84 -19.76 18.58
C PHE A 398 -44.35 -20.29 17.25
N LYS A 399 -45.52 -20.90 17.25
CA LYS A 399 -46.10 -21.43 16.02
C LYS A 399 -46.22 -20.33 14.97
N GLY A 400 -45.58 -20.52 13.82
CA GLY A 400 -45.82 -19.70 12.65
C GLY A 400 -44.92 -18.48 12.47
N VAL A 401 -44.12 -18.11 13.46
CA VAL A 401 -43.27 -16.95 13.33
C VAL A 401 -41.93 -17.25 13.99
N THR A 402 -40.97 -16.40 13.72
CA THR A 402 -39.68 -16.43 14.39
C THR A 402 -39.52 -15.12 15.15
N VAL A 403 -39.46 -15.21 16.48
CA VAL A 403 -39.40 -14.06 17.36
C VAL A 403 -37.99 -13.93 17.91
N GLY A 404 -37.34 -12.81 17.63
CA GLY A 404 -35.98 -12.62 18.11
C GLY A 404 -35.97 -12.05 19.50
N ARG A 405 -35.17 -12.64 20.39
CA ARG A 405 -34.91 -12.05 21.70
C ARG A 405 -33.91 -10.92 21.62
N GLY A 406 -33.10 -10.90 20.57
CA GLY A 406 -32.18 -9.83 20.34
C GLY A 406 -32.58 -9.09 19.08
N ALA A 407 -31.62 -8.87 18.18
CA ALA A 407 -31.87 -8.09 16.98
C ALA A 407 -32.85 -8.78 16.04
N GLN A 408 -33.67 -7.99 15.38
CA GLN A 408 -34.46 -8.53 14.28
C GLN A 408 -34.78 -7.46 13.22
N ILE A 409 -34.21 -6.27 13.32
CA ILE A 409 -34.51 -5.19 12.39
C ILE A 409 -33.27 -4.82 11.60
N VAL A 410 -33.46 -4.56 10.31
CA VAL A 410 -32.42 -4.02 9.44
C VAL A 410 -32.80 -2.59 9.14
N ASN A 411 -31.94 -1.65 9.51
CA ASN A 411 -32.27 -0.24 9.33
C ASN A 411 -31.50 0.25 8.12
N GLY A 412 -32.16 0.19 6.96
CA GLY A 412 -31.55 0.71 5.75
C GLY A 412 -30.90 -0.37 4.90
N CYS A 413 -31.63 -0.84 3.89
CA CYS A 413 -31.27 -2.07 3.21
C CYS A 413 -30.38 -1.87 1.99
N ILE A 414 -30.39 -0.69 1.37
CA ILE A 414 -29.59 -0.50 0.17
C ILE A 414 -28.12 -0.68 0.53
N ASN A 415 -27.44 -1.57 -0.19
CA ASN A 415 -26.05 -1.97 -0.01
C ASN A 415 -25.79 -2.56 1.37
N ASN A 416 -26.80 -2.76 2.16
CA ASN A 416 -26.61 -3.39 3.45
C ASN A 416 -26.16 -4.83 3.25
N PRO A 417 -25.03 -5.24 3.83
CA PRO A 417 -24.61 -6.65 3.72
C PRO A 417 -25.66 -7.64 4.20
N VAL A 418 -26.56 -7.23 5.09
CA VAL A 418 -27.64 -8.12 5.51
C VAL A 418 -28.60 -8.35 4.35
N ALA A 419 -28.82 -7.31 3.55
CA ALA A 419 -29.62 -7.52 2.37
C ALA A 419 -28.90 -8.44 1.39
N LEU A 420 -27.58 -8.30 1.29
CA LEU A 420 -26.81 -9.22 0.46
C LEU A 420 -27.01 -10.65 0.93
N MET A 421 -26.84 -10.87 2.23
CA MET A 421 -26.93 -12.22 2.75
C MET A 421 -28.35 -12.77 2.64
N CYS A 422 -29.37 -11.92 2.74
CA CYS A 422 -30.73 -12.38 2.49
C CYS A 422 -30.91 -12.82 1.05
N GLU A 423 -30.39 -12.03 0.09
CA GLU A 423 -30.37 -12.47 -1.30
C GLU A 423 -29.64 -13.81 -1.44
N GLN A 424 -28.49 -13.95 -0.78
CA GLN A 424 -27.75 -15.19 -0.92
C GLN A 424 -28.52 -16.38 -0.36
N LEU A 425 -29.28 -16.15 0.71
CA LEU A 425 -30.04 -17.21 1.36
C LEU A 425 -31.44 -17.38 0.81
N GLY A 426 -31.88 -16.50 -0.09
CA GLY A 426 -33.23 -16.62 -0.60
C GLY A 426 -34.33 -16.25 0.37
N ILE A 427 -34.01 -15.46 1.40
CA ILE A 427 -35.00 -15.11 2.38
C ILE A 427 -35.46 -13.67 2.16
N SER A 428 -36.59 -13.32 2.80
CA SER A 428 -37.32 -12.11 2.51
C SER A 428 -37.44 -11.25 3.75
N MET A 429 -37.36 -9.95 3.54
CA MET A 429 -37.44 -8.96 4.58
C MET A 429 -38.71 -8.16 4.39
N HIS A 430 -39.32 -7.74 5.50
CA HIS A 430 -40.58 -7.00 5.47
C HIS A 430 -40.30 -5.53 5.72
N LYS A 431 -40.49 -4.70 4.69
CA LYS A 431 -40.40 -3.25 4.85
C LYS A 431 -41.48 -2.74 5.81
N PHE A 432 -41.08 -1.96 6.81
CA PHE A 432 -42.04 -1.47 7.77
C PHE A 432 -42.96 -0.45 7.14
N GLY A 433 -44.25 -0.52 7.51
CA GLY A 433 -45.19 0.50 7.12
C GLY A 433 -44.99 1.78 7.90
N GLU A 434 -45.50 2.88 7.34
CA GLU A 434 -45.31 4.18 7.96
C GLU A 434 -46.20 4.40 9.18
N ARG A 435 -47.31 3.68 9.28
CA ARG A 435 -48.42 4.04 10.16
C ARG A 435 -48.26 3.47 11.55
N CYS A 436 -48.43 4.31 12.56
CA CYS A 436 -48.25 3.86 13.93
C CYS A 436 -49.05 4.79 14.84
N ASP A 437 -50.32 4.44 15.05
CA ASP A 437 -51.21 5.18 15.95
C ASP A 437 -50.65 5.21 17.36
N LEU A 438 -50.74 6.38 17.99
CA LEU A 438 -50.35 6.53 19.40
C LEU A 438 -51.60 6.33 20.24
N ILE A 439 -51.71 5.15 20.86
CA ILE A 439 -52.91 4.79 21.62
C ILE A 439 -52.71 5.13 23.09
N GLN A 440 -53.74 5.74 23.69
CA GLN A 440 -53.72 6.20 25.08
C GLN A 440 -54.22 5.11 26.01
N GLU A 441 -53.68 5.08 27.23
CA GLU A 441 -54.33 4.29 28.26
C GLU A 441 -55.73 4.86 28.42
N GLY A 442 -56.73 4.02 28.23
CA GLY A 442 -58.09 4.52 28.10
C GLY A 442 -58.68 4.02 26.80
N GLY A 443 -57.85 3.98 25.77
CA GLY A 443 -58.22 3.41 24.49
C GLY A 443 -58.39 4.43 23.39
N ARG A 444 -58.51 5.72 23.72
CA ARG A 444 -58.54 6.78 22.71
C ARG A 444 -57.33 6.66 21.80
N ILE A 445 -57.53 6.89 20.52
CA ILE A 445 -56.44 6.98 19.56
C ILE A 445 -56.07 8.44 19.38
N THR A 446 -54.80 8.75 19.60
CA THR A 446 -54.35 10.13 19.52
C THR A 446 -54.44 10.65 18.09
N ASP A 447 -55.09 11.80 17.93
CA ASP A 447 -55.23 12.38 16.61
C ASP A 447 -53.84 12.56 16.01
N PRO A 448 -53.60 12.10 14.78
CA PRO A 448 -52.25 12.20 14.21
C PRO A 448 -51.68 13.60 14.19
N THR A 449 -52.51 14.64 14.10
CA THR A 449 -51.96 15.99 14.11
C THR A 449 -51.30 16.33 15.45
N ILE A 450 -51.64 15.61 16.53
CA ILE A 450 -50.94 15.80 17.81
C ILE A 450 -49.60 15.10 17.78
N ASP A 451 -49.60 13.80 17.46
CA ASP A 451 -48.37 13.08 17.15
C ASP A 451 -47.41 13.96 16.34
N LYS A 452 -47.89 14.46 15.20
CA LYS A 452 -47.02 15.19 14.30
C LYS A 452 -46.55 16.50 14.91
N ARG A 453 -47.45 17.24 15.56
CA ARG A 453 -47.07 18.52 16.13
C ARG A 453 -46.04 18.36 17.25
N MET A 454 -46.23 17.38 18.12
CA MET A 454 -45.26 17.20 19.20
C MET A 454 -43.94 16.66 18.68
N ASP A 455 -43.98 15.82 17.64
CA ASP A 455 -42.73 15.43 16.99
C ASP A 455 -41.99 16.66 16.47
N PHE A 456 -42.74 17.62 15.95
CA PHE A 456 -42.13 18.86 15.45
C PHE A 456 -41.39 19.58 16.56
N HIS A 457 -42.10 19.88 17.66
CA HIS A 457 -41.48 20.53 18.81
C HIS A 457 -40.28 19.76 19.31
N PHE A 458 -40.39 18.44 19.34
CA PHE A 458 -39.29 17.62 19.84
C PHE A 458 -38.05 17.80 18.97
N ASN A 459 -38.19 17.54 17.67
CA ASN A 459 -37.07 17.76 16.76
C ASN A 459 -36.58 19.20 16.82
N ALA A 460 -37.48 20.16 17.01
CA ALA A 460 -36.99 21.54 17.16
C ALA A 460 -36.12 21.69 18.38
N LEU A 461 -36.31 20.85 19.39
CA LEU A 461 -35.42 20.91 20.55
C LEU A 461 -34.05 20.38 20.19
N LEU A 462 -34.00 19.26 19.47
CA LEU A 462 -32.72 18.71 19.05
C LEU A 462 -31.97 19.65 18.11
N ASP A 463 -32.70 20.42 17.29
CA ASP A 463 -32.05 21.42 16.44
C ASP A 463 -31.29 22.44 17.27
N VAL A 464 -31.86 22.88 18.40
CA VAL A 464 -31.16 23.84 19.24
C VAL A 464 -29.92 23.20 19.85
N VAL A 465 -30.00 21.91 20.20
CA VAL A 465 -28.80 21.24 20.71
C VAL A 465 -27.71 21.25 19.67
N SER A 466 -28.05 20.90 18.43
CA SER A 466 -27.07 20.88 17.35
C SER A 466 -26.44 22.26 17.15
N GLU A 467 -27.21 23.34 17.35
CA GLU A 467 -26.65 24.68 17.33
C GLU A 467 -25.75 24.92 18.52
N TRP A 468 -26.22 24.61 19.72
CA TRP A 468 -25.46 24.86 20.93
C TRP A 468 -24.10 24.16 20.88
N ARG A 469 -24.05 22.93 20.36
CA ARG A 469 -22.85 22.12 20.48
C ARG A 469 -21.74 22.54 19.51
N LYS A 470 -22.07 23.32 18.48
CA LYS A 470 -21.16 23.56 17.36
C LYS A 470 -19.78 24.02 17.81
N ASP A 471 -19.69 24.79 18.88
CA ASP A 471 -18.45 25.41 19.31
C ASP A 471 -18.01 24.96 20.70
N LYS A 472 -18.34 23.72 21.06
CA LYS A 472 -18.05 23.20 22.40
C LYS A 472 -17.19 21.94 22.28
N THR A 473 -16.21 21.81 23.17
CA THR A 473 -15.30 20.67 23.19
C THR A 473 -15.81 19.58 24.12
N GLN A 474 -15.09 18.44 24.11
CA GLN A 474 -15.47 17.32 24.96
C GLN A 474 -15.52 17.69 26.44
N LEU A 475 -14.70 18.64 26.86
CA LEU A 475 -14.72 19.01 28.27
C LEU A 475 -15.95 19.85 28.60
N GLN A 476 -16.43 20.62 27.63
CA GLN A 476 -17.63 21.44 27.80
C GLN A 476 -18.91 20.66 27.63
N ASP A 477 -18.85 19.33 27.48
CA ASP A 477 -20.06 18.56 27.18
C ASP A 477 -21.02 18.60 28.36
N VAL A 478 -22.28 18.28 28.05
CA VAL A 478 -23.41 18.40 28.97
C VAL A 478 -24.34 17.27 28.59
N PRO A 479 -25.05 16.64 29.53
CA PRO A 479 -25.92 15.53 29.14
C PRO A 479 -27.08 15.99 28.27
N LEU A 480 -27.40 15.19 27.26
CA LEU A 480 -28.41 15.55 26.28
C LEU A 480 -29.74 15.85 26.95
N GLY A 481 -30.19 14.95 27.84
CA GLY A 481 -31.47 15.16 28.50
C GLY A 481 -31.50 16.46 29.26
N GLU A 482 -30.41 16.77 29.97
CA GLU A 482 -30.33 18.00 30.73
C GLU A 482 -30.42 19.23 29.83
N LYS A 483 -29.79 19.16 28.66
CA LYS A 483 -29.84 20.30 27.73
C LYS A 483 -31.23 20.45 27.12
N ILE A 484 -31.91 19.33 26.85
CA ILE A 484 -33.27 19.40 26.36
C ILE A 484 -34.18 20.05 27.40
N GLU A 485 -34.12 19.59 28.65
CA GLU A 485 -34.93 20.17 29.70
C GLU A 485 -34.69 21.67 29.82
N GLU A 486 -33.44 22.11 29.69
CA GLU A 486 -33.13 23.54 29.72
C GLU A 486 -33.81 24.26 28.57
N ILE A 487 -33.64 23.74 27.35
CA ILE A 487 -34.21 24.41 26.17
C ILE A 487 -35.73 24.43 26.27
N TYR A 488 -36.32 23.28 26.64
CA TYR A 488 -37.76 23.20 26.80
C TYR A 488 -38.25 24.24 27.80
N LYS A 489 -37.74 24.18 29.03
CA LYS A 489 -38.20 25.13 30.05
C LYS A 489 -37.96 26.56 29.61
N ALA A 490 -36.90 26.80 28.84
CA ALA A 490 -36.67 28.14 28.28
C ALA A 490 -37.72 28.48 27.22
N PHE A 491 -38.05 27.51 26.36
CA PHE A 491 -39.04 27.76 25.30
C PHE A 491 -40.44 27.97 25.90
N ILE A 492 -40.84 27.12 26.86
CA ILE A 492 -42.12 27.31 27.54
C ILE A 492 -42.19 28.70 28.16
N LYS A 493 -41.16 29.07 28.91
CA LYS A 493 -41.13 30.36 29.60
C LYS A 493 -41.19 31.51 28.61
N GLU A 494 -40.45 31.41 27.50
CA GLU A 494 -40.37 32.53 26.57
C GLU A 494 -41.66 32.69 25.77
N SER A 495 -42.29 31.57 25.39
CA SER A 495 -43.39 31.59 24.42
C SER A 495 -44.77 31.74 25.04
N GLY A 496 -44.94 31.33 26.29
CA GLY A 496 -46.25 31.35 26.91
C GLY A 496 -47.13 30.18 26.60
N ILE A 497 -46.69 29.26 25.73
CA ILE A 497 -47.55 28.20 25.25
C ILE A 497 -47.90 27.24 26.38
N GLN A 498 -49.06 26.61 26.28
CA GLN A 498 -49.55 25.65 27.26
C GLN A 498 -50.06 24.41 26.54
N PHE A 499 -49.40 23.29 26.78
CA PHE A 499 -49.81 22.05 26.15
C PHE A 499 -50.85 21.34 27.00
N SER A 500 -51.83 20.74 26.34
CA SER A 500 -52.71 19.84 27.04
C SER A 500 -51.89 18.72 27.68
N GLU A 501 -52.52 18.00 28.62
CA GLU A 501 -51.85 16.87 29.22
C GLU A 501 -51.40 15.87 28.15
N LEU A 502 -52.27 15.60 27.18
CA LEU A 502 -51.97 14.61 26.15
C LEU A 502 -50.81 15.04 25.27
N GLU A 503 -50.79 16.31 24.85
CA GLU A 503 -49.66 16.79 24.06
C GLU A 503 -48.35 16.58 24.80
N GLY A 504 -48.35 16.82 26.12
CA GLY A 504 -47.15 16.56 26.91
C GLY A 504 -46.79 15.10 26.97
N GLN A 505 -47.78 14.23 27.16
CA GLN A 505 -47.51 12.81 27.14
C GLN A 505 -47.03 12.35 25.77
N VAL A 506 -47.54 12.96 24.70
CA VAL A 506 -47.08 12.57 23.38
C VAL A 506 -45.65 13.03 23.17
N LEU A 507 -45.29 14.19 23.76
CA LEU A 507 -43.89 14.60 23.73
C LEU A 507 -43.03 13.59 24.47
N GLN A 508 -43.53 13.07 25.60
CA GLN A 508 -42.79 12.04 26.34
C GLN A 508 -42.60 10.80 25.49
N PHE A 509 -43.60 10.43 24.70
CA PHE A 509 -43.44 9.29 23.81
C PHE A 509 -42.26 9.50 22.88
N HIS A 510 -42.24 10.64 22.18
CA HIS A 510 -41.14 10.90 21.27
C HIS A 510 -39.82 10.92 22.02
N LEU A 511 -39.83 11.40 23.25
CA LEU A 511 -38.64 11.36 24.09
C LEU A 511 -38.20 9.93 24.34
N SER A 512 -39.16 9.04 24.67
CA SER A 512 -38.79 7.65 24.91
C SER A 512 -38.14 7.02 23.69
N ASN A 513 -38.61 7.36 22.48
CA ASN A 513 -38.03 6.72 21.30
C ASN A 513 -36.56 7.05 21.17
N LEU A 514 -36.20 8.30 21.43
CA LEU A 514 -34.78 8.64 21.43
C LEU A 514 -34.03 7.81 22.46
N GLU A 515 -34.60 7.62 23.65
CA GLU A 515 -33.94 6.80 24.66
C GLU A 515 -33.80 5.36 24.20
N TYR A 516 -34.78 4.87 23.44
CA TYR A 516 -34.65 3.55 22.84
C TYR A 516 -33.52 3.52 21.83
N ALA A 517 -33.41 4.56 21.00
CA ALA A 517 -32.35 4.58 20.00
C ALA A 517 -30.98 4.60 20.66
N CYS A 518 -30.84 5.33 21.78
CA CYS A 518 -29.58 5.34 22.51
C CYS A 518 -29.43 4.18 23.48
N GLY A 519 -30.49 3.44 23.76
CA GLY A 519 -30.44 2.45 24.81
C GLY A 519 -30.01 3.01 26.15
N SER A 520 -30.53 4.17 26.55
CA SER A 520 -30.18 4.79 27.83
C SER A 520 -31.10 5.97 28.08
N ASN A 521 -31.36 6.26 29.35
CA ASN A 521 -31.96 7.55 29.67
C ASN A 521 -31.06 8.65 29.11
N LEU A 522 -31.67 9.73 28.65
CA LEU A 522 -30.89 10.78 28.00
C LEU A 522 -30.00 11.56 28.95
N HIS A 523 -29.97 11.27 30.26
CA HIS A 523 -29.03 11.99 31.09
C HIS A 523 -27.66 11.32 31.12
N GLN A 524 -27.54 10.11 30.59
CA GLN A 524 -26.22 9.50 30.38
C GLN A 524 -25.68 9.75 28.98
N VAL A 525 -26.47 10.33 28.08
CA VAL A 525 -26.09 10.45 26.68
C VAL A 525 -25.47 11.82 26.41
N SER A 526 -24.44 11.83 25.58
CA SER A 526 -23.70 13.05 25.29
C SER A 526 -24.49 13.98 24.39
N ALA A 527 -24.64 15.25 24.80
CA ALA A 527 -25.24 16.22 23.91
C ALA A 527 -24.40 16.43 22.67
N ARG A 528 -23.07 16.50 22.83
CA ARG A 528 -22.18 16.78 21.71
C ARG A 528 -22.23 15.66 20.66
N SER A 529 -22.20 14.41 21.10
CA SER A 529 -21.79 13.32 20.21
C SER A 529 -22.81 12.20 20.09
N TRP A 530 -24.08 12.41 20.45
CA TRP A 530 -25.01 11.28 20.48
C TRP A 530 -25.32 10.76 19.09
N ASP A 531 -25.57 11.67 18.13
CA ASP A 531 -25.77 11.35 16.72
C ASP A 531 -24.47 11.43 15.91
N HIS A 532 -23.32 11.17 16.56
CA HIS A 532 -22.02 11.43 15.94
C HIS A 532 -21.89 10.79 14.58
N ASN A 533 -22.43 9.58 14.42
CA ASN A 533 -22.17 8.82 13.22
C ASN A 533 -22.98 9.28 12.02
N GLU A 534 -24.01 10.10 12.22
CA GLU A 534 -24.73 10.64 11.08
C GLU A 534 -23.90 11.61 10.26
N PHE A 535 -22.74 12.04 10.76
CA PHE A 535 -21.81 12.79 9.93
C PHE A 535 -21.31 11.96 8.75
N PHE A 536 -21.38 10.64 8.85
CA PHE A 536 -20.96 9.72 7.78
C PHE A 536 -22.16 9.24 6.99
N ALA A 537 -21.89 8.85 5.74
CA ALA A 537 -22.92 8.34 4.86
C ALA A 537 -23.62 7.15 5.50
N GLN A 538 -24.95 7.19 5.51
CA GLN A 538 -25.74 6.17 6.19
C GLN A 538 -26.43 5.26 5.17
N PHE A 539 -26.94 4.15 5.67
CA PHE A 539 -27.58 3.16 4.82
C PHE A 539 -28.94 3.66 4.35
N ALA A 540 -28.98 4.08 3.09
CA ALA A 540 -30.24 4.42 2.44
C ALA A 540 -31.20 3.24 2.45
N GLY A 541 -32.48 3.55 2.23
CA GLY A 541 -33.45 2.55 1.85
C GLY A 541 -34.29 2.03 3.00
N ASP A 542 -34.99 0.95 2.69
CA ASP A 542 -36.01 0.37 3.56
C ASP A 542 -35.48 -0.02 4.93
N HIS A 543 -36.25 0.30 5.97
CA HIS A 543 -36.11 -0.34 7.28
C HIS A 543 -37.02 -1.56 7.33
N THR A 544 -36.48 -2.71 7.70
CA THR A 544 -37.26 -3.93 7.58
C THR A 544 -37.22 -4.77 8.85
N LEU A 545 -38.25 -5.59 8.98
CA LEU A 545 -38.25 -6.68 9.94
C LEU A 545 -37.69 -7.89 9.21
N LEU A 546 -36.64 -8.47 9.76
CA LEU A 546 -35.99 -9.61 9.14
C LEU A 546 -36.82 -10.82 9.56
N THR A 547 -37.87 -11.10 8.79
CA THR A 547 -38.87 -12.06 9.22
C THR A 547 -38.28 -13.38 9.64
N PRO A 548 -37.47 -14.07 8.82
CA PRO A 548 -36.93 -15.37 9.27
C PRO A 548 -35.93 -15.25 10.41
N GLY A 549 -35.54 -14.04 10.77
CA GLY A 549 -34.67 -13.79 11.90
C GLY A 549 -33.20 -13.88 11.54
N TYR A 550 -32.39 -13.07 12.23
CA TYR A 550 -30.95 -13.08 12.01
C TYR A 550 -30.32 -14.43 12.28
N SER A 551 -30.99 -15.31 13.03
CA SER A 551 -30.41 -16.61 13.32
C SER A 551 -30.08 -17.36 12.04
N VAL A 552 -30.92 -17.22 11.02
CA VAL A 552 -30.65 -17.89 9.75
C VAL A 552 -29.31 -17.45 9.16
N ILE A 553 -29.03 -16.14 9.21
CA ILE A 553 -27.74 -15.66 8.74
C ILE A 553 -26.62 -16.16 9.65
N ILE A 554 -26.75 -15.93 10.96
CA ILE A 554 -25.72 -16.32 11.93
C ILE A 554 -25.40 -17.81 11.82
N GLU A 555 -26.42 -18.63 11.63
CA GLU A 555 -26.18 -20.06 11.50
C GLU A 555 -25.38 -20.38 10.24
N LYS A 556 -25.70 -19.71 9.13
CA LYS A 556 -25.01 -20.03 7.89
C LYS A 556 -23.57 -19.51 7.92
N LEU A 557 -23.34 -18.34 8.53
CA LEU A 557 -21.97 -17.86 8.69
C LEU A 557 -21.13 -18.89 9.44
N ALA A 558 -21.68 -19.45 10.51
CA ALA A 558 -20.94 -20.38 11.36
C ALA A 558 -20.79 -21.77 10.75
N GLU A 559 -21.53 -22.11 9.69
CA GLU A 559 -21.56 -23.48 9.16
C GLU A 559 -20.15 -23.96 8.81
N GLY A 560 -19.74 -25.05 9.44
CA GLY A 560 -18.49 -25.69 9.08
C GLY A 560 -17.26 -25.13 9.74
N LEU A 561 -17.38 -24.06 10.53
CA LEU A 561 -16.22 -23.51 11.20
C LEU A 561 -15.95 -24.23 12.51
N ASP A 562 -14.67 -24.32 12.88
CA ASP A 562 -14.27 -24.85 14.18
C ASP A 562 -14.70 -23.85 15.25
N ILE A 563 -15.78 -24.18 15.96
CA ILE A 563 -16.33 -23.29 16.98
C ILE A 563 -16.38 -24.08 18.28
N GLN A 564 -15.61 -23.65 19.28
CA GLN A 564 -15.63 -24.23 20.61
C GLN A 564 -16.61 -23.44 21.48
N LEU A 565 -17.77 -24.03 21.77
CA LEU A 565 -18.72 -23.42 22.67
C LEU A 565 -18.31 -23.69 24.11
N LYS A 566 -19.04 -23.08 25.05
CA LYS A 566 -18.79 -23.24 26.48
C LYS A 566 -17.29 -23.11 26.75
N SER A 567 -16.66 -22.14 26.10
CA SER A 567 -15.22 -21.91 26.22
C SER A 567 -15.01 -20.43 26.46
N PRO A 568 -15.38 -19.91 27.64
CA PRO A 568 -15.17 -18.50 27.92
C PRO A 568 -13.67 -18.21 28.10
N VAL A 569 -13.19 -17.18 27.41
CA VAL A 569 -11.77 -16.83 27.49
C VAL A 569 -11.51 -16.10 28.80
N GLN A 570 -10.53 -16.57 29.56
CA GLN A 570 -10.07 -15.90 30.76
C GLN A 570 -8.92 -14.94 30.49
N CYS A 571 -7.97 -15.34 29.64
CA CYS A 571 -6.71 -14.63 29.56
C CYS A 571 -6.19 -14.63 28.12
N ILE A 572 -5.59 -13.52 27.72
CA ILE A 572 -4.91 -13.40 26.43
C ILE A 572 -3.52 -12.84 26.69
N ASP A 573 -2.50 -13.64 26.43
CA ASP A 573 -1.11 -13.23 26.63
C ASP A 573 -0.50 -13.14 25.23
N TYR A 574 -0.16 -11.92 24.80
CA TYR A 574 0.49 -11.71 23.51
C TYR A 574 1.95 -11.30 23.65
N SER A 575 2.54 -11.51 24.83
CA SER A 575 3.97 -11.70 24.88
C SER A 575 4.31 -13.07 24.30
N GLY A 576 5.56 -13.23 23.88
CA GLY A 576 6.00 -14.46 23.26
C GLY A 576 5.66 -14.55 21.78
N ASP A 577 6.26 -15.56 21.14
CA ASP A 577 6.20 -15.72 19.68
C ASP A 577 4.79 -15.95 19.17
N GLU A 578 3.85 -16.35 20.04
CA GLU A 578 2.49 -16.63 19.63
C GLU A 578 1.53 -16.24 20.75
N VAL A 579 0.35 -15.74 20.36
CA VAL A 579 -0.69 -15.40 21.32
C VAL A 579 -1.13 -16.66 22.04
N GLN A 580 -1.24 -16.58 23.36
CA GLN A 580 -1.68 -17.69 24.20
C GLN A 580 -3.02 -17.32 24.84
N VAL A 581 -4.04 -18.14 24.59
CA VAL A 581 -5.40 -17.86 25.04
C VAL A 581 -5.86 -19.01 25.94
N THR A 582 -6.41 -18.69 27.11
CA THR A 582 -6.75 -19.65 28.15
C THR A 582 -8.19 -19.47 28.59
N THR A 583 -8.95 -20.56 28.67
CA THR A 583 -10.34 -20.48 29.08
C THR A 583 -10.46 -20.62 30.60
N THR A 584 -11.69 -20.52 31.10
CA THR A 584 -11.90 -20.45 32.53
C THR A 584 -11.63 -21.76 33.22
N ASP A 585 -11.57 -22.87 32.49
CA ASP A 585 -11.20 -24.15 33.09
C ASP A 585 -9.72 -24.47 32.92
N GLY A 586 -8.97 -23.61 32.21
CA GLY A 586 -7.54 -23.78 32.04
C GLY A 586 -7.11 -24.30 30.67
N THR A 587 -8.06 -24.53 29.77
CA THR A 587 -7.72 -25.00 28.42
C THR A 587 -6.91 -23.93 27.70
N GLY A 588 -5.91 -24.38 26.94
CA GLY A 588 -5.02 -23.50 26.21
C GLY A 588 -5.17 -23.66 24.71
N TYR A 589 -5.28 -22.52 24.02
CA TYR A 589 -5.24 -22.49 22.58
C TYR A 589 -4.15 -21.51 22.16
N SER A 590 -3.55 -21.74 21.01
CA SER A 590 -2.44 -20.91 20.54
C SER A 590 -2.60 -20.64 19.07
N ALA A 591 -2.18 -19.45 18.66
CA ALA A 591 -2.25 -19.01 17.27
C ALA A 591 -1.46 -17.71 17.17
N GLN A 592 -1.26 -17.25 15.93
CA GLN A 592 -0.37 -16.13 15.69
C GLN A 592 -1.05 -14.79 15.97
N LYS A 593 -2.35 -14.68 15.70
CA LYS A 593 -3.10 -13.45 15.91
C LYS A 593 -4.43 -13.77 16.57
N VAL A 594 -4.95 -12.81 17.34
CA VAL A 594 -6.18 -13.02 18.10
C VAL A 594 -7.10 -11.81 17.90
N LEU A 595 -8.38 -12.07 17.68
CA LEU A 595 -9.37 -11.03 17.42
C LEU A 595 -10.43 -11.07 18.50
N VAL A 596 -10.66 -9.91 19.13
CA VAL A 596 -11.55 -9.78 20.26
C VAL A 596 -12.84 -9.12 19.82
N THR A 597 -13.98 -9.78 20.09
CA THR A 597 -15.28 -9.22 19.71
C THR A 597 -16.25 -9.18 20.88
N VAL A 598 -15.76 -9.29 22.11
CA VAL A 598 -16.61 -9.32 23.30
C VAL A 598 -17.39 -8.01 23.41
N PRO A 599 -18.58 -8.01 24.01
CA PRO A 599 -19.38 -6.77 24.06
C PRO A 599 -18.69 -5.70 24.89
N LEU A 600 -19.06 -4.45 24.64
CA LEU A 600 -18.42 -3.32 25.31
C LEU A 600 -18.43 -3.50 26.82
N ALA A 601 -19.56 -3.96 27.37
CA ALA A 601 -19.69 -4.13 28.82
C ALA A 601 -18.61 -5.05 29.35
N LEU A 602 -18.24 -6.07 28.58
CA LEU A 602 -17.22 -7.00 29.05
C LEU A 602 -15.82 -6.39 28.97
N LEU A 603 -15.57 -5.53 27.98
CA LEU A 603 -14.28 -4.84 27.96
C LEU A 603 -14.19 -3.86 29.11
N GLN A 604 -15.31 -3.19 29.45
CA GLN A 604 -15.32 -2.24 30.56
C GLN A 604 -15.04 -2.94 31.88
N LYS A 605 -15.59 -4.14 32.07
CA LYS A 605 -15.46 -4.85 33.33
C LYS A 605 -14.17 -5.69 33.42
N GLY A 606 -13.29 -5.63 32.42
CA GLY A 606 -12.01 -6.32 32.50
C GLY A 606 -12.10 -7.83 32.60
N ALA A 607 -13.15 -8.44 32.04
CA ALA A 607 -13.38 -9.88 32.21
C ALA A 607 -12.25 -10.73 31.61
N ILE A 608 -11.49 -10.20 30.68
CA ILE A 608 -10.38 -10.90 30.07
C ILE A 608 -9.11 -10.20 30.51
N GLN A 609 -8.14 -10.97 31.01
CA GLN A 609 -6.86 -10.45 31.44
C GLN A 609 -5.95 -10.32 30.22
N PHE A 610 -5.44 -9.13 29.98
CA PHE A 610 -4.58 -8.86 28.82
C PHE A 610 -3.14 -8.71 29.28
N ASN A 611 -2.23 -9.40 28.60
CA ASN A 611 -0.82 -9.33 28.95
C ASN A 611 0.04 -9.07 27.71
N PRO A 612 0.64 -7.87 27.57
CA PRO A 612 0.59 -6.67 28.44
C PRO A 612 -0.82 -6.08 28.55
N PRO A 613 -1.07 -5.23 29.54
CA PRO A 613 -2.42 -4.68 29.70
C PRO A 613 -2.78 -3.82 28.50
N LEU A 614 -4.06 -3.57 28.35
CA LEU A 614 -4.48 -2.61 27.32
C LEU A 614 -3.87 -1.24 27.66
N SER A 615 -3.66 -0.44 26.62
CA SER A 615 -3.06 0.87 26.82
C SER A 615 -4.01 1.75 27.62
N GLU A 616 -3.44 2.79 28.24
CA GLU A 616 -4.28 3.76 28.93
C GLU A 616 -5.23 4.43 27.95
N LYS A 617 -4.74 4.79 26.76
CA LYS A 617 -5.58 5.40 25.73
C LYS A 617 -6.75 4.49 25.37
N LYS A 618 -6.49 3.20 25.24
CA LYS A 618 -7.56 2.27 24.88
C LYS A 618 -8.55 2.11 26.02
N MET A 619 -8.08 2.15 27.27
CA MET A 619 -9.01 2.01 28.38
C MET A 619 -9.91 3.23 28.48
N LYS A 620 -9.35 4.44 28.33
CA LYS A 620 -10.18 5.65 28.39
C LYS A 620 -11.25 5.63 27.31
N ALA A 621 -10.89 5.23 26.08
CA ALA A 621 -11.90 5.08 25.03
C ALA A 621 -12.97 4.10 25.44
N ILE A 622 -12.57 2.91 25.91
CA ILE A 622 -13.55 1.88 26.29
C ILE A 622 -14.49 2.41 27.35
N ASN A 623 -13.96 3.18 28.29
CA ASN A 623 -14.83 3.68 29.34
C ASN A 623 -15.59 4.94 28.94
N SER A 624 -15.25 5.58 27.81
CA SER A 624 -15.99 6.77 27.37
C SER A 624 -17.29 6.41 26.65
N LEU A 625 -17.39 5.22 26.08
CA LEU A 625 -18.67 4.75 25.56
C LEU A 625 -19.50 4.16 26.68
N GLY A 626 -20.82 4.28 26.53
CA GLY A 626 -21.76 3.70 27.47
C GLY A 626 -22.38 2.43 26.93
N ALA A 627 -22.64 1.48 27.84
CA ALA A 627 -23.21 0.19 27.45
C ALA A 627 -24.74 0.26 27.56
N GLY A 628 -25.36 0.77 26.50
CA GLY A 628 -26.80 0.89 26.48
C GLY A 628 -27.51 -0.45 26.59
N ILE A 629 -28.78 -0.37 26.99
CA ILE A 629 -29.57 -1.55 27.31
C ILE A 629 -31.03 -1.30 26.97
N ILE A 630 -31.66 -2.29 26.34
CA ILE A 630 -33.11 -2.41 26.29
C ILE A 630 -33.44 -3.87 26.62
N GLU A 631 -34.72 -4.13 26.84
CA GLU A 631 -35.21 -5.50 26.95
C GLU A 631 -36.48 -5.63 26.13
N LYS A 632 -36.85 -6.88 25.88
CA LYS A 632 -37.97 -7.20 25.01
C LYS A 632 -38.88 -8.17 25.74
N ILE A 633 -40.16 -8.09 25.40
CA ILE A 633 -41.14 -9.07 25.82
C ILE A 633 -41.88 -9.51 24.57
N ALA A 634 -42.15 -10.81 24.46
CA ALA A 634 -42.98 -11.33 23.40
C ALA A 634 -44.20 -12.01 24.01
N LEU A 635 -45.36 -11.76 23.43
CA LEU A 635 -46.60 -12.35 23.92
C LEU A 635 -47.30 -13.07 22.78
N GLN A 636 -47.77 -14.28 23.03
CA GLN A 636 -48.57 -15.01 22.07
C GLN A 636 -49.99 -15.08 22.59
N PHE A 637 -50.94 -14.76 21.71
CA PHE A 637 -52.36 -14.79 22.02
C PHE A 637 -53.10 -15.85 21.21
N PRO A 638 -54.33 -16.18 21.60
CA PRO A 638 -55.10 -17.17 20.82
C PRO A 638 -55.72 -16.62 19.54
N TYR A 639 -55.79 -15.30 19.39
CA TYR A 639 -56.35 -14.65 18.20
C TYR A 639 -55.84 -13.22 18.14
N ARG A 640 -55.90 -12.64 16.95
CA ARG A 640 -55.35 -11.28 16.73
C ARG A 640 -56.35 -10.25 17.26
N PHE A 641 -56.41 -10.12 18.60
CA PHE A 641 -57.43 -9.28 19.21
C PHE A 641 -57.32 -7.81 18.77
N TRP A 642 -56.16 -7.36 18.31
CA TRP A 642 -55.98 -5.97 17.94
C TRP A 642 -56.37 -5.66 16.49
N ASP A 643 -56.73 -6.67 15.69
CA ASP A 643 -56.90 -6.43 14.24
C ASP A 643 -57.97 -5.40 13.97
N SER A 644 -59.04 -5.40 14.76
CA SER A 644 -60.13 -4.49 14.49
C SER A 644 -59.70 -3.04 14.70
N LYS A 645 -58.95 -2.77 15.76
CA LYS A 645 -58.57 -1.41 16.12
C LYS A 645 -57.34 -0.97 15.33
N VAL A 646 -56.36 -1.86 15.17
CA VAL A 646 -55.07 -1.50 14.59
C VAL A 646 -55.10 -1.58 13.07
N GLN A 647 -55.97 -2.41 12.50
CA GLN A 647 -56.30 -2.38 11.05
C GLN A 647 -55.09 -2.62 10.17
N GLY A 648 -54.21 -3.52 10.60
CA GLY A 648 -53.15 -4.00 9.73
C GLY A 648 -51.78 -3.38 9.93
N ALA A 649 -51.67 -2.24 10.65
CA ALA A 649 -50.38 -1.59 10.84
C ALA A 649 -49.37 -2.53 11.48
N ASP A 650 -48.08 -2.24 11.24
CA ASP A 650 -47.04 -3.14 11.73
C ASP A 650 -46.80 -2.98 13.22
N PHE A 651 -47.25 -1.88 13.81
CA PHE A 651 -47.03 -1.61 15.21
C PHE A 651 -48.03 -0.57 15.67
N PHE A 652 -48.16 -0.44 17.00
CA PHE A 652 -48.94 0.66 17.56
C PHE A 652 -48.24 1.20 18.79
N GLY A 653 -48.51 2.46 19.10
CA GLY A 653 -47.79 3.19 20.11
C GLY A 653 -48.56 3.27 21.42
N HIS A 654 -47.83 3.37 22.51
CA HIS A 654 -48.39 3.44 23.85
C HIS A 654 -48.04 4.81 24.45
N VAL A 655 -48.97 5.75 24.40
CA VAL A 655 -48.75 7.07 25.00
C VAL A 655 -48.48 6.89 26.49
N PRO A 656 -47.28 7.20 26.99
CA PRO A 656 -46.99 7.00 28.42
C PRO A 656 -47.85 7.89 29.29
N PRO A 657 -48.30 7.40 30.45
CA PRO A 657 -49.18 8.23 31.31
C PRO A 657 -48.44 9.35 31.98
N SER A 658 -47.20 9.11 32.41
CA SER A 658 -46.35 10.09 33.06
C SER A 658 -44.94 9.92 32.54
N ALA A 659 -44.10 10.91 32.80
CA ALA A 659 -42.72 10.81 32.35
C ALA A 659 -41.92 9.77 33.14
N SER A 660 -42.41 9.36 34.32
CA SER A 660 -41.75 8.28 35.04
C SER A 660 -41.94 6.94 34.32
N LYS A 661 -43.16 6.64 33.89
CA LYS A 661 -43.46 5.40 33.17
C LYS A 661 -43.05 5.45 31.70
N ARG A 662 -42.27 6.46 31.32
CA ARG A 662 -41.78 6.62 29.96
C ARG A 662 -40.94 5.43 29.55
N GLY A 663 -41.12 5.00 28.30
CA GLY A 663 -40.36 3.86 27.80
C GLY A 663 -40.80 2.50 28.32
N LEU A 664 -41.89 2.43 29.05
CA LEU A 664 -42.43 1.14 29.50
C LEU A 664 -43.43 0.64 28.46
N PHE A 665 -43.00 -0.31 27.64
CA PHE A 665 -43.82 -0.86 26.55
C PHE A 665 -44.33 0.25 25.64
N ALA A 666 -43.40 0.97 25.03
CA ALA A 666 -43.75 2.15 24.24
C ALA A 666 -44.32 1.78 22.88
N VAL A 667 -43.86 0.70 22.28
CA VAL A 667 -44.35 0.29 20.98
C VAL A 667 -44.62 -1.20 21.03
N PHE A 668 -45.72 -1.61 20.43
CA PHE A 668 -46.04 -3.02 20.27
C PHE A 668 -45.88 -3.36 18.80
N TYR A 669 -45.13 -4.44 18.53
CA TYR A 669 -44.85 -4.90 17.18
C TYR A 669 -45.68 -6.15 16.86
N ASP A 670 -46.42 -6.09 15.75
CA ASP A 670 -47.11 -7.27 15.23
C ASP A 670 -46.08 -8.16 14.52
N MET A 671 -45.83 -9.36 15.05
CA MET A 671 -44.71 -10.16 14.57
C MET A 671 -45.00 -10.99 13.33
N ASP A 672 -46.22 -10.95 12.78
CA ASP A 672 -46.53 -11.69 11.55
C ASP A 672 -46.99 -10.75 10.45
N PRO A 673 -46.10 -10.29 9.57
CA PRO A 673 -46.52 -9.38 8.49
C PRO A 673 -47.55 -9.98 7.53
N GLN A 674 -47.79 -11.29 7.58
CA GLN A 674 -48.88 -11.88 6.81
C GLN A 674 -50.19 -11.96 7.59
N LYS A 675 -50.25 -11.43 8.82
CA LYS A 675 -51.50 -11.17 9.53
C LYS A 675 -52.31 -12.43 9.82
N LYS A 676 -51.63 -13.54 10.09
CA LYS A 676 -52.32 -14.77 10.42
C LYS A 676 -52.12 -15.18 11.86
N HIS A 677 -50.88 -15.11 12.35
CA HIS A 677 -50.61 -15.52 13.72
C HIS A 677 -50.67 -14.33 14.67
N SER A 678 -50.63 -14.63 15.97
CA SER A 678 -51.03 -13.71 17.04
C SER A 678 -49.87 -13.61 18.00
N VAL A 679 -48.87 -12.82 17.64
CA VAL A 679 -47.70 -12.64 18.48
C VAL A 679 -47.37 -11.16 18.46
N LEU A 680 -47.33 -10.55 19.64
CA LEU A 680 -46.89 -9.18 19.81
C LEU A 680 -45.54 -9.16 20.51
N MET A 681 -44.73 -8.15 20.21
CA MET A 681 -43.47 -7.96 20.88
C MET A 681 -43.39 -6.49 21.27
N SER A 682 -42.89 -6.22 22.48
CA SER A 682 -42.76 -4.85 22.94
C SER A 682 -41.42 -4.69 23.68
N VAL A 683 -41.14 -3.45 24.09
CA VAL A 683 -39.78 -3.04 24.39
C VAL A 683 -39.75 -2.15 25.63
N ILE A 684 -38.73 -2.37 26.46
CA ILE A 684 -38.51 -1.65 27.71
C ILE A 684 -37.21 -0.85 27.57
N ALA A 685 -37.29 0.47 27.69
CA ALA A 685 -36.15 1.32 27.41
C ALA A 685 -36.03 2.43 28.45
N GLY A 686 -34.84 2.99 28.55
CA GLY A 686 -34.67 4.15 29.40
C GLY A 686 -34.79 3.78 30.87
N GLU A 687 -35.32 4.74 31.64
CA GLU A 687 -35.54 4.50 33.06
C GLU A 687 -36.41 3.27 33.29
N ALA A 688 -37.27 2.92 32.34
CA ALA A 688 -38.13 1.77 32.54
C ALA A 688 -37.36 0.47 32.74
N VAL A 689 -36.10 0.40 32.27
CA VAL A 689 -35.33 -0.83 32.42
C VAL A 689 -35.00 -1.08 33.89
N ALA A 690 -34.62 -0.02 34.60
CA ALA A 690 -34.27 -0.15 36.01
C ALA A 690 -35.48 -0.37 36.90
N SER A 691 -36.69 -0.08 36.43
CA SER A 691 -37.84 -0.30 37.29
C SER A 691 -38.30 -1.75 37.27
N VAL A 692 -37.89 -2.53 36.28
CA VAL A 692 -38.35 -3.90 36.15
C VAL A 692 -37.20 -4.89 36.32
N ARG A 693 -36.10 -4.46 36.94
CA ARG A 693 -35.08 -5.43 37.32
C ARG A 693 -35.49 -6.20 38.56
N THR A 694 -36.25 -5.58 39.44
CA THR A 694 -36.70 -6.20 40.68
C THR A 694 -38.02 -6.96 40.52
N LEU A 695 -38.49 -7.14 39.29
CA LEU A 695 -39.69 -7.90 38.98
C LEU A 695 -39.32 -9.19 38.26
N ASP A 696 -39.98 -10.30 38.59
CA ASP A 696 -39.71 -11.51 37.84
C ASP A 696 -40.49 -11.47 36.53
N ASP A 697 -40.29 -12.49 35.68
CA ASP A 697 -40.94 -12.50 34.37
C ASP A 697 -42.46 -12.45 34.49
N LYS A 698 -43.04 -13.19 35.46
CA LYS A 698 -44.48 -13.18 35.61
C LYS A 698 -44.98 -11.80 35.98
N GLN A 699 -44.26 -11.08 36.84
CA GLN A 699 -44.66 -9.73 37.18
C GLN A 699 -44.52 -8.78 35.99
N VAL A 700 -43.47 -8.95 35.16
CA VAL A 700 -43.36 -8.12 33.97
C VAL A 700 -44.50 -8.41 33.02
N LEU A 701 -44.72 -9.71 32.74
CA LEU A 701 -45.84 -10.13 31.91
C LEU A 701 -47.14 -9.48 32.40
N GLN A 702 -47.42 -9.56 33.70
CA GLN A 702 -48.62 -8.95 34.26
C GLN A 702 -48.70 -7.46 33.97
N GLN A 703 -47.59 -6.73 34.13
CA GLN A 703 -47.66 -5.30 33.88
C GLN A 703 -47.86 -5.01 32.39
N CYS A 704 -47.29 -5.84 31.51
CA CYS A 704 -47.58 -5.68 30.09
C CYS A 704 -49.06 -5.93 29.81
N MET A 705 -49.62 -7.00 30.39
CA MET A 705 -51.04 -7.30 30.17
C MET A 705 -51.94 -6.19 30.71
N ALA A 706 -51.62 -5.65 31.89
CA ALA A 706 -52.38 -4.50 32.37
C ALA A 706 -52.32 -3.34 31.39
N THR A 707 -51.16 -3.13 30.75
CA THR A 707 -51.03 -2.06 29.77
C THR A 707 -51.87 -2.33 28.53
N LEU A 708 -51.73 -3.53 27.95
CA LEU A 708 -52.53 -3.86 26.77
C LEU A 708 -54.01 -3.68 27.06
N ARG A 709 -54.45 -4.03 28.27
CA ARG A 709 -55.87 -3.94 28.55
C ARG A 709 -56.31 -2.51 28.71
N GLU A 710 -55.44 -1.63 29.21
CA GLU A 710 -55.75 -0.21 29.18
C GLU A 710 -55.72 0.33 27.75
N LEU A 711 -54.84 -0.20 26.89
CA LEU A 711 -54.80 0.31 25.53
C LEU A 711 -56.02 -0.12 24.75
N PHE A 712 -56.68 -1.19 25.18
CA PHE A 712 -57.85 -1.73 24.50
C PHE A 712 -59.06 -1.76 25.44
N LYS A 713 -59.22 -0.72 26.26
CA LYS A 713 -60.14 -0.79 27.40
C LYS A 713 -61.57 -1.03 26.95
N GLU A 714 -61.92 -0.58 25.75
CA GLU A 714 -63.27 -0.71 25.23
C GLU A 714 -63.56 -2.12 24.76
N GLN A 715 -62.61 -3.05 24.84
CA GLN A 715 -62.82 -4.42 24.36
C GLN A 715 -62.12 -5.42 25.28
N GLU A 716 -62.33 -6.69 24.98
CA GLU A 716 -61.69 -7.77 25.71
C GLU A 716 -60.32 -8.06 25.11
N VAL A 717 -59.37 -8.39 25.98
CA VAL A 717 -58.04 -8.84 25.57
C VAL A 717 -57.83 -10.22 26.18
N PRO A 718 -57.59 -11.25 25.38
CA PRO A 718 -57.35 -12.59 25.94
C PRO A 718 -56.05 -12.67 26.75
N ASP A 719 -56.02 -13.63 27.66
CA ASP A 719 -54.78 -13.93 28.34
C ASP A 719 -53.75 -14.42 27.32
N PRO A 720 -52.47 -14.22 27.58
CA PRO A 720 -51.44 -14.77 26.70
C PRO A 720 -51.20 -16.22 27.02
N THR A 721 -50.86 -16.99 25.99
CA THR A 721 -50.68 -18.43 26.14
C THR A 721 -49.20 -18.81 26.17
N LYS A 722 -48.32 -17.90 25.77
CA LYS A 722 -46.90 -18.16 25.68
C LYS A 722 -46.23 -16.80 25.68
N TYR A 723 -45.12 -16.66 26.40
CA TYR A 723 -44.46 -15.37 26.44
C TYR A 723 -42.99 -15.56 26.76
N PHE A 724 -42.19 -14.51 26.56
CA PHE A 724 -40.86 -14.49 27.15
C PHE A 724 -40.50 -13.05 27.51
N VAL A 725 -39.58 -12.92 28.47
CA VAL A 725 -39.08 -11.62 28.92
C VAL A 725 -37.56 -11.68 28.92
N THR A 726 -36.90 -10.83 28.11
CA THR A 726 -35.46 -10.92 28.00
C THR A 726 -34.77 -10.36 29.24
N ARG A 727 -33.54 -10.82 29.46
CA ARG A 727 -32.74 -10.36 30.60
C ARG A 727 -31.31 -10.13 30.16
N TRP A 728 -31.16 -9.46 29.01
CA TRP A 728 -29.83 -9.19 28.46
C TRP A 728 -28.92 -8.54 29.49
N SER A 729 -29.44 -7.59 30.26
CA SER A 729 -28.56 -6.82 31.13
C SER A 729 -27.96 -7.66 32.24
N THR A 730 -28.48 -8.86 32.47
CA THR A 730 -27.87 -9.76 33.46
C THR A 730 -27.26 -11.00 32.83
N ASP A 731 -27.22 -11.11 31.50
CA ASP A 731 -26.52 -12.21 30.85
C ASP A 731 -25.02 -12.00 31.04
N PRO A 732 -24.32 -12.89 31.76
CA PRO A 732 -22.97 -12.55 32.23
C PRO A 732 -22.00 -12.16 31.12
N TRP A 733 -22.18 -12.69 29.91
CA TRP A 733 -21.21 -12.50 28.83
C TRP A 733 -21.66 -11.46 27.81
N ILE A 734 -22.71 -10.70 28.12
CA ILE A 734 -23.23 -9.71 27.19
C ILE A 734 -23.54 -8.43 27.95
N GLN A 735 -24.55 -8.49 28.81
CA GLN A 735 -24.84 -7.42 29.77
C GLN A 735 -25.19 -6.09 29.12
N MET A 736 -25.71 -6.10 27.90
CA MET A 736 -26.00 -4.84 27.25
C MET A 736 -26.81 -5.11 26.00
N ALA A 737 -27.41 -4.06 25.47
CA ALA A 737 -28.08 -4.17 24.18
C ALA A 737 -27.24 -3.57 23.05
N TYR A 738 -26.71 -2.36 23.23
CA TYR A 738 -25.80 -1.77 22.25
C TYR A 738 -25.20 -0.50 22.83
N SER A 739 -24.19 0.02 22.15
CA SER A 739 -23.37 1.09 22.70
C SER A 739 -23.94 2.49 22.37
N PHE A 740 -23.40 3.50 23.06
CA PHE A 740 -23.66 4.90 22.77
C PHE A 740 -22.54 5.72 23.42
N VAL A 741 -22.49 7.00 23.08
CA VAL A 741 -21.43 7.90 23.54
C VAL A 741 -21.93 8.64 24.78
N LYS A 742 -21.27 8.40 25.92
CA LYS A 742 -21.61 9.09 27.16
C LYS A 742 -21.06 10.51 27.14
N THR A 743 -21.69 11.37 27.94
CA THR A 743 -21.22 12.74 28.15
C THR A 743 -19.69 12.75 28.29
N GLY A 744 -19.05 13.71 27.60
CA GLY A 744 -17.62 13.83 27.60
C GLY A 744 -16.88 13.01 26.56
N GLY A 745 -17.48 11.94 26.06
CA GLY A 745 -16.84 11.14 25.04
C GLY A 745 -17.04 11.71 23.65
N SER A 746 -16.32 11.11 22.71
CA SER A 746 -16.42 11.47 21.30
C SER A 746 -16.64 10.20 20.47
N GLY A 747 -17.20 10.39 19.28
CA GLY A 747 -17.35 9.26 18.37
C GLY A 747 -16.03 8.59 18.04
N GLU A 748 -14.92 9.35 18.11
CA GLU A 748 -13.61 8.77 17.87
C GLU A 748 -13.31 7.61 18.80
N ALA A 749 -14.07 7.47 19.88
CA ALA A 749 -13.86 6.34 20.77
C ALA A 749 -13.94 5.01 20.03
N TYR A 750 -14.89 4.89 19.08
CA TYR A 750 -15.03 3.68 18.28
C TYR A 750 -13.77 3.40 17.46
N ASP A 751 -13.19 4.42 16.82
CA ASP A 751 -11.96 4.23 16.06
C ASP A 751 -10.83 3.76 16.96
N ILE A 752 -10.76 4.30 18.18
CA ILE A 752 -9.66 3.98 19.09
C ILE A 752 -9.77 2.54 19.59
N ILE A 753 -11.00 2.12 19.90
CA ILE A 753 -11.21 0.74 20.32
C ILE A 753 -10.86 -0.23 19.19
N ALA A 754 -10.95 0.22 17.93
CA ALA A 754 -10.69 -0.63 16.78
C ALA A 754 -9.21 -0.74 16.39
N GLU A 755 -8.32 0.12 16.91
CA GLU A 755 -6.90 0.00 16.57
C GLU A 755 -6.35 -1.33 17.05
N ASP A 756 -5.63 -2.02 16.16
CA ASP A 756 -4.98 -3.25 16.57
C ASP A 756 -3.84 -2.94 17.52
N ILE A 757 -3.36 -3.98 18.18
CA ILE A 757 -2.18 -3.89 19.03
C ILE A 757 -1.11 -4.75 18.37
N GLN A 758 0.07 -4.15 18.12
CA GLN A 758 1.23 -4.91 17.66
C GLN A 758 0.92 -5.74 16.42
N GLY A 759 -0.06 -5.33 15.63
CA GLY A 759 -0.48 -6.10 14.48
C GLY A 759 -0.80 -7.54 14.85
N THR A 760 -1.29 -7.74 16.08
CA THR A 760 -1.34 -9.06 16.69
C THR A 760 -2.64 -9.29 17.40
N VAL A 761 -3.10 -8.31 18.18
CA VAL A 761 -4.42 -8.34 18.80
C VAL A 761 -5.30 -7.37 18.05
N PHE A 762 -6.46 -7.85 17.60
CA PHE A 762 -7.41 -7.07 16.83
C PHE A 762 -8.76 -7.01 17.54
N PHE A 763 -9.52 -5.96 17.24
CA PHE A 763 -10.79 -5.73 17.92
C PHE A 763 -11.88 -5.50 16.89
N ALA A 764 -13.03 -6.16 17.10
CA ALA A 764 -14.23 -5.98 16.28
C ALA A 764 -15.43 -5.95 17.21
N GLY A 765 -16.60 -5.76 16.62
CA GLY A 765 -17.81 -5.61 17.41
C GLY A 765 -18.51 -4.29 17.15
N GLU A 766 -19.83 -4.24 17.39
CA GLU A 766 -20.59 -3.02 17.16
C GLU A 766 -20.00 -1.85 17.93
N ALA A 767 -19.40 -2.11 19.08
CA ALA A 767 -18.75 -1.01 19.77
C ALA A 767 -17.47 -0.55 19.11
N THR A 768 -17.10 -1.13 17.95
CA THR A 768 -15.85 -0.76 17.29
C THR A 768 -16.07 -0.16 15.90
N ASN A 769 -17.33 0.10 15.52
CA ASN A 769 -17.66 0.59 14.19
C ASN A 769 -18.15 2.03 14.27
N ARG A 770 -17.25 2.98 14.01
CA ARG A 770 -17.59 4.39 14.17
C ARG A 770 -18.65 4.83 13.16
N HIS A 771 -18.54 4.40 11.90
CA HIS A 771 -19.56 4.75 10.91
C HIS A 771 -20.91 4.11 11.23
N PHE A 772 -20.90 2.88 11.74
CA PHE A 772 -22.11 2.10 11.91
C PHE A 772 -22.12 1.45 13.28
N PRO A 773 -22.29 2.23 14.34
CA PRO A 773 -22.39 1.64 15.67
C PRO A 773 -23.73 0.94 15.89
N GLN A 774 -23.76 0.09 16.92
CA GLN A 774 -24.97 -0.48 17.52
C GLN A 774 -25.51 -1.72 16.80
N THR A 775 -25.50 -1.76 15.47
CA THR A 775 -26.31 -2.71 14.74
C THR A 775 -25.58 -4.03 14.44
N VAL A 776 -26.38 -5.06 14.12
CA VAL A 776 -25.80 -6.28 13.54
C VAL A 776 -24.98 -5.96 12.30
N THR A 777 -25.49 -5.07 11.46
CA THR A 777 -24.74 -4.68 10.28
C THR A 777 -23.36 -4.13 10.65
N GLY A 778 -23.32 -3.11 11.52
CA GLY A 778 -22.04 -2.55 11.93
C GLY A 778 -21.12 -3.57 12.58
N ALA A 779 -21.69 -4.51 13.33
CA ALA A 779 -20.85 -5.54 13.92
C ALA A 779 -20.31 -6.45 12.84
N TYR A 780 -21.17 -6.82 11.87
CA TYR A 780 -20.73 -7.67 10.76
C TYR A 780 -19.59 -7.00 9.97
N LEU A 781 -19.78 -5.74 9.58
CA LEU A 781 -18.74 -5.06 8.82
C LEU A 781 -17.45 -4.93 9.61
N SER A 782 -17.53 -4.81 10.94
CA SER A 782 -16.29 -4.69 11.69
C SER A 782 -15.49 -5.98 11.67
N GLY A 783 -16.17 -7.13 11.63
CA GLY A 783 -15.47 -8.40 11.49
C GLY A 783 -14.81 -8.53 10.14
N VAL A 784 -15.53 -8.15 9.08
CA VAL A 784 -14.94 -8.08 7.76
C VAL A 784 -13.73 -7.14 7.76
N ARG A 785 -13.90 -5.95 8.36
CA ARG A 785 -12.80 -4.99 8.45
C ARG A 785 -11.57 -5.63 9.08
N GLU A 786 -11.78 -6.37 10.19
CA GLU A 786 -10.65 -6.96 10.91
C GLU A 786 -10.04 -8.11 10.13
N ALA A 787 -10.88 -8.94 9.49
CA ALA A 787 -10.35 -10.00 8.64
C ALA A 787 -9.54 -9.42 7.50
N SER A 788 -9.92 -8.24 7.00
CA SER A 788 -9.10 -7.59 5.99
C SER A 788 -7.76 -7.18 6.57
N LYS A 789 -7.77 -6.60 7.77
CA LYS A 789 -6.52 -6.22 8.43
C LYS A 789 -5.61 -7.43 8.62
N ILE A 790 -6.19 -8.53 9.11
CA ILE A 790 -5.39 -9.70 9.45
C ILE A 790 -4.77 -10.31 8.19
N ALA A 791 -5.57 -10.43 7.13
CA ALA A 791 -5.10 -11.07 5.92
C ALA A 791 -3.98 -10.27 5.25
N ALA A 792 -3.93 -8.96 5.50
CA ALA A 792 -2.98 -8.09 4.81
C ALA A 792 -1.53 -8.48 5.09
N PHE A 793 -1.25 -9.01 6.28
CA PHE A 793 0.12 -9.36 6.65
C PHE A 793 0.69 -10.50 5.80
N LYS B 20 -23.52 36.87 -21.97
CA LYS B 20 -22.28 37.33 -21.35
C LYS B 20 -22.40 37.42 -19.81
N TYR B 21 -21.59 36.62 -19.11
CA TYR B 21 -21.56 36.59 -17.65
C TYR B 21 -20.22 37.10 -17.14
N ARG B 22 -20.23 37.72 -15.95
CA ARG B 22 -19.01 38.23 -15.33
C ARG B 22 -18.44 37.30 -14.28
N LYS B 23 -19.14 36.20 -13.99
CA LYS B 23 -18.72 35.22 -12.99
C LYS B 23 -17.52 34.42 -13.53
N CYS B 24 -17.17 33.34 -12.83
CA CYS B 24 -16.26 32.34 -13.38
C CYS B 24 -17.08 31.18 -13.91
N GLU B 25 -16.46 30.39 -14.79
CA GLU B 25 -17.10 29.16 -15.27
C GLU B 25 -17.23 28.14 -14.14
N LYS B 26 -16.34 28.19 -13.15
CA LYS B 26 -16.28 27.23 -12.06
C LYS B 26 -16.87 27.82 -10.79
N ALA B 27 -17.49 26.95 -9.99
CA ALA B 27 -17.91 27.32 -8.65
C ALA B 27 -16.81 26.95 -7.66
N GLY B 28 -16.85 27.60 -6.50
CA GLY B 28 -15.73 27.45 -5.59
C GLY B 28 -14.49 28.17 -6.03
N CYS B 29 -14.62 29.12 -6.95
CA CYS B 29 -13.52 29.95 -7.40
C CYS B 29 -13.55 31.27 -6.64
N THR B 30 -12.39 31.68 -6.12
CA THR B 30 -12.36 32.84 -5.25
C THR B 30 -12.29 34.16 -5.99
N ALA B 31 -11.96 34.14 -7.28
CA ALA B 31 -11.82 35.38 -8.04
C ALA B 31 -13.15 36.12 -8.08
N THR B 32 -13.26 37.21 -7.32
CA THR B 32 -14.51 37.97 -7.28
C THR B 32 -14.87 38.50 -8.66
N CYS B 33 -13.87 38.93 -9.44
CA CYS B 33 -14.05 39.21 -10.86
C CYS B 33 -12.76 38.82 -11.57
N PRO B 34 -12.84 37.99 -12.61
CA PRO B 34 -11.64 37.59 -13.35
C PRO B 34 -11.00 38.71 -14.16
N VAL B 35 -9.94 38.38 -14.87
CA VAL B 35 -9.23 39.31 -15.74
C VAL B 35 -8.35 38.47 -16.67
N CYS B 36 -8.33 38.84 -17.95
CA CYS B 36 -7.63 38.05 -18.96
C CYS B 36 -6.14 38.36 -18.94
N PHE B 37 -5.32 37.31 -18.96
CA PHE B 37 -3.87 37.45 -18.92
C PHE B 37 -3.25 37.56 -20.31
N ALA B 38 -3.89 37.00 -21.32
CA ALA B 38 -3.26 36.83 -22.63
C ALA B 38 -3.42 38.06 -23.52
N SER B 39 -4.64 38.56 -23.65
CA SER B 39 -4.97 39.70 -24.50
C SER B 39 -4.29 39.56 -25.87
N ALA B 40 -4.66 38.48 -26.55
CA ALA B 40 -4.06 38.13 -27.83
C ALA B 40 -4.99 38.34 -29.03
N SER B 41 -6.27 38.56 -28.79
CA SER B 41 -7.22 38.90 -29.85
C SER B 41 -7.46 40.40 -29.87
N GLU B 42 -8.03 40.87 -30.97
CA GLU B 42 -8.40 42.27 -31.04
C GLU B 42 -9.52 42.59 -30.05
N ARG B 43 -10.50 41.70 -29.93
CA ARG B 43 -11.68 41.91 -29.08
C ARG B 43 -11.51 41.34 -27.68
N CYS B 44 -10.35 41.52 -27.05
CA CYS B 44 -10.15 40.98 -25.71
C CYS B 44 -11.04 41.68 -24.70
N ALA B 45 -11.63 40.91 -23.79
CA ALA B 45 -12.62 41.42 -22.84
C ALA B 45 -12.01 42.09 -21.62
N LYS B 46 -10.71 41.91 -21.38
CA LYS B 46 -10.00 42.43 -20.21
C LYS B 46 -10.56 41.91 -18.89
N ASN B 47 -11.45 42.66 -18.24
CA ASN B 47 -11.91 42.33 -16.90
C ASN B 47 -13.41 42.59 -16.77
N GLY B 48 -14.19 42.12 -17.73
CA GLY B 48 -15.62 42.38 -17.71
C GLY B 48 -16.51 41.17 -17.95
N TYR B 49 -17.34 41.26 -18.99
CA TYR B 49 -18.31 40.24 -19.34
C TYR B 49 -17.91 39.55 -20.64
N THR B 50 -18.06 38.23 -20.67
CA THR B 50 -17.88 37.41 -21.85
C THR B 50 -18.89 36.27 -21.78
N SER B 51 -19.16 35.64 -22.93
CA SER B 51 -20.00 34.45 -22.93
C SER B 51 -19.50 33.45 -21.88
N ARG B 52 -18.18 33.20 -21.86
CA ARG B 52 -17.57 32.30 -20.89
C ARG B 52 -16.21 32.84 -20.46
N TRP B 53 -15.91 32.64 -19.18
CA TRP B 53 -14.61 32.96 -18.59
C TRP B 53 -13.88 31.65 -18.32
N TYR B 54 -12.83 31.38 -19.08
CA TYR B 54 -12.14 30.09 -18.97
C TYR B 54 -11.14 30.12 -17.82
N HIS B 55 -11.29 29.15 -16.91
CA HIS B 55 -10.57 29.09 -15.65
C HIS B 55 -9.30 28.26 -15.79
N LEU B 56 -8.20 28.76 -15.23
CA LEU B 56 -6.95 28.00 -15.14
C LEU B 56 -6.50 27.77 -13.71
N SER B 57 -6.56 28.81 -12.88
CA SER B 57 -6.39 28.68 -11.44
C SER B 57 -7.23 29.79 -10.82
N CYS B 58 -7.17 29.89 -9.49
CA CYS B 58 -7.98 30.91 -8.84
C CYS B 58 -7.53 32.33 -9.15
N GLY B 59 -6.34 32.50 -9.72
CA GLY B 59 -5.83 33.82 -10.03
C GLY B 59 -5.56 34.04 -11.51
N GLU B 60 -5.97 33.11 -12.36
CA GLU B 60 -5.62 33.19 -13.78
C GLU B 60 -6.81 32.76 -14.63
N HIS B 61 -7.33 33.69 -15.43
CA HIS B 61 -8.45 33.44 -16.32
C HIS B 61 -8.16 34.01 -17.70
N PHE B 62 -8.92 33.55 -18.70
CA PHE B 62 -8.94 34.21 -19.99
C PHE B 62 -10.34 34.14 -20.59
N CYS B 63 -10.65 35.16 -21.40
CA CYS B 63 -11.97 35.37 -21.96
C CYS B 63 -12.19 34.54 -23.23
N ASN B 64 -13.46 34.37 -23.60
CA ASN B 64 -13.82 33.52 -24.73
C ASN B 64 -13.30 34.07 -26.05
N GLU B 65 -13.05 35.37 -26.16
CA GLU B 65 -12.55 35.90 -27.43
C GLU B 65 -11.09 35.54 -27.65
N CYS B 66 -10.25 35.68 -26.62
CA CYS B 66 -8.88 35.21 -26.74
C CYS B 66 -8.82 33.69 -26.88
N PHE B 67 -9.84 32.99 -26.37
CA PHE B 67 -10.00 31.56 -26.63
C PHE B 67 -10.09 31.30 -28.13
N ASP B 68 -10.95 32.06 -28.83
CA ASP B 68 -11.18 31.84 -30.25
C ASP B 68 -10.02 32.31 -31.11
N HIS B 69 -9.24 33.30 -30.64
CA HIS B 69 -8.09 33.78 -31.41
C HIS B 69 -7.07 32.68 -31.69
N TYR B 70 -7.17 31.53 -31.01
CA TYR B 70 -6.29 30.42 -31.28
C TYR B 70 -7.00 29.17 -31.78
N TYR B 71 -8.28 28.98 -31.42
CA TYR B 71 -8.97 27.70 -31.60
C TYR B 71 -9.76 27.62 -32.91
N ARG B 72 -10.61 28.62 -33.18
CA ARG B 72 -11.47 28.57 -34.36
C ARG B 72 -10.65 28.58 -35.64
N SER B 73 -11.10 27.82 -36.64
CA SER B 73 -10.34 27.69 -37.88
C SER B 73 -10.12 29.03 -38.57
N HIS B 74 -11.09 29.94 -38.48
CA HIS B 74 -11.08 31.22 -39.20
C HIS B 74 -10.71 32.40 -38.31
N LYS B 75 -9.67 32.25 -37.47
CA LYS B 75 -9.19 33.35 -36.63
C LYS B 75 -7.67 33.46 -36.79
N ASP B 76 -7.09 34.46 -36.12
CA ASP B 76 -5.72 34.88 -36.38
C ASP B 76 -4.68 33.85 -35.93
N GLY B 77 -4.46 33.72 -34.62
CA GLY B 77 -3.44 32.83 -34.09
C GLY B 77 -3.76 31.36 -34.11
N TYR B 78 -4.51 30.91 -35.12
CA TYR B 78 -4.78 29.49 -35.32
C TYR B 78 -3.55 28.74 -35.78
N ASP B 79 -2.54 29.45 -36.28
CA ASP B 79 -1.33 28.79 -36.78
C ASP B 79 -0.35 28.49 -35.66
N LYS B 80 -0.16 29.41 -34.72
CA LYS B 80 0.69 29.10 -33.57
C LYS B 80 0.07 27.99 -32.74
N TYR B 81 -1.26 27.91 -32.70
CA TYR B 81 -1.92 26.89 -31.90
C TYR B 81 -1.79 25.52 -32.55
N THR B 82 -2.21 25.40 -33.80
CA THR B 82 -2.20 24.08 -34.45
C THR B 82 -0.79 23.55 -34.58
N THR B 83 0.20 24.42 -34.73
CA THR B 83 1.59 23.97 -34.70
C THR B 83 1.91 23.32 -33.36
N TRP B 84 1.57 23.99 -32.27
CA TRP B 84 1.68 23.39 -30.94
C TRP B 84 0.91 22.08 -30.86
N LYS B 85 -0.35 22.09 -31.32
CA LYS B 85 -1.17 20.88 -31.27
C LYS B 85 -0.49 19.70 -31.93
N LYS B 86 0.27 19.96 -33.02
CA LYS B 86 0.95 18.85 -33.68
C LYS B 86 2.15 18.37 -32.86
N ILE B 87 2.92 19.30 -32.28
CA ILE B 87 4.07 18.89 -31.48
C ILE B 87 3.61 18.22 -30.20
N TRP B 88 2.55 18.74 -29.58
CA TRP B 88 2.05 18.21 -28.31
C TRP B 88 1.64 16.75 -28.45
N THR B 89 0.84 16.44 -29.48
CA THR B 89 0.40 15.07 -29.71
C THR B 89 1.50 14.16 -30.25
N SER B 90 2.54 14.74 -30.85
CA SER B 90 3.66 13.92 -31.31
C SER B 90 4.38 13.27 -30.13
N ASN B 91 4.77 14.08 -29.14
CA ASN B 91 5.60 13.65 -28.03
C ASN B 91 4.84 13.56 -26.72
N GLY B 92 3.51 13.54 -26.75
CA GLY B 92 2.74 13.71 -25.53
C GLY B 92 1.65 12.67 -25.38
N LYS B 93 1.26 12.47 -24.12
CA LYS B 93 0.17 11.56 -23.82
C LYS B 93 -1.13 12.26 -23.45
N THR B 94 -1.10 13.52 -23.02
CA THR B 94 -2.32 14.18 -22.62
C THR B 94 -2.94 14.90 -23.80
N GLU B 95 -4.21 15.29 -23.64
CA GLU B 95 -4.97 15.83 -24.77
C GLU B 95 -4.64 17.30 -24.98
N PRO B 96 -4.57 17.75 -26.23
CA PRO B 96 -4.41 19.17 -26.49
C PRO B 96 -5.72 19.89 -26.25
N SER B 97 -5.61 21.11 -25.73
CA SER B 97 -6.80 21.90 -25.44
C SER B 97 -6.40 23.36 -25.42
N PRO B 98 -7.30 24.27 -25.73
CA PRO B 98 -6.97 25.68 -25.54
C PRO B 98 -6.49 25.98 -24.13
N LYS B 99 -7.13 25.41 -23.12
CA LYS B 99 -6.66 25.58 -21.75
C LYS B 99 -5.21 25.14 -21.60
N ALA B 100 -4.88 23.94 -22.09
CA ALA B 100 -3.52 23.43 -21.96
C ALA B 100 -2.53 24.27 -22.75
N PHE B 101 -2.93 24.77 -23.91
CA PHE B 101 -2.05 25.58 -24.75
C PHE B 101 -1.66 26.88 -24.03
N MET B 102 -2.64 27.57 -23.45
CA MET B 102 -2.34 28.78 -22.68
C MET B 102 -1.37 28.48 -21.55
N ALA B 103 -1.66 27.45 -20.76
CA ALA B 103 -0.83 27.13 -19.60
C ALA B 103 0.59 26.76 -20.00
N ASP B 104 0.77 26.31 -21.24
CA ASP B 104 2.10 25.93 -21.69
C ASP B 104 2.81 26.99 -22.50
N GLN B 105 2.08 27.86 -23.21
CA GLN B 105 2.71 28.77 -24.15
C GLN B 105 2.47 30.25 -23.90
N GLN B 106 1.42 30.62 -23.15
CA GLN B 106 0.94 31.99 -23.09
C GLN B 106 0.93 32.60 -21.71
N LEU B 107 0.73 31.80 -20.67
CA LEU B 107 0.71 32.32 -19.31
C LEU B 107 2.04 32.99 -18.98
N PRO B 108 2.04 34.16 -18.34
CA PRO B 108 3.29 34.83 -18.02
C PRO B 108 4.10 34.04 -17.00
N TYR B 109 5.38 34.37 -16.91
CA TYR B 109 6.26 33.72 -15.95
C TYR B 109 6.30 34.52 -14.65
N TRP B 110 6.53 33.82 -13.55
CA TRP B 110 6.68 34.45 -12.23
C TRP B 110 8.05 34.08 -11.68
N VAL B 111 8.75 35.08 -11.13
CA VAL B 111 10.07 34.86 -10.54
C VAL B 111 10.17 35.62 -9.24
N GLN B 112 10.95 35.08 -8.31
CA GLN B 112 11.08 35.63 -6.97
C GLN B 112 12.32 36.52 -6.91
N CYS B 113 12.21 37.62 -6.15
CA CYS B 113 13.34 38.52 -5.99
C CYS B 113 14.42 37.86 -5.12
N THR B 114 15.67 37.94 -5.57
CA THR B 114 16.78 37.28 -4.90
C THR B 114 17.39 38.11 -3.78
N LYS B 115 17.01 39.36 -3.62
CA LYS B 115 17.46 40.12 -2.46
C LYS B 115 16.87 39.50 -1.20
N PRO B 116 17.67 39.07 -0.24
CA PRO B 116 17.14 38.26 0.89
C PRO B 116 16.11 38.99 1.73
N GLU B 117 16.21 40.32 1.87
CA GLU B 117 15.27 41.09 2.68
C GLU B 117 13.97 41.37 1.95
N CYS B 118 13.82 40.90 0.72
CA CYS B 118 12.65 41.19 -0.11
C CYS B 118 11.90 39.90 -0.41
N ARG B 119 12.43 39.04 -1.28
CA ARG B 119 11.85 37.72 -1.55
C ARG B 119 10.47 37.80 -2.20
N LYS B 120 10.09 38.94 -2.77
CA LYS B 120 8.76 39.04 -3.34
C LYS B 120 8.66 38.30 -4.67
N TRP B 121 7.47 37.83 -4.99
CA TRP B 121 7.17 37.22 -6.28
C TRP B 121 6.66 38.30 -7.23
N ARG B 122 7.21 38.33 -8.44
CA ARG B 122 6.83 39.32 -9.45
C ARG B 122 6.41 38.62 -10.74
N GLN B 123 5.49 39.26 -11.46
CA GLN B 123 5.00 38.73 -12.73
C GLN B 123 5.75 39.40 -13.87
N LEU B 124 6.52 38.61 -14.61
CA LEU B 124 7.28 39.17 -15.73
C LEU B 124 6.34 39.54 -16.89
N THR B 125 6.80 40.46 -17.73
CA THR B 125 6.02 40.83 -18.90
C THR B 125 5.96 39.67 -19.90
N LYS B 126 5.09 39.81 -20.90
CA LYS B 126 4.67 38.67 -21.71
C LYS B 126 5.82 38.07 -22.50
N GLU B 127 6.69 38.91 -23.07
CA GLU B 127 7.67 38.41 -24.04
C GLU B 127 8.92 37.84 -23.39
N ILE B 128 9.11 37.98 -22.08
CA ILE B 128 10.31 37.48 -21.42
C ILE B 128 10.20 35.99 -21.20
N GLN B 129 11.11 35.23 -21.80
CA GLN B 129 11.20 33.80 -21.54
C GLN B 129 12.09 33.59 -20.32
N LEU B 130 11.55 32.94 -19.30
CA LEU B 130 12.31 32.71 -18.08
C LEU B 130 13.36 31.63 -18.28
N THR B 131 14.60 31.95 -17.91
CA THR B 131 15.78 31.09 -17.97
C THR B 131 16.30 30.87 -16.56
N PRO B 132 16.98 29.74 -16.32
CA PRO B 132 17.63 29.55 -15.01
C PRO B 132 18.53 30.70 -14.61
N GLN B 133 19.25 31.27 -15.56
CA GLN B 133 20.12 32.40 -15.23
C GLN B 133 19.30 33.59 -14.74
N ILE B 134 18.14 33.84 -15.35
CA ILE B 134 17.30 34.95 -14.91
C ILE B 134 16.75 34.67 -13.52
N ALA B 135 16.38 33.43 -13.23
CA ALA B 135 15.84 33.11 -11.91
C ALA B 135 16.92 33.15 -10.84
N LYS B 136 18.13 32.73 -11.20
CA LYS B 136 19.25 32.72 -10.26
C LYS B 136 19.62 34.13 -9.80
N THR B 137 19.31 35.16 -10.59
CA THR B 137 19.81 36.50 -10.31
C THR B 137 18.74 37.60 -10.42
N TYR B 138 17.47 37.26 -10.28
CA TYR B 138 16.43 38.27 -10.48
C TYR B 138 16.41 39.26 -9.33
N ARG B 139 16.13 40.52 -9.68
CA ARG B 139 15.87 41.57 -8.71
C ARG B 139 14.66 42.35 -9.17
N CYS B 140 13.82 42.75 -8.21
CA CYS B 140 12.61 43.54 -8.47
C CYS B 140 12.88 44.67 -9.46
N GLY B 141 12.02 44.75 -10.48
CA GLY B 141 12.09 45.84 -11.44
C GLY B 141 13.29 45.84 -12.35
N MET B 142 13.66 44.67 -12.88
CA MET B 142 14.84 44.49 -13.68
C MET B 142 14.44 44.03 -15.07
N LYS B 143 14.88 44.78 -16.10
CA LYS B 143 14.61 44.62 -17.53
C LYS B 143 15.77 43.89 -18.22
N PRO B 144 15.50 43.15 -19.32
CA PRO B 144 16.58 42.46 -20.04
C PRO B 144 17.64 43.41 -20.63
N SER B 153 14.30 55.06 -8.96
CA SER B 153 13.24 54.60 -8.06
C SER B 153 13.52 53.17 -7.58
N ASP B 154 12.85 52.77 -6.49
CA ASP B 154 13.09 51.47 -5.85
C ASP B 154 11.92 50.53 -6.11
N HIS B 155 12.17 49.47 -6.87
CA HIS B 155 11.10 48.56 -7.26
C HIS B 155 10.80 47.50 -6.22
N CYS B 156 11.62 47.38 -5.17
CA CYS B 156 11.48 46.27 -4.24
C CYS B 156 10.35 46.50 -3.24
N SER B 157 10.20 47.74 -2.77
CA SER B 157 9.18 48.05 -1.79
C SER B 157 7.76 47.93 -2.35
N LEU B 158 7.59 47.81 -3.66
CA LEU B 158 6.24 47.83 -4.23
C LEU B 158 5.45 46.61 -3.77
N PRO B 159 4.15 46.76 -3.56
CA PRO B 159 3.37 45.67 -2.95
C PRO B 159 3.29 44.45 -3.85
N GLU B 160 3.37 43.27 -3.22
CA GLU B 160 3.31 42.00 -3.93
C GLU B 160 1.89 41.70 -4.41
N ASP B 161 1.80 41.04 -5.56
CA ASP B 161 0.51 40.74 -6.19
C ASP B 161 -0.33 39.85 -5.27
N LEU B 162 -1.53 40.33 -4.92
CA LEU B 162 -2.33 39.66 -3.88
C LEU B 162 -2.58 38.19 -4.21
N ARG B 163 -2.63 37.84 -5.49
CA ARG B 163 -2.84 36.45 -5.89
C ARG B 163 -1.77 35.52 -5.34
N VAL B 164 -0.61 36.07 -4.95
CA VAL B 164 0.48 35.23 -4.46
C VAL B 164 0.14 34.68 -3.09
N LEU B 165 -0.59 35.46 -2.28
CA LEU B 165 -1.07 34.97 -0.99
C LEU B 165 -1.88 33.70 -1.14
N GLU B 166 -2.75 33.65 -2.15
CA GLU B 166 -3.70 32.55 -2.29
C GLU B 166 -3.03 31.23 -2.66
N VAL B 167 -1.83 31.25 -3.25
CA VAL B 167 -1.25 30.05 -3.84
C VAL B 167 -0.97 28.99 -2.79
N SER B 168 -0.70 29.40 -1.55
CA SER B 168 -0.30 28.44 -0.53
C SER B 168 -1.47 27.73 0.15
N ASN B 169 -2.70 27.99 -0.27
CA ASN B 169 -3.87 27.42 0.39
C ASN B 169 -4.27 26.07 -0.21
N HIS B 170 -4.89 25.24 0.64
CA HIS B 170 -5.40 23.95 0.21
C HIS B 170 -6.36 24.08 -0.96
N TRP B 171 -7.29 25.04 -0.89
CA TRP B 171 -8.30 25.14 -1.94
C TRP B 171 -7.69 25.59 -3.26
N TRP B 172 -6.56 26.30 -3.20
CA TRP B 172 -5.97 26.81 -4.44
C TRP B 172 -5.53 25.68 -5.34
N TYR B 173 -4.83 24.69 -4.76
CA TYR B 173 -4.36 23.56 -5.55
C TYR B 173 -5.53 22.68 -5.99
N SER B 174 -6.59 22.61 -5.19
CA SER B 174 -7.79 21.89 -5.62
C SER B 174 -8.38 22.49 -6.89
N MET B 175 -8.39 23.82 -6.98
CA MET B 175 -9.00 24.53 -8.10
C MET B 175 -8.05 24.72 -9.27
N LEU B 176 -6.91 24.02 -9.28
CA LEU B 176 -5.93 24.13 -10.35
C LEU B 176 -6.23 23.09 -11.42
N ILE B 177 -6.56 23.55 -12.63
CA ILE B 177 -7.17 22.67 -13.64
C ILE B 177 -6.16 21.64 -14.15
N LEU B 178 -5.00 22.11 -14.59
CA LEU B 178 -3.97 21.27 -15.18
C LEU B 178 -2.73 21.21 -14.31
N PRO B 179 -2.07 20.06 -14.24
CA PRO B 179 -0.80 19.98 -13.52
C PRO B 179 0.28 20.80 -14.21
N PRO B 180 1.26 21.30 -13.46
CA PRO B 180 2.39 21.98 -14.09
C PRO B 180 3.21 20.99 -14.89
N LEU B 181 3.81 21.47 -15.97
CA LEU B 181 4.72 20.68 -16.79
C LEU B 181 6.01 21.45 -16.91
N LEU B 182 7.10 20.90 -16.35
CA LEU B 182 8.35 21.65 -16.30
C LEU B 182 8.99 21.69 -17.67
N LYS B 183 9.59 22.83 -17.99
CA LYS B 183 10.37 22.99 -19.21
C LYS B 183 11.85 22.83 -18.91
N ASP B 184 12.57 22.24 -19.86
CA ASP B 184 14.02 22.09 -19.83
C ASP B 184 14.48 21.64 -18.45
N SER B 185 13.89 20.53 -18.03
CA SER B 185 14.22 19.89 -16.77
C SER B 185 15.60 19.24 -16.86
N VAL B 186 16.32 19.26 -15.73
CA VAL B 186 17.61 18.61 -15.71
C VAL B 186 17.45 17.09 -15.88
N ALA B 187 16.33 16.53 -15.39
CA ALA B 187 16.08 15.10 -15.52
C ALA B 187 15.71 14.69 -16.95
N ALA B 188 15.34 15.65 -17.79
CA ALA B 188 14.75 15.33 -19.09
C ALA B 188 15.60 14.42 -19.97
N PRO B 189 16.93 14.54 -20.02
CA PRO B 189 17.69 13.59 -20.85
C PRO B 189 17.76 12.20 -20.28
N LEU B 190 17.63 12.05 -18.97
CA LEU B 190 17.59 10.75 -18.35
C LEU B 190 16.23 10.07 -18.44
N LEU B 191 15.23 10.75 -19.00
CA LEU B 191 13.86 10.24 -19.06
C LEU B 191 13.31 10.29 -20.47
N SER B 192 14.16 10.30 -21.49
CA SER B 192 13.63 10.55 -22.82
C SER B 192 12.85 9.38 -23.37
N ALA B 193 12.76 8.28 -22.63
CA ALA B 193 11.97 7.15 -23.11
C ALA B 193 10.49 7.30 -22.76
N TYR B 194 10.21 7.97 -21.66
CA TYR B 194 8.83 8.17 -21.23
C TYR B 194 8.14 9.22 -22.09
N TYR B 195 6.81 9.28 -21.95
CA TYR B 195 6.08 10.42 -22.45
C TYR B 195 6.24 11.56 -21.45
N PRO B 196 6.77 12.72 -21.85
CA PRO B 196 7.23 13.70 -20.86
C PRO B 196 6.15 14.10 -19.86
N ASP B 197 4.92 14.37 -20.30
CA ASP B 197 3.86 14.72 -19.36
C ASP B 197 3.70 13.68 -18.27
N CYS B 198 3.78 12.39 -18.62
CA CYS B 198 3.66 11.33 -17.62
C CYS B 198 4.71 11.43 -16.52
N VAL B 199 5.84 12.09 -16.77
CA VAL B 199 6.83 12.35 -15.73
C VAL B 199 6.90 13.83 -15.39
N GLY B 200 5.92 14.62 -15.82
CA GLY B 200 5.84 16.00 -15.39
C GLY B 200 6.63 16.98 -16.22
N MET B 201 6.92 16.66 -17.47
CA MET B 201 7.65 17.57 -18.35
C MET B 201 6.80 17.94 -19.56
N SER B 202 7.05 19.12 -20.10
CA SER B 202 6.21 19.64 -21.19
C SER B 202 6.52 18.93 -22.51
N PRO B 203 5.51 18.38 -23.19
CA PRO B 203 5.73 17.84 -24.53
C PRO B 203 6.27 18.84 -25.53
N SER B 204 6.19 20.14 -25.27
CA SER B 204 6.59 21.14 -26.26
C SER B 204 8.07 21.48 -26.22
N CYS B 205 8.82 20.93 -25.27
CA CYS B 205 10.27 21.13 -25.21
C CYS B 205 10.97 20.33 -26.30
N THR B 206 11.69 21.03 -27.18
CA THR B 206 12.37 20.39 -28.29
C THR B 206 13.81 20.00 -27.98
N SER B 207 14.46 20.71 -27.06
CA SER B 207 15.86 20.44 -26.71
C SER B 207 16.01 19.32 -25.70
N THR B 208 15.02 19.13 -24.82
CA THR B 208 15.01 18.00 -23.90
C THR B 208 14.56 16.72 -24.58
N ASN B 209 13.75 16.84 -25.64
CA ASN B 209 13.37 15.74 -26.52
C ASN B 209 14.35 15.54 -27.67
N ARG B 210 15.38 16.38 -27.78
CA ARG B 210 16.33 16.31 -28.88
C ARG B 210 17.19 15.05 -28.83
N GLY B 235 27.37 14.57 -19.27
CA GLY B 235 28.55 13.82 -18.89
C GLY B 235 28.60 13.31 -17.45
N MET B 236 27.43 12.95 -16.90
CA MET B 236 27.30 12.51 -15.51
C MET B 236 27.97 11.16 -15.28
N ASN B 237 28.28 10.87 -14.02
CA ASN B 237 28.99 9.64 -13.67
C ASN B 237 28.23 8.41 -14.16
N ARG B 238 28.96 7.44 -14.71
CA ARG B 238 28.30 6.32 -15.37
C ARG B 238 27.71 5.32 -14.39
N TYR B 239 28.04 5.40 -13.10
CA TYR B 239 27.46 4.50 -12.12
C TYR B 239 26.12 4.97 -11.60
N PHE B 240 25.71 6.21 -11.91
CA PHE B 240 24.43 6.74 -11.45
C PHE B 240 23.37 6.52 -12.53
N GLN B 241 22.49 5.56 -12.30
CA GLN B 241 21.35 5.29 -13.18
C GLN B 241 20.11 5.24 -12.29
N PRO B 242 19.62 6.40 -11.86
CA PRO B 242 18.54 6.41 -10.85
C PRO B 242 17.16 6.04 -11.34
N PHE B 243 16.87 6.11 -12.64
CA PHE B 243 15.51 5.93 -13.14
C PHE B 243 15.36 4.60 -13.86
N TYR B 244 14.36 3.82 -13.45
CA TYR B 244 13.91 2.64 -14.18
C TYR B 244 13.64 3.01 -15.64
N GLN B 245 14.08 2.14 -16.55
CA GLN B 245 14.00 2.40 -17.98
C GLN B 245 13.36 1.22 -18.69
N PRO B 246 12.57 1.48 -19.74
CA PRO B 246 12.00 0.39 -20.52
C PRO B 246 13.06 -0.59 -20.97
N ASN B 247 12.69 -1.87 -20.97
CA ASN B 247 13.48 -2.97 -21.52
C ASN B 247 14.66 -3.36 -20.64
N GLU B 248 14.97 -2.56 -19.63
CA GLU B 248 16.06 -2.87 -18.72
C GLU B 248 15.62 -3.84 -17.64
N CYS B 249 16.51 -4.76 -17.28
CA CYS B 249 16.30 -5.64 -16.15
C CYS B 249 16.28 -4.82 -14.86
N GLY B 250 15.88 -5.48 -13.77
CA GLY B 250 15.66 -4.78 -12.51
C GLY B 250 16.98 -4.43 -11.85
N LYS B 251 17.22 -3.14 -11.58
CA LYS B 251 18.42 -2.68 -10.92
C LYS B 251 18.06 -2.22 -9.51
N ALA B 252 18.91 -2.54 -8.55
CA ALA B 252 18.71 -2.03 -7.20
C ALA B 252 18.70 -0.50 -7.21
N LEU B 253 17.87 0.08 -6.37
CA LEU B 253 17.83 1.51 -6.13
C LEU B 253 17.52 2.32 -7.39
N CYS B 254 16.72 1.75 -8.30
CA CYS B 254 16.02 2.56 -9.28
C CYS B 254 14.73 3.11 -8.69
N VAL B 255 14.31 4.27 -9.16
CA VAL B 255 12.99 4.80 -8.83
C VAL B 255 12.17 4.87 -10.11
N ARG B 256 10.89 4.60 -10.01
CA ARG B 256 10.02 4.71 -11.18
C ARG B 256 9.72 6.19 -11.43
N PRO B 257 10.10 6.74 -12.58
CA PRO B 257 9.92 8.20 -12.77
C PRO B 257 8.48 8.62 -12.86
N ASP B 258 7.54 7.69 -13.05
CA ASP B 258 6.15 8.04 -13.35
C ASP B 258 5.16 7.50 -12.33
N VAL B 259 5.62 7.06 -11.17
CA VAL B 259 4.76 6.52 -10.12
C VAL B 259 5.31 6.95 -8.77
N MET B 260 4.42 7.29 -7.84
CA MET B 260 4.84 7.58 -6.47
C MET B 260 4.90 6.29 -5.68
N GLU B 261 6.03 6.03 -5.04
CA GLU B 261 6.12 4.85 -4.19
C GLU B 261 5.22 5.05 -2.97
N LEU B 262 4.86 3.94 -2.33
CA LEU B 262 3.85 4.02 -1.28
C LEU B 262 4.27 5.00 -0.18
N ASP B 263 5.53 4.96 0.25
CA ASP B 263 5.91 5.81 1.37
C ASP B 263 6.03 7.27 0.96
N GLU B 264 6.13 7.55 -0.34
CA GLU B 264 5.98 8.93 -0.79
C GLU B 264 4.54 9.39 -0.65
N LEU B 265 3.58 8.51 -0.92
CA LEU B 265 2.18 8.87 -0.77
C LEU B 265 1.84 9.16 0.69
N TYR B 266 2.25 8.28 1.60
CA TYR B 266 2.02 8.50 3.02
C TYR B 266 2.52 9.87 3.46
N GLU B 267 3.70 10.27 2.97
CA GLU B 267 4.25 11.57 3.32
C GLU B 267 3.50 12.69 2.64
N PHE B 268 3.12 12.52 1.38
CA PHE B 268 2.59 13.61 0.56
C PHE B 268 1.22 13.25 -0.02
N PRO B 269 0.24 12.92 0.82
CA PRO B 269 -1.03 12.41 0.27
C PRO B 269 -1.83 13.42 -0.55
N GLU B 270 -1.54 14.71 -0.44
CA GLU B 270 -2.23 15.68 -1.29
C GLU B 270 -2.05 15.38 -2.79
N TYR B 271 -1.08 14.55 -3.15
CA TYR B 271 -0.82 14.19 -4.54
C TYR B 271 -1.46 12.87 -4.93
N SER B 272 -2.29 12.29 -4.06
CA SER B 272 -2.80 10.95 -4.33
C SER B 272 -3.50 10.86 -5.68
N ARG B 273 -4.16 11.93 -6.09
CA ARG B 273 -5.04 11.88 -7.24
C ARG B 273 -4.43 12.49 -8.49
N ASP B 274 -3.33 13.21 -8.35
CA ASP B 274 -2.46 13.51 -9.48
C ASP B 274 -1.03 13.67 -8.99
N PRO B 275 -0.13 12.77 -9.38
CA PRO B 275 1.25 12.84 -8.91
C PRO B 275 2.18 13.69 -9.77
N THR B 276 1.65 14.33 -10.81
CA THR B 276 2.50 14.91 -11.85
C THR B 276 3.47 15.92 -11.26
N MET B 277 2.96 16.82 -10.43
CA MET B 277 3.82 17.86 -9.89
C MET B 277 4.87 17.29 -8.95
N TYR B 278 4.48 16.31 -8.10
CA TYR B 278 5.45 15.72 -7.21
C TYR B 278 6.53 14.99 -7.99
N LEU B 279 6.12 14.20 -8.99
CA LEU B 279 7.09 13.44 -9.76
C LEU B 279 8.06 14.37 -10.49
N ALA B 280 7.53 15.44 -11.09
CA ALA B 280 8.40 16.35 -11.81
C ALA B 280 9.46 16.94 -10.88
N LEU B 281 9.06 17.26 -9.65
CA LEU B 281 10.01 17.82 -8.70
C LEU B 281 10.95 16.75 -8.14
N ARG B 282 10.43 15.56 -7.83
CA ARG B 282 11.31 14.52 -7.31
C ARG B 282 12.35 14.13 -8.35
N ASN B 283 11.91 13.89 -9.59
CA ASN B 283 12.84 13.54 -10.66
C ASN B 283 13.83 14.67 -10.90
N LEU B 284 13.35 15.91 -10.88
CA LEU B 284 14.27 17.05 -10.99
C LEU B 284 15.32 17.01 -9.89
N ILE B 285 14.91 16.77 -8.65
CA ILE B 285 15.83 16.77 -7.53
C ILE B 285 16.86 15.65 -7.68
N LEU B 286 16.43 14.44 -8.04
CA LEU B 286 17.39 13.36 -8.25
C LEU B 286 18.43 13.74 -9.28
N ALA B 287 17.99 14.26 -10.42
CA ALA B 287 18.93 14.63 -11.47
C ALA B 287 19.96 15.63 -10.99
N LEU B 288 19.54 16.58 -10.15
CA LEU B 288 20.48 17.61 -9.69
C LEU B 288 21.51 17.03 -8.75
N TRP B 289 21.07 16.14 -7.84
CA TRP B 289 21.98 15.52 -6.88
C TRP B 289 23.05 14.71 -7.60
N TYR B 290 22.64 13.88 -8.55
CA TYR B 290 23.61 13.05 -9.25
C TYR B 290 24.44 13.85 -10.24
N THR B 291 23.95 15.00 -10.68
CA THR B 291 24.78 15.90 -11.45
C THR B 291 25.90 16.48 -10.59
N ASN B 292 25.63 16.69 -9.30
CA ASN B 292 26.60 17.34 -8.43
C ASN B 292 26.44 16.76 -7.02
N CYS B 293 27.15 15.66 -6.76
CA CYS B 293 27.02 14.95 -5.50
C CYS B 293 28.08 15.33 -4.48
N LYS B 294 28.91 16.34 -4.77
CA LYS B 294 29.99 16.70 -3.87
C LYS B 294 29.60 17.81 -2.89
N GLU B 295 28.36 18.29 -2.97
CA GLU B 295 27.87 19.38 -2.13
C GLU B 295 26.38 19.22 -1.91
N ALA B 296 25.92 19.73 -0.77
CA ALA B 296 24.52 19.57 -0.39
C ALA B 296 23.61 20.31 -1.34
N LEU B 297 22.62 19.59 -1.87
CA LEU B 297 21.60 20.20 -2.72
C LEU B 297 20.58 20.92 -1.85
N THR B 298 20.46 22.22 -2.05
CA THR B 298 19.58 23.10 -1.29
C THR B 298 18.42 23.56 -2.17
N PRO B 299 17.35 24.08 -1.55
CA PRO B 299 16.25 24.64 -2.36
C PRO B 299 16.71 25.77 -3.26
N GLN B 300 17.59 26.63 -2.76
CA GLN B 300 18.10 27.74 -3.56
C GLN B 300 18.82 27.25 -4.80
N LYS B 301 19.42 26.06 -4.75
CA LYS B 301 20.00 25.46 -5.94
C LYS B 301 18.94 24.89 -6.86
N CYS B 302 17.79 24.45 -6.34
CA CYS B 302 16.77 23.86 -7.21
C CYS B 302 15.91 24.91 -7.91
N ILE B 303 15.59 26.00 -7.21
CA ILE B 303 14.60 26.95 -7.73
C ILE B 303 14.89 27.39 -9.16
N PRO B 304 16.12 27.77 -9.53
CA PRO B 304 16.37 28.22 -10.91
C PRO B 304 16.18 27.14 -11.97
N HIS B 305 15.96 25.88 -11.61
CA HIS B 305 15.75 24.85 -12.62
C HIS B 305 14.31 24.42 -12.71
N ILE B 306 13.41 25.10 -11.99
CA ILE B 306 11.98 24.90 -12.10
C ILE B 306 11.46 25.98 -13.03
N ILE B 307 11.30 25.65 -14.31
CA ILE B 307 10.79 26.57 -15.31
C ILE B 307 9.40 26.10 -15.72
N VAL B 308 8.39 26.93 -15.42
CA VAL B 308 7.02 26.65 -15.78
C VAL B 308 6.27 27.96 -15.69
N ARG B 309 5.27 28.12 -16.55
CA ARG B 309 4.57 29.39 -16.61
C ARG B 309 3.52 29.49 -15.51
N GLY B 310 3.26 30.73 -15.08
CA GLY B 310 2.08 31.03 -14.29
C GLY B 310 2.28 30.82 -12.80
N LEU B 311 1.19 31.09 -12.07
CA LEU B 311 1.22 31.06 -10.60
C LEU B 311 1.61 29.69 -10.09
N VAL B 312 1.32 28.64 -10.85
CA VAL B 312 1.68 27.30 -10.42
C VAL B 312 3.19 27.16 -10.17
N ARG B 313 4.02 28.02 -10.78
CA ARG B 313 5.45 27.96 -10.47
C ARG B 313 5.71 28.32 -9.01
N ILE B 314 4.90 29.24 -8.46
CA ILE B 314 5.03 29.59 -7.05
C ILE B 314 4.74 28.37 -6.18
N ARG B 315 3.67 27.65 -6.49
CA ARG B 315 3.38 26.43 -5.77
C ARG B 315 4.52 25.44 -5.91
N CYS B 316 5.08 25.31 -7.11
CA CYS B 316 6.19 24.38 -7.30
C CYS B 316 7.37 24.76 -6.41
N VAL B 317 7.75 26.03 -6.42
CA VAL B 317 8.92 26.46 -5.66
C VAL B 317 8.69 26.28 -4.16
N GLN B 318 7.44 26.44 -3.72
CA GLN B 318 7.11 26.24 -2.31
C GLN B 318 7.23 24.77 -1.93
N GLU B 319 6.84 23.87 -2.83
CA GLU B 319 6.86 22.44 -2.53
C GLU B 319 8.25 21.84 -2.59
N VAL B 320 9.22 22.52 -3.22
CA VAL B 320 10.50 21.85 -3.45
C VAL B 320 11.29 21.72 -2.16
N GLU B 321 11.07 22.62 -1.20
CA GLU B 321 11.76 22.50 0.07
C GLU B 321 11.28 21.27 0.85
N ARG B 322 9.96 21.05 0.91
CA ARG B 322 9.42 19.92 1.66
C ARG B 322 9.85 18.59 1.05
N ILE B 323 9.84 18.49 -0.28
CA ILE B 323 10.27 17.27 -0.96
C ILE B 323 11.77 17.06 -0.76
N LEU B 324 12.53 18.14 -0.77
CA LEU B 324 13.97 18.04 -0.57
C LEU B 324 14.31 17.46 0.79
N TYR B 325 13.52 17.78 1.81
CA TYR B 325 13.81 17.27 3.15
C TYR B 325 13.43 15.81 3.28
N PHE B 326 12.26 15.44 2.78
CA PHE B 326 11.86 14.04 2.76
C PHE B 326 12.92 13.17 2.08
N MET B 327 13.32 13.56 0.87
CA MET B 327 14.34 12.80 0.16
C MET B 327 15.66 12.78 0.93
N THR B 328 15.99 13.88 1.60
CA THR B 328 17.20 13.91 2.42
C THR B 328 17.10 12.92 3.57
N ARG B 329 16.02 13.01 4.35
CA ARG B 329 15.82 12.08 5.45
C ARG B 329 15.92 10.63 4.98
N LYS B 330 15.31 10.33 3.82
CA LYS B 330 15.28 8.97 3.32
C LYS B 330 16.67 8.46 2.94
N GLY B 331 17.61 9.37 2.68
CA GLY B 331 18.93 9.00 2.21
C GLY B 331 19.12 9.00 0.71
N LEU B 332 18.16 9.51 -0.06
CA LEU B 332 18.26 9.48 -1.51
C LEU B 332 19.18 10.56 -2.06
N ILE B 333 19.24 11.71 -1.41
CA ILE B 333 20.14 12.79 -1.79
C ILE B 333 20.86 13.27 -0.53
N ASN B 334 21.86 14.12 -0.73
CA ASN B 334 22.59 14.74 0.38
C ASN B 334 23.08 13.70 1.37
N THR B 335 23.84 12.73 0.85
CA THR B 335 24.19 11.54 1.59
C THR B 335 25.63 11.17 1.25
N GLY B 336 26.00 9.90 1.48
CA GLY B 336 27.38 9.50 1.25
C GLY B 336 28.29 10.15 2.28
N VAL B 337 29.50 10.50 1.84
CA VAL B 337 30.47 11.15 2.72
C VAL B 337 30.39 12.68 2.64
N LEU B 338 29.29 13.22 2.11
CA LEU B 338 29.08 14.66 2.14
C LEU B 338 29.19 15.19 3.58
N SER B 339 30.01 16.22 3.76
CA SER B 339 30.20 16.83 5.07
C SER B 339 29.58 18.23 5.08
N VAL B 340 29.20 18.68 6.27
CA VAL B 340 28.61 20.00 6.48
C VAL B 340 29.09 20.53 7.84
N GLY B 341 29.60 21.75 7.85
CA GLY B 341 30.14 22.34 9.06
C GLY B 341 29.04 22.73 10.04
N ALA B 342 29.48 23.34 11.14
CA ALA B 342 28.55 23.76 12.18
C ALA B 342 27.54 24.77 11.63
N ASP B 343 26.42 24.90 12.34
CA ASP B 343 25.35 25.85 12.02
C ASP B 343 24.84 25.71 10.59
N GLN B 344 25.05 24.53 9.97
CA GLN B 344 24.71 24.32 8.55
C GLN B 344 24.24 22.87 8.38
N TYR B 345 22.99 22.62 8.75
CA TYR B 345 22.44 21.27 8.80
C TYR B 345 21.49 21.04 7.64
N LEU B 346 21.12 19.76 7.45
CA LEU B 346 20.38 19.30 6.28
C LEU B 346 18.89 19.14 6.53
N LEU B 347 18.45 19.17 7.78
CA LEU B 347 17.05 19.13 8.13
C LEU B 347 16.77 20.22 9.16
N PRO B 348 15.57 20.83 9.12
CA PRO B 348 15.24 21.91 10.07
C PRO B 348 15.27 21.53 11.54
N LYS B 349 15.05 22.51 12.41
CA LYS B 349 15.18 22.33 13.85
C LYS B 349 14.10 21.41 14.44
N ASP B 350 13.01 21.15 13.71
CA ASP B 350 12.01 20.21 14.20
C ASP B 350 12.65 18.87 14.52
N TYR B 351 13.48 18.35 13.61
CA TYR B 351 14.10 17.04 13.72
C TYR B 351 15.24 16.97 14.73
N HIS B 352 15.57 18.07 15.42
CA HIS B 352 16.70 18.08 16.33
C HIS B 352 16.35 17.63 17.75
N ASN B 353 15.07 17.67 18.13
CA ASN B 353 14.69 17.31 19.49
C ASN B 353 14.90 15.82 19.73
N LYS B 354 16.15 15.38 19.60
CA LYS B 354 16.54 13.97 19.70
C LYS B 354 18.02 13.88 20.04
N SER B 355 18.37 12.87 20.82
CA SER B 355 19.74 12.42 20.98
C SER B 355 19.80 10.93 20.69
N VAL B 356 20.90 10.47 20.11
CA VAL B 356 21.04 9.08 19.73
C VAL B 356 22.39 8.56 20.19
N ILE B 357 22.39 7.38 20.79
CA ILE B 357 23.60 6.61 21.05
C ILE B 357 23.69 5.48 20.04
N ILE B 358 24.80 5.39 19.32
CA ILE B 358 25.00 4.38 18.29
C ILE B 358 26.07 3.41 18.75
N ILE B 359 25.73 2.12 18.75
CA ILE B 359 26.62 1.07 19.23
C ILE B 359 27.27 0.37 18.04
N GLY B 360 28.58 0.45 17.95
CA GLY B 360 29.28 -0.11 16.81
C GLY B 360 29.69 0.96 15.83
N ALA B 361 30.97 0.95 15.45
CA ALA B 361 31.51 1.92 14.51
C ALA B 361 31.85 1.24 13.18
N GLY B 362 31.07 0.24 12.79
CA GLY B 362 31.21 -0.36 11.48
C GLY B 362 30.59 0.52 10.41
N PRO B 363 30.49 0.00 9.18
CA PRO B 363 29.78 0.76 8.15
C PRO B 363 28.38 1.20 8.56
N ALA B 364 27.58 0.29 9.14
CA ALA B 364 26.21 0.65 9.51
C ALA B 364 26.19 1.74 10.58
N GLY B 365 26.87 1.49 11.70
CA GLY B 365 26.93 2.51 12.75
C GLY B 365 27.41 3.84 12.22
N LEU B 366 28.56 3.83 11.53
CA LEU B 366 29.12 5.08 11.00
C LEU B 366 28.19 5.72 9.98
N ALA B 367 27.45 4.91 9.22
CA ALA B 367 26.50 5.49 8.27
C ALA B 367 25.41 6.26 8.98
N ALA B 368 24.69 5.60 9.89
CA ALA B 368 23.63 6.29 10.61
C ALA B 368 24.17 7.48 11.39
N ALA B 369 25.38 7.37 11.92
CA ALA B 369 25.97 8.48 12.68
C ALA B 369 26.18 9.70 11.78
N ARG B 370 26.81 9.48 10.61
CA ARG B 370 27.00 10.58 9.68
C ARG B 370 25.66 11.17 9.25
N GLN B 371 24.66 10.32 9.00
CA GLN B 371 23.35 10.82 8.58
C GLN B 371 22.74 11.72 9.65
N LEU B 372 22.61 11.21 10.87
CA LEU B 372 21.96 11.99 11.92
C LEU B 372 22.74 13.27 12.22
N HIS B 373 24.06 13.18 12.23
CA HIS B 373 24.88 14.37 12.47
C HIS B 373 24.68 15.41 11.37
N ASN B 374 24.63 14.95 10.12
CA ASN B 374 24.32 15.87 9.02
C ASN B 374 22.90 16.42 9.14
N PHE B 375 21.99 15.66 9.79
CA PHE B 375 20.65 16.16 10.02
C PHE B 375 20.62 17.20 11.12
N GLY B 376 21.54 17.10 12.08
CA GLY B 376 21.58 18.00 13.22
C GLY B 376 21.17 17.38 14.53
N ILE B 377 21.11 16.06 14.59
CA ILE B 377 20.77 15.33 15.81
C ILE B 377 22.05 15.00 16.57
N LYS B 378 22.01 15.11 17.89
CA LYS B 378 23.18 14.81 18.70
C LYS B 378 23.50 13.33 18.61
N VAL B 379 24.76 13.00 18.31
CA VAL B 379 25.17 11.64 18.07
C VAL B 379 26.41 11.34 18.90
N THR B 380 26.37 10.22 19.62
CA THR B 380 27.53 9.68 20.29
C THR B 380 27.64 8.21 19.91
N VAL B 381 28.83 7.78 19.51
CA VAL B 381 29.07 6.42 19.05
C VAL B 381 29.95 5.72 20.06
N LEU B 382 29.52 4.54 20.51
CA LEU B 382 30.29 3.69 21.39
C LEU B 382 30.79 2.47 20.62
N GLU B 383 32.11 2.35 20.50
CA GLU B 383 32.75 1.24 19.80
C GLU B 383 33.54 0.39 20.80
N ALA B 384 33.35 -0.92 20.72
CA ALA B 384 34.06 -1.82 21.63
C ALA B 384 35.56 -1.82 21.37
N LYS B 385 35.97 -1.84 20.11
CA LYS B 385 37.37 -2.02 19.76
C LYS B 385 38.15 -0.71 19.91
N ASP B 386 39.48 -0.81 19.79
CA ASP B 386 40.38 0.33 19.79
C ASP B 386 40.51 0.99 18.42
N ARG B 387 39.55 0.75 17.53
CA ARG B 387 39.55 1.32 16.18
C ARG B 387 38.11 1.27 15.67
N ILE B 388 37.88 1.98 14.58
CA ILE B 388 36.60 1.94 13.89
C ILE B 388 36.76 1.06 12.65
N GLY B 389 35.63 0.73 12.03
CA GLY B 389 35.60 0.01 10.77
C GLY B 389 35.00 -1.38 10.86
N GLY B 390 35.00 -1.99 12.04
CA GLY B 390 34.43 -3.30 12.21
C GLY B 390 35.02 -4.32 11.25
N ARG B 391 34.18 -4.89 10.41
CA ARG B 391 34.71 -5.82 9.43
C ARG B 391 35.40 -5.10 8.26
N VAL B 392 35.56 -3.78 8.32
CA VAL B 392 36.45 -3.05 7.43
C VAL B 392 37.71 -2.71 8.22
N TRP B 393 38.82 -3.38 7.90
CA TRP B 393 40.09 -3.15 8.58
C TRP B 393 41.18 -3.28 7.53
N ASP B 394 41.66 -2.15 7.03
CA ASP B 394 42.64 -2.17 5.95
C ASP B 394 44.04 -2.14 6.54
N ASP B 395 44.93 -2.89 5.89
CA ASP B 395 46.36 -2.87 6.19
C ASP B 395 47.05 -1.95 5.20
N LYS B 396 47.87 -1.03 5.70
CA LYS B 396 48.59 -0.09 4.86
C LYS B 396 50.10 -0.25 4.94
N SER B 397 50.58 -1.27 5.65
CA SER B 397 52.01 -1.48 5.82
C SER B 397 52.65 -2.20 4.64
N PHE B 398 51.87 -2.61 3.64
CA PHE B 398 52.42 -3.20 2.42
C PHE B 398 52.76 -2.10 1.43
N LYS B 399 54.03 -2.03 1.03
CA LYS B 399 54.48 -1.03 0.08
C LYS B 399 53.69 -1.10 -1.23
N GLY B 400 53.07 0.02 -1.60
CA GLY B 400 52.49 0.20 -2.91
C GLY B 400 50.99 -0.04 -2.99
N VAL B 401 50.41 -0.79 -2.05
CA VAL B 401 49.02 -1.21 -2.13
C VAL B 401 48.36 -1.09 -0.78
N THR B 402 47.03 -1.14 -0.80
CA THR B 402 46.22 -1.27 0.40
C THR B 402 45.59 -2.66 0.41
N VAL B 403 45.66 -3.33 1.55
CA VAL B 403 45.27 -4.73 1.65
C VAL B 403 44.27 -4.83 2.80
N GLY B 404 43.01 -5.10 2.47
CA GLY B 404 42.01 -5.18 3.51
C GLY B 404 41.96 -6.52 4.21
N ARG B 405 42.18 -6.51 5.53
CA ARG B 405 41.93 -7.72 6.31
C ARG B 405 40.46 -8.10 6.20
N GLY B 406 39.60 -7.13 5.98
CA GLY B 406 38.17 -7.38 5.92
C GLY B 406 37.62 -7.22 4.53
N ALA B 407 36.62 -6.36 4.37
CA ALA B 407 36.00 -6.20 3.07
C ALA B 407 36.89 -5.37 2.15
N GLN B 408 36.76 -5.62 0.86
CA GLN B 408 37.47 -4.77 -0.10
C GLN B 408 36.87 -4.86 -1.50
N ILE B 409 35.87 -5.71 -1.68
CA ILE B 409 35.22 -5.86 -2.98
C ILE B 409 33.89 -5.13 -2.97
N VAL B 410 33.49 -4.62 -4.14
CA VAL B 410 32.15 -4.07 -4.36
C VAL B 410 31.50 -4.93 -5.43
N ASN B 411 30.43 -5.64 -5.08
CA ASN B 411 29.75 -6.49 -6.05
C ASN B 411 28.52 -5.74 -6.55
N GLY B 412 28.69 -5.02 -7.66
CA GLY B 412 27.60 -4.34 -8.33
C GLY B 412 27.59 -2.85 -8.06
N CYS B 413 28.16 -2.07 -8.98
CA CYS B 413 28.45 -0.67 -8.71
C CYS B 413 27.34 0.28 -9.12
N ILE B 414 26.51 -0.11 -10.10
CA ILE B 414 25.47 0.79 -10.59
C ILE B 414 24.49 1.11 -9.47
N ASN B 415 24.35 2.40 -9.14
CA ASN B 415 23.50 2.90 -8.07
C ASN B 415 23.98 2.50 -6.70
N ASN B 416 25.18 1.97 -6.59
CA ASN B 416 25.70 1.49 -5.32
C ASN B 416 26.19 2.67 -4.49
N PRO B 417 25.72 2.82 -3.24
CA PRO B 417 26.17 3.96 -2.43
C PRO B 417 27.68 4.01 -2.30
N VAL B 418 28.36 2.87 -2.36
CA VAL B 418 29.82 2.89 -2.31
C VAL B 418 30.38 3.61 -3.54
N ALA B 419 29.82 3.33 -4.72
CA ALA B 419 30.27 4.02 -5.93
C ALA B 419 30.09 5.52 -5.82
N LEU B 420 28.94 5.95 -5.29
CA LEU B 420 28.70 7.37 -5.05
C LEU B 420 29.77 7.97 -4.15
N MET B 421 30.01 7.36 -2.99
CA MET B 421 31.03 7.87 -2.09
C MET B 421 32.40 7.88 -2.74
N CYS B 422 32.70 6.88 -3.58
CA CYS B 422 33.97 6.88 -4.30
C CYS B 422 34.04 8.06 -5.26
N GLU B 423 32.91 8.40 -5.87
CA GLU B 423 32.85 9.62 -6.68
C GLU B 423 33.09 10.86 -5.83
N GLN B 424 32.49 10.89 -4.63
CA GLN B 424 32.61 12.05 -3.75
C GLN B 424 34.02 12.27 -3.25
N LEU B 425 34.86 11.23 -3.26
CA LEU B 425 36.24 11.31 -2.82
C LEU B 425 37.23 11.36 -3.97
N GLY B 426 36.81 11.01 -5.18
CA GLY B 426 37.70 10.98 -6.31
C GLY B 426 38.63 9.80 -6.34
N ILE B 427 38.17 8.63 -5.88
CA ILE B 427 38.96 7.41 -5.89
C ILE B 427 38.42 6.50 -6.98
N SER B 428 39.32 5.91 -7.76
CA SER B 428 38.94 4.96 -8.79
C SER B 428 38.80 3.57 -8.19
N MET B 429 37.95 2.76 -8.81
CA MET B 429 37.82 1.35 -8.49
C MET B 429 38.34 0.54 -9.67
N HIS B 430 38.82 -0.67 -9.39
CA HIS B 430 39.32 -1.55 -10.44
C HIS B 430 38.24 -2.56 -10.80
N LYS B 431 37.68 -2.45 -12.00
CA LYS B 431 36.77 -3.47 -12.49
C LYS B 431 37.53 -4.79 -12.64
N PHE B 432 37.03 -5.85 -12.01
CA PHE B 432 37.63 -7.16 -12.16
C PHE B 432 37.53 -7.64 -13.60
N GLY B 433 38.54 -8.36 -14.06
CA GLY B 433 38.50 -8.97 -15.37
C GLY B 433 37.83 -10.32 -15.32
N GLU B 434 37.74 -10.95 -16.49
CA GLU B 434 36.95 -12.16 -16.64
C GLU B 434 37.76 -13.43 -16.43
N ARG B 435 39.02 -13.45 -16.89
CA ARG B 435 39.80 -14.68 -16.86
C ARG B 435 40.12 -15.05 -15.42
N CYS B 436 39.90 -16.33 -15.08
CA CYS B 436 40.30 -16.88 -13.80
C CYS B 436 40.62 -18.37 -14.01
N ASP B 437 41.83 -18.62 -14.54
CA ASP B 437 42.30 -19.98 -14.79
C ASP B 437 42.23 -20.82 -13.52
N LEU B 438 41.94 -22.11 -13.68
CA LEU B 438 41.88 -23.03 -12.55
C LEU B 438 43.13 -23.88 -12.61
N ILE B 439 44.11 -23.52 -11.78
CA ILE B 439 45.38 -24.23 -11.78
C ILE B 439 45.27 -25.43 -10.84
N GLN B 440 45.63 -26.60 -11.35
CA GLN B 440 45.64 -27.80 -10.53
C GLN B 440 46.96 -27.91 -9.78
N GLU B 441 46.90 -28.48 -8.58
CA GLU B 441 48.12 -28.85 -7.89
C GLU B 441 48.93 -29.78 -8.77
N GLY B 442 50.21 -29.47 -8.96
CA GLY B 442 51.02 -30.11 -9.96
C GLY B 442 51.37 -29.18 -11.10
N GLY B 443 50.54 -28.17 -11.35
CA GLY B 443 50.85 -27.08 -12.23
C GLY B 443 50.06 -27.03 -13.51
N ARG B 444 49.39 -28.12 -13.90
CA ARG B 444 48.59 -28.11 -15.12
C ARG B 444 47.43 -27.11 -14.99
N ILE B 445 47.13 -26.41 -16.07
CA ILE B 445 46.05 -25.43 -16.08
C ILE B 445 44.83 -26.08 -16.72
N THR B 446 43.72 -26.05 -16.01
CA THR B 446 42.51 -26.69 -16.50
C THR B 446 42.03 -25.97 -17.75
N ASP B 447 41.61 -26.73 -18.75
CA ASP B 447 40.99 -26.13 -19.92
C ASP B 447 39.77 -25.34 -19.50
N PRO B 448 39.66 -24.06 -19.87
CA PRO B 448 38.49 -23.26 -19.43
C PRO B 448 37.16 -23.91 -19.77
N THR B 449 37.13 -24.85 -20.70
CA THR B 449 35.89 -25.55 -20.99
C THR B 449 35.49 -26.47 -19.85
N ILE B 450 36.44 -27.26 -19.33
CA ILE B 450 36.19 -28.10 -18.15
C ILE B 450 35.63 -27.25 -17.01
N ASP B 451 36.26 -26.10 -16.76
CA ASP B 451 35.73 -25.12 -15.82
C ASP B 451 34.26 -24.86 -16.15
N LYS B 452 34.00 -24.27 -17.32
CA LYS B 452 32.65 -23.81 -17.64
C LYS B 452 31.65 -24.97 -17.69
N ARG B 453 32.08 -26.14 -18.15
CA ARG B 453 31.14 -27.26 -18.26
C ARG B 453 30.71 -27.79 -16.90
N MET B 454 31.65 -27.85 -15.94
CA MET B 454 31.29 -28.27 -14.59
C MET B 454 30.53 -27.19 -13.84
N ASP B 455 30.78 -25.93 -14.18
CA ASP B 455 29.95 -24.84 -13.66
C ASP B 455 28.52 -24.96 -14.19
N PHE B 456 28.37 -25.48 -15.40
CA PHE B 456 27.03 -25.78 -15.90
C PHE B 456 26.35 -26.81 -15.02
N HIS B 457 27.03 -27.91 -14.73
CA HIS B 457 26.41 -28.97 -13.94
C HIS B 457 26.15 -28.53 -12.53
N PHE B 458 27.03 -27.69 -11.98
CA PHE B 458 26.78 -27.14 -10.66
C PHE B 458 25.48 -26.36 -10.63
N ASN B 459 25.27 -25.50 -11.64
CA ASN B 459 24.06 -24.69 -11.60
C ASN B 459 22.83 -25.54 -11.89
N ALA B 460 22.97 -26.57 -12.72
CA ALA B 460 21.85 -27.49 -12.92
C ALA B 460 21.41 -28.07 -11.60
N LEU B 461 22.35 -28.38 -10.71
CA LEU B 461 21.99 -28.89 -9.39
C LEU B 461 21.14 -27.88 -8.63
N LEU B 462 21.54 -26.61 -8.66
CA LEU B 462 20.80 -25.60 -7.91
C LEU B 462 19.43 -25.35 -8.52
N ASP B 463 19.30 -25.46 -9.84
CA ASP B 463 18.00 -25.36 -10.49
C ASP B 463 17.05 -26.43 -9.99
N VAL B 464 17.53 -27.68 -9.89
CA VAL B 464 16.72 -28.73 -9.29
C VAL B 464 16.38 -28.37 -7.84
N VAL B 465 17.32 -27.77 -7.12
CA VAL B 465 17.02 -27.34 -5.75
C VAL B 465 15.91 -26.31 -5.75
N SER B 466 15.91 -25.42 -6.75
CA SER B 466 14.95 -24.32 -6.81
C SER B 466 13.57 -24.78 -7.26
N GLU B 467 13.49 -25.87 -8.01
CA GLU B 467 12.19 -26.49 -8.29
C GLU B 467 11.66 -27.22 -7.08
N TRP B 468 12.55 -27.96 -6.41
CA TRP B 468 12.18 -28.75 -5.25
C TRP B 468 11.52 -27.89 -4.16
N ARG B 469 12.12 -26.73 -3.86
CA ARG B 469 11.66 -25.94 -2.73
C ARG B 469 10.36 -25.20 -3.00
N LYS B 470 9.83 -25.25 -4.22
CA LYS B 470 8.76 -24.34 -4.62
C LYS B 470 7.52 -24.52 -3.75
N ASP B 471 7.20 -25.75 -3.38
CA ASP B 471 6.00 -26.03 -2.60
C ASP B 471 6.29 -26.25 -1.12
N LYS B 472 7.52 -25.98 -0.67
CA LYS B 472 7.99 -26.42 0.64
C LYS B 472 7.98 -25.30 1.68
N THR B 473 7.73 -25.69 2.93
CA THR B 473 7.63 -24.78 4.07
C THR B 473 8.90 -24.82 4.89
N GLN B 474 9.05 -23.83 5.78
CA GLN B 474 10.22 -23.78 6.66
C GLN B 474 10.40 -25.07 7.43
N LEU B 475 9.31 -25.66 7.90
CA LEU B 475 9.43 -26.91 8.64
C LEU B 475 9.85 -28.05 7.71
N GLN B 476 9.62 -27.92 6.40
CA GLN B 476 10.06 -28.90 5.42
C GLN B 476 11.46 -28.63 4.88
N ASP B 477 12.17 -27.64 5.41
CA ASP B 477 13.49 -27.28 4.89
C ASP B 477 14.48 -28.41 5.13
N VAL B 478 15.57 -28.37 4.37
CA VAL B 478 16.58 -29.43 4.32
C VAL B 478 17.90 -28.73 4.03
N PRO B 479 19.03 -29.16 4.58
CA PRO B 479 20.29 -28.48 4.28
C PRO B 479 20.62 -28.48 2.78
N LEU B 480 21.07 -27.33 2.30
CA LEU B 480 21.35 -27.15 0.88
C LEU B 480 22.37 -28.17 0.39
N GLY B 481 23.47 -28.32 1.13
CA GLY B 481 24.48 -29.28 0.74
C GLY B 481 23.94 -30.69 0.67
N GLU B 482 22.94 -30.98 1.49
CA GLU B 482 22.35 -32.32 1.49
C GLU B 482 21.49 -32.53 0.25
N LYS B 483 20.60 -31.59 -0.07
CA LYS B 483 19.83 -31.72 -1.31
C LYS B 483 20.74 -31.87 -2.51
N ILE B 484 21.79 -31.05 -2.58
CA ILE B 484 22.71 -31.12 -3.71
C ILE B 484 23.29 -32.51 -3.84
N GLU B 485 23.91 -33.03 -2.78
CA GLU B 485 24.50 -34.36 -2.87
C GLU B 485 23.46 -35.38 -3.31
N GLU B 486 22.21 -35.21 -2.89
CA GLU B 486 21.19 -36.19 -3.21
C GLU B 486 20.67 -36.03 -4.63
N ILE B 487 20.54 -34.79 -5.10
CA ILE B 487 20.22 -34.55 -6.50
C ILE B 487 21.34 -35.04 -7.40
N TYR B 488 22.59 -34.88 -6.93
CA TYR B 488 23.73 -35.30 -7.73
C TYR B 488 23.80 -36.81 -7.86
N LYS B 489 23.57 -37.54 -6.77
CA LYS B 489 23.59 -39.00 -6.87
C LYS B 489 22.46 -39.52 -7.73
N ALA B 490 21.27 -38.94 -7.61
CA ALA B 490 20.17 -39.30 -8.50
C ALA B 490 20.55 -39.07 -9.96
N PHE B 491 21.29 -37.99 -10.23
CA PHE B 491 21.71 -37.69 -11.58
C PHE B 491 22.70 -38.74 -12.11
N ILE B 492 23.64 -39.17 -11.28
CA ILE B 492 24.63 -40.15 -11.75
C ILE B 492 23.97 -41.50 -11.99
N LYS B 493 22.93 -41.84 -11.22
CA LYS B 493 22.28 -43.13 -11.41
C LYS B 493 21.41 -43.12 -12.67
N GLU B 494 20.57 -42.11 -12.83
CA GLU B 494 19.65 -42.07 -13.97
C GLU B 494 20.39 -41.84 -15.29
N SER B 495 21.54 -41.17 -15.26
CA SER B 495 22.27 -40.84 -16.48
C SER B 495 23.42 -41.79 -16.78
N GLY B 496 23.84 -42.60 -15.82
CA GLY B 496 24.94 -43.52 -16.03
C GLY B 496 26.27 -42.83 -16.27
N ILE B 497 26.33 -41.51 -16.00
CA ILE B 497 27.53 -40.74 -16.28
C ILE B 497 28.62 -41.10 -15.28
N GLN B 498 29.86 -41.13 -15.76
CA GLN B 498 31.05 -41.27 -14.92
C GLN B 498 31.89 -40.03 -15.17
N PHE B 499 31.87 -39.08 -14.23
CA PHE B 499 32.75 -37.93 -14.34
C PHE B 499 34.19 -38.34 -14.05
N SER B 500 35.12 -37.63 -14.68
CA SER B 500 36.52 -37.92 -14.43
C SER B 500 36.98 -37.22 -13.16
N GLU B 501 38.13 -37.67 -12.65
CA GLU B 501 38.67 -37.15 -11.40
C GLU B 501 38.80 -35.63 -11.45
N LEU B 502 39.41 -35.11 -12.50
CA LEU B 502 39.55 -33.66 -12.63
C LEU B 502 38.18 -32.99 -12.62
N GLU B 503 37.25 -33.50 -13.44
CA GLU B 503 35.89 -32.95 -13.48
C GLU B 503 35.30 -32.87 -12.08
N GLY B 504 35.42 -33.95 -11.30
CA GLY B 504 34.89 -33.94 -9.94
C GLY B 504 35.60 -32.92 -9.06
N GLN B 505 36.92 -32.84 -9.16
CA GLN B 505 37.68 -31.83 -8.44
C GLN B 505 37.27 -30.43 -8.85
N VAL B 506 37.01 -30.22 -10.16
CA VAL B 506 36.57 -28.92 -10.64
C VAL B 506 35.16 -28.62 -10.16
N LEU B 507 34.30 -29.63 -10.11
CA LEU B 507 33.00 -29.44 -9.47
C LEU B 507 33.19 -28.93 -8.05
N GLN B 508 34.07 -29.59 -7.30
CA GLN B 508 34.32 -29.19 -5.92
C GLN B 508 34.79 -27.75 -5.83
N PHE B 509 35.56 -27.30 -6.81
CA PHE B 509 35.93 -25.88 -6.82
C PHE B 509 34.69 -25.01 -6.85
N HIS B 510 33.73 -25.31 -7.73
CA HIS B 510 32.55 -24.46 -7.82
C HIS B 510 31.67 -24.58 -6.59
N LEU B 511 31.50 -25.81 -6.10
CA LEU B 511 30.82 -26.01 -4.83
C LEU B 511 31.46 -25.16 -3.73
N SER B 512 32.78 -24.99 -3.78
CA SER B 512 33.44 -24.23 -2.73
C SER B 512 33.13 -22.75 -2.85
N ASN B 513 32.88 -22.24 -4.05
CA ASN B 513 32.62 -20.81 -4.13
C ASN B 513 31.26 -20.46 -3.56
N LEU B 514 30.30 -21.40 -3.61
CA LEU B 514 29.05 -21.16 -2.92
C LEU B 514 29.24 -21.18 -1.42
N GLU B 515 30.06 -22.11 -0.90
CA GLU B 515 30.42 -22.08 0.52
C GLU B 515 31.11 -20.76 0.89
N TYR B 516 32.04 -20.32 0.06
CA TYR B 516 32.62 -18.99 0.21
C TYR B 516 31.54 -17.91 0.23
N ALA B 517 30.58 -17.98 -0.68
CA ALA B 517 29.58 -16.92 -0.77
C ALA B 517 28.62 -16.93 0.41
N CYS B 518 28.34 -18.11 0.97
CA CYS B 518 27.48 -18.23 2.13
C CYS B 518 28.22 -18.06 3.45
N GLY B 519 29.54 -18.10 3.44
CA GLY B 519 30.25 -18.05 4.70
C GLY B 519 30.13 -19.32 5.51
N SER B 520 29.80 -20.43 4.86
CA SER B 520 29.52 -21.65 5.60
C SER B 520 29.65 -22.88 4.70
N ASN B 521 29.97 -24.01 5.31
CA ASN B 521 29.78 -25.28 4.65
C ASN B 521 28.33 -25.40 4.21
N LEU B 522 28.09 -26.03 3.07
CA LEU B 522 26.73 -26.02 2.58
C LEU B 522 25.77 -26.86 3.42
N HIS B 523 26.24 -27.59 4.42
CA HIS B 523 25.32 -28.39 5.22
C HIS B 523 24.70 -27.65 6.39
N GLN B 524 25.02 -26.37 6.58
CA GLN B 524 24.29 -25.51 7.50
C GLN B 524 23.34 -24.56 6.78
N VAL B 525 23.44 -24.46 5.44
CA VAL B 525 22.74 -23.44 4.65
C VAL B 525 21.37 -23.97 4.26
N SER B 526 20.40 -23.07 4.18
CA SER B 526 19.02 -23.45 3.88
C SER B 526 18.85 -23.73 2.40
N ALA B 527 18.35 -24.92 2.07
CA ALA B 527 18.01 -25.16 0.68
C ALA B 527 16.92 -24.20 0.20
N ARG B 528 15.90 -23.96 1.04
CA ARG B 528 14.83 -23.05 0.66
C ARG B 528 15.33 -21.62 0.46
N SER B 529 16.16 -21.12 1.38
CA SER B 529 16.35 -19.69 1.51
C SER B 529 17.77 -19.21 1.26
N TRP B 530 18.67 -20.06 0.74
CA TRP B 530 20.07 -19.65 0.66
C TRP B 530 20.25 -18.42 -0.23
N ASP B 531 19.46 -18.31 -1.29
CA ASP B 531 19.54 -17.20 -2.22
C ASP B 531 18.32 -16.29 -2.14
N HIS B 532 17.67 -16.25 -0.96
CA HIS B 532 16.40 -15.54 -0.78
C HIS B 532 16.45 -14.11 -1.31
N ASN B 533 17.57 -13.41 -1.13
CA ASN B 533 17.64 -12.00 -1.47
C ASN B 533 17.61 -11.75 -2.97
N GLU B 534 17.84 -12.79 -3.78
CA GLU B 534 17.75 -12.67 -5.22
C GLU B 534 16.35 -12.34 -5.71
N PHE B 535 15.33 -12.51 -4.86
CA PHE B 535 13.97 -12.11 -5.23
C PHE B 535 13.87 -10.61 -5.49
N PHE B 536 14.75 -9.81 -4.89
CA PHE B 536 14.75 -8.37 -5.03
C PHE B 536 15.80 -7.94 -6.05
N ALA B 537 15.57 -6.78 -6.66
CA ALA B 537 16.55 -6.25 -7.60
C ALA B 537 17.92 -6.15 -6.93
N GLN B 538 18.92 -6.69 -7.60
CA GLN B 538 20.30 -6.64 -7.13
C GLN B 538 21.05 -5.52 -7.85
N PHE B 539 22.26 -5.25 -7.37
CA PHE B 539 23.08 -4.16 -7.91
C PHE B 539 23.73 -4.60 -9.22
N ALA B 540 23.30 -4.00 -10.32
CA ALA B 540 23.85 -4.27 -11.62
C ALA B 540 25.26 -3.66 -11.77
N GLY B 541 25.98 -4.12 -12.79
CA GLY B 541 27.23 -3.50 -13.18
C GLY B 541 28.47 -4.11 -12.54
N ASP B 542 29.53 -3.31 -12.59
CA ASP B 542 30.88 -3.82 -12.33
C ASP B 542 31.05 -4.34 -10.91
N HIS B 543 31.70 -5.50 -10.79
CA HIS B 543 32.30 -5.94 -9.54
C HIS B 543 33.71 -5.40 -9.50
N THR B 544 34.02 -4.58 -8.51
CA THR B 544 35.31 -3.94 -8.49
C THR B 544 36.08 -4.30 -7.24
N LEU B 545 37.41 -4.19 -7.33
CA LEU B 545 38.28 -4.16 -6.17
C LEU B 545 38.45 -2.71 -5.77
N LEU B 546 38.00 -2.36 -4.57
CA LEU B 546 38.14 -0.99 -4.08
C LEU B 546 39.60 -0.77 -3.71
N THR B 547 40.34 -0.08 -4.56
CA THR B 547 41.80 -0.10 -4.51
C THR B 547 42.38 0.66 -3.32
N PRO B 548 41.89 1.85 -2.98
CA PRO B 548 42.36 2.48 -1.72
C PRO B 548 41.83 1.79 -0.48
N GLY B 549 40.92 0.83 -0.62
CA GLY B 549 40.35 0.12 0.50
C GLY B 549 39.11 0.79 1.06
N TYR B 550 38.25 -0.03 1.66
CA TYR B 550 37.05 0.55 2.26
C TYR B 550 37.37 1.49 3.42
N SER B 551 38.58 1.44 3.97
CA SER B 551 38.88 2.31 5.10
C SER B 551 38.86 3.78 4.74
N VAL B 552 39.05 4.12 3.46
CA VAL B 552 39.00 5.53 3.07
C VAL B 552 37.59 6.07 3.24
N ILE B 553 36.58 5.24 2.96
CA ILE B 553 35.20 5.68 3.12
C ILE B 553 34.86 5.70 4.61
N ILE B 554 35.19 4.62 5.32
CA ILE B 554 34.93 4.51 6.75
C ILE B 554 35.54 5.69 7.51
N GLU B 555 36.79 6.03 7.17
CA GLU B 555 37.45 7.12 7.88
C GLU B 555 36.82 8.47 7.57
N LYS B 556 36.42 8.69 6.32
CA LYS B 556 35.78 9.96 5.98
C LYS B 556 34.43 10.11 6.68
N LEU B 557 33.66 9.02 6.76
CA LEU B 557 32.36 9.07 7.42
C LEU B 557 32.47 9.49 8.88
N ALA B 558 33.47 8.95 9.59
CA ALA B 558 33.62 9.18 11.01
C ALA B 558 34.28 10.52 11.33
N GLU B 559 34.69 11.28 10.31
CA GLU B 559 35.48 12.50 10.51
C GLU B 559 34.77 13.49 11.43
N GLY B 560 35.36 13.75 12.59
CA GLY B 560 34.84 14.76 13.49
C GLY B 560 33.58 14.41 14.24
N LEU B 561 33.25 13.13 14.37
CA LEU B 561 32.07 12.70 15.10
C LEU B 561 32.46 12.31 16.52
N ASP B 562 31.48 12.37 17.41
CA ASP B 562 31.67 11.98 18.80
C ASP B 562 31.79 10.47 18.89
N ILE B 563 33.01 9.94 18.83
CA ILE B 563 33.24 8.50 18.84
C ILE B 563 34.09 8.14 20.05
N GLN B 564 33.57 7.24 20.88
CA GLN B 564 34.29 6.73 22.05
C GLN B 564 34.81 5.34 21.73
N LEU B 565 36.12 5.22 21.54
CA LEU B 565 36.72 3.92 21.34
C LEU B 565 36.89 3.21 22.68
N LYS B 566 37.25 1.93 22.62
CA LYS B 566 37.44 1.10 23.81
C LYS B 566 36.29 1.29 24.79
N SER B 567 35.07 1.11 24.30
CA SER B 567 33.85 1.40 25.07
C SER B 567 32.81 0.33 24.77
N PRO B 568 33.11 -0.93 25.10
CA PRO B 568 32.18 -2.01 24.76
C PRO B 568 30.91 -1.92 25.59
N VAL B 569 29.78 -1.74 24.92
CA VAL B 569 28.50 -1.67 25.61
C VAL B 569 28.22 -3.01 26.28
N GLN B 570 27.62 -2.95 27.46
CA GLN B 570 27.25 -4.14 28.22
C GLN B 570 25.76 -4.21 28.53
N CYS B 571 25.08 -3.08 28.65
CA CYS B 571 23.68 -3.07 29.05
C CYS B 571 22.94 -1.93 28.36
N ILE B 572 21.67 -2.17 28.04
CA ILE B 572 20.77 -1.15 27.50
C ILE B 572 19.47 -1.19 28.29
N ASP B 573 19.25 -0.19 29.16
CA ASP B 573 17.97 -0.01 29.83
C ASP B 573 17.14 0.98 29.03
N TYR B 574 15.98 0.55 28.55
CA TYR B 574 15.11 1.44 27.78
C TYR B 574 13.71 1.39 28.37
N SER B 575 13.27 2.54 28.91
CA SER B 575 11.97 2.65 29.55
C SER B 575 11.02 3.50 28.71
N GLY B 576 10.81 3.10 27.46
CA GLY B 576 9.83 3.74 26.58
C GLY B 576 10.21 5.05 25.93
N ASP B 577 10.68 6.02 26.72
CA ASP B 577 11.16 7.30 26.23
C ASP B 577 12.66 7.45 26.36
N GLU B 578 13.25 6.95 27.45
CA GLU B 578 14.66 7.11 27.75
C GLU B 578 15.44 5.86 27.37
N VAL B 579 16.77 6.02 27.32
CA VAL B 579 17.71 4.92 27.16
C VAL B 579 18.89 5.17 28.08
N GLN B 580 19.44 4.09 28.65
CA GLN B 580 20.60 4.16 29.53
C GLN B 580 21.59 3.08 29.12
N VAL B 581 22.65 3.49 28.42
CA VAL B 581 23.66 2.58 27.88
C VAL B 581 24.83 2.50 28.85
N THR B 582 25.28 1.29 29.15
CA THR B 582 26.38 1.07 30.10
C THR B 582 27.48 0.25 29.45
N THR B 583 28.70 0.78 29.46
CA THR B 583 29.87 0.03 29.00
C THR B 583 30.26 -1.01 30.05
N THR B 584 31.27 -1.83 29.74
CA THR B 584 31.62 -2.94 30.62
C THR B 584 32.30 -2.51 31.91
N ASP B 585 32.63 -1.23 32.08
CA ASP B 585 33.21 -0.74 33.32
C ASP B 585 32.28 0.20 34.09
N GLY B 586 31.01 0.25 33.71
CA GLY B 586 30.03 1.05 34.42
C GLY B 586 29.94 2.50 33.98
N THR B 587 30.62 2.90 32.90
CA THR B 587 30.42 4.23 32.35
C THR B 587 29.02 4.31 31.77
N GLY B 588 28.26 5.32 32.16
CA GLY B 588 26.88 5.48 31.74
C GLY B 588 26.74 6.57 30.69
N TYR B 589 25.95 6.28 29.66
CA TYR B 589 25.55 7.26 28.66
C TYR B 589 24.03 7.23 28.55
N SER B 590 23.41 8.40 28.52
CA SER B 590 21.97 8.50 28.36
C SER B 590 21.61 9.14 27.02
N ALA B 591 20.48 8.74 26.47
CA ALA B 591 19.92 9.38 25.29
C ALA B 591 18.50 8.89 25.12
N GLN B 592 17.77 9.55 24.21
CA GLN B 592 16.37 9.23 23.98
C GLN B 592 16.18 7.98 23.14
N LYS B 593 17.11 7.71 22.22
CA LYS B 593 17.03 6.59 21.31
C LYS B 593 18.42 5.98 21.11
N VAL B 594 18.48 4.66 20.96
CA VAL B 594 19.75 3.95 20.80
C VAL B 594 19.67 3.04 19.57
N LEU B 595 20.79 2.91 18.87
CA LEU B 595 20.85 2.17 17.62
C LEU B 595 21.91 1.08 17.75
N VAL B 596 21.47 -0.18 17.72
CA VAL B 596 22.34 -1.33 17.88
C VAL B 596 22.76 -1.82 16.50
N THR B 597 24.08 -1.90 16.26
CA THR B 597 24.59 -2.37 14.98
C THR B 597 25.68 -3.42 15.15
N VAL B 598 25.71 -4.13 16.29
CA VAL B 598 26.74 -5.14 16.59
C VAL B 598 26.54 -6.33 15.67
N PRO B 599 27.58 -7.12 15.39
CA PRO B 599 27.41 -8.24 14.46
C PRO B 599 26.37 -9.25 14.94
N LEU B 600 25.84 -10.02 13.98
CA LEU B 600 24.84 -11.03 14.29
C LEU B 600 25.31 -11.97 15.41
N ALA B 601 26.58 -12.41 15.35
CA ALA B 601 27.06 -13.37 16.34
C ALA B 601 27.06 -12.78 17.74
N LEU B 602 27.30 -11.47 17.87
CA LEU B 602 27.34 -10.88 19.19
C LEU B 602 25.94 -10.86 19.80
N LEU B 603 24.92 -10.60 18.97
CA LEU B 603 23.55 -10.74 19.44
C LEU B 603 23.26 -12.17 19.82
N GLN B 604 23.69 -13.12 18.99
CA GLN B 604 23.43 -14.52 19.27
C GLN B 604 24.02 -14.94 20.61
N LYS B 605 25.24 -14.50 20.91
CA LYS B 605 25.91 -14.75 22.18
C LYS B 605 25.33 -13.96 23.34
N GLY B 606 24.34 -13.10 23.08
CA GLY B 606 23.75 -12.27 24.13
C GLY B 606 24.76 -11.44 24.87
N ALA B 607 25.75 -10.89 24.16
CA ALA B 607 26.83 -10.15 24.81
C ALA B 607 26.35 -8.86 25.45
N ILE B 608 25.28 -8.28 24.92
CA ILE B 608 24.67 -7.10 25.51
C ILE B 608 23.39 -7.53 26.21
N GLN B 609 23.27 -7.15 27.48
CA GLN B 609 22.05 -7.41 28.23
C GLN B 609 21.04 -6.32 27.88
N PHE B 610 19.89 -6.73 27.35
CA PHE B 610 18.78 -5.83 27.03
C PHE B 610 17.77 -5.83 28.17
N ASN B 611 17.30 -4.65 28.57
CA ASN B 611 16.24 -4.61 29.58
C ASN B 611 15.24 -3.48 29.29
N PRO B 612 13.97 -3.82 28.97
CA PRO B 612 13.41 -5.18 28.91
C PRO B 612 14.05 -6.06 27.82
N PRO B 613 14.07 -7.37 28.05
CA PRO B 613 14.79 -8.26 27.12
C PRO B 613 14.15 -8.30 25.74
N LEU B 614 14.98 -8.62 24.76
CA LEU B 614 14.48 -8.73 23.39
C LEU B 614 13.36 -9.76 23.32
N SER B 615 12.39 -9.48 22.46
CA SER B 615 11.20 -10.32 22.35
C SER B 615 11.57 -11.71 21.85
N GLU B 616 10.75 -12.69 22.22
CA GLU B 616 10.96 -14.05 21.73
C GLU B 616 10.99 -14.09 20.21
N LYS B 617 10.19 -13.23 19.55
CA LYS B 617 10.14 -13.20 18.09
C LYS B 617 11.46 -12.71 17.50
N LYS B 618 12.07 -11.69 18.11
CA LYS B 618 13.38 -11.26 17.60
C LYS B 618 14.42 -12.34 17.84
N MET B 619 14.41 -12.94 19.03
CA MET B 619 15.40 -13.98 19.35
C MET B 619 15.32 -15.14 18.37
N LYS B 620 14.10 -15.56 18.00
CA LYS B 620 13.98 -16.67 17.06
C LYS B 620 14.63 -16.31 15.73
N ALA B 621 14.43 -15.07 15.31
CA ALA B 621 14.97 -14.63 14.02
C ALA B 621 16.47 -14.55 14.08
N ILE B 622 17.01 -13.90 15.12
CA ILE B 622 18.45 -13.85 15.33
C ILE B 622 19.04 -15.24 15.27
N ASN B 623 18.44 -16.18 15.97
CA ASN B 623 18.96 -17.54 16.01
C ASN B 623 18.67 -18.34 14.74
N SER B 624 17.83 -17.84 13.83
CA SER B 624 17.59 -18.55 12.58
C SER B 624 18.64 -18.26 11.52
N LEU B 625 19.41 -17.18 11.68
CA LEU B 625 20.45 -16.80 10.75
C LEU B 625 21.77 -17.40 11.18
N GLY B 626 22.60 -17.73 10.20
CA GLY B 626 23.91 -18.30 10.48
C GLY B 626 24.97 -17.22 10.57
N ALA B 627 25.93 -17.42 11.48
CA ALA B 627 27.07 -16.52 11.59
C ALA B 627 28.17 -17.02 10.67
N GLY B 628 28.04 -16.71 9.39
CA GLY B 628 28.98 -17.20 8.40
C GLY B 628 30.38 -16.65 8.61
N ILE B 629 31.37 -17.46 8.24
CA ILE B 629 32.77 -17.13 8.49
C ILE B 629 33.63 -17.51 7.28
N ILE B 630 34.55 -16.60 6.94
CA ILE B 630 35.68 -16.87 6.06
C ILE B 630 36.88 -16.18 6.70
N GLU B 631 38.08 -16.55 6.24
CA GLU B 631 39.30 -15.92 6.69
C GLU B 631 40.18 -15.61 5.47
N LYS B 632 40.93 -14.51 5.57
CA LYS B 632 41.80 -14.06 4.50
C LYS B 632 43.27 -14.18 4.91
N ILE B 633 44.13 -14.40 3.91
CA ILE B 633 45.58 -14.38 4.11
C ILE B 633 46.21 -13.55 3.00
N ALA B 634 47.15 -12.69 3.38
CA ALA B 634 47.91 -11.88 2.45
C ALA B 634 49.39 -12.30 2.47
N LEU B 635 50.02 -12.31 1.31
CA LEU B 635 51.42 -12.70 1.17
C LEU B 635 52.13 -11.70 0.27
N GLN B 636 53.27 -11.17 0.72
CA GLN B 636 54.11 -10.29 -0.09
C GLN B 636 55.35 -11.06 -0.55
N PHE B 637 55.83 -10.73 -1.74
CA PHE B 637 56.93 -11.44 -2.36
C PHE B 637 58.00 -10.51 -2.92
N PRO B 638 59.20 -11.03 -3.18
CA PRO B 638 60.24 -10.18 -3.80
C PRO B 638 59.94 -9.80 -5.24
N TYR B 639 59.20 -10.64 -5.97
CA TYR B 639 58.89 -10.36 -7.35
C TYR B 639 57.60 -11.10 -7.70
N ARG B 640 57.09 -10.85 -8.91
CA ARG B 640 55.76 -11.35 -9.29
C ARG B 640 55.93 -12.69 -10.02
N PHE B 641 56.18 -13.74 -9.22
CA PHE B 641 56.50 -15.04 -9.79
C PHE B 641 55.36 -15.62 -10.63
N TRP B 642 54.14 -15.14 -10.45
CA TRP B 642 53.03 -15.69 -11.20
C TRP B 642 52.84 -15.03 -12.57
N ASP B 643 53.56 -13.94 -12.86
CA ASP B 643 53.28 -13.16 -14.06
C ASP B 643 53.47 -13.97 -15.33
N SER B 644 54.31 -15.01 -15.28
CA SER B 644 54.51 -15.81 -16.48
C SER B 644 53.27 -16.64 -16.78
N LYS B 645 52.71 -17.28 -15.77
CA LYS B 645 51.62 -18.24 -15.92
C LYS B 645 50.26 -17.58 -15.89
N VAL B 646 50.11 -16.50 -15.13
CA VAL B 646 48.82 -15.86 -14.95
C VAL B 646 48.52 -14.84 -16.05
N GLN B 647 49.55 -14.28 -16.69
CA GLN B 647 49.42 -13.46 -17.91
C GLN B 647 48.55 -12.23 -17.68
N GLY B 648 48.49 -11.74 -16.44
CA GLY B 648 47.88 -10.47 -16.16
C GLY B 648 46.49 -10.53 -15.57
N ALA B 649 45.91 -11.72 -15.45
CA ALA B 649 44.62 -11.87 -14.81
C ALA B 649 44.65 -11.33 -13.39
N ASP B 650 43.47 -11.02 -12.86
CA ASP B 650 43.34 -10.50 -11.51
C ASP B 650 43.30 -11.58 -10.44
N PHE B 651 43.15 -12.84 -10.83
CA PHE B 651 43.06 -13.94 -9.90
C PHE B 651 43.29 -15.24 -10.64
N PHE B 652 43.56 -16.29 -9.87
CA PHE B 652 43.58 -17.65 -10.39
C PHE B 652 43.00 -18.57 -9.35
N GLY B 653 42.65 -19.77 -9.80
CA GLY B 653 41.97 -20.71 -8.95
C GLY B 653 42.85 -21.87 -8.55
N HIS B 654 42.46 -22.57 -7.49
CA HIS B 654 43.16 -23.73 -6.99
C HIS B 654 42.17 -24.88 -6.97
N VAL B 655 42.36 -25.83 -7.89
CA VAL B 655 41.52 -27.02 -7.95
C VAL B 655 41.79 -27.84 -6.70
N PRO B 656 40.78 -28.13 -5.89
CA PRO B 656 41.02 -28.87 -4.64
C PRO B 656 41.24 -30.34 -4.91
N PRO B 657 42.29 -30.94 -4.33
CA PRO B 657 42.52 -32.37 -4.51
C PRO B 657 41.38 -33.23 -3.97
N SER B 658 41.18 -33.23 -2.66
CA SER B 658 40.05 -33.91 -2.06
C SER B 658 38.90 -32.93 -1.85
N ALA B 659 37.69 -33.48 -1.67
CA ALA B 659 36.56 -32.66 -1.25
C ALA B 659 36.67 -32.23 0.20
N SER B 660 37.49 -32.93 1.00
CA SER B 660 37.89 -32.40 2.30
C SER B 660 38.66 -31.08 2.12
N LYS B 661 39.74 -31.11 1.33
CA LYS B 661 40.57 -29.94 1.11
C LYS B 661 39.83 -28.78 0.43
N ARG B 662 38.55 -28.98 0.14
CA ARG B 662 37.75 -27.97 -0.54
C ARG B 662 37.71 -26.65 0.24
N GLY B 663 37.94 -25.54 -0.47
CA GLY B 663 37.88 -24.23 0.14
C GLY B 663 39.13 -23.79 0.87
N LEU B 664 40.18 -24.60 0.84
CA LEU B 664 41.46 -24.24 1.46
C LEU B 664 42.29 -23.49 0.42
N PHE B 665 42.22 -22.15 0.45
CA PHE B 665 42.87 -21.29 -0.52
C PHE B 665 42.44 -21.65 -1.94
N ALA B 666 41.15 -21.46 -2.22
CA ALA B 666 40.63 -21.86 -3.52
C ALA B 666 40.85 -20.79 -4.59
N VAL B 667 40.96 -19.51 -4.20
CA VAL B 667 41.23 -18.43 -5.13
C VAL B 667 42.37 -17.58 -4.56
N PHE B 668 43.27 -17.12 -5.45
CA PHE B 668 44.30 -16.15 -5.10
C PHE B 668 44.06 -14.89 -5.90
N TYR B 669 44.12 -13.75 -5.24
CA TYR B 669 43.88 -12.44 -5.86
C TYR B 669 45.20 -11.70 -6.02
N ASP B 670 45.35 -11.02 -7.16
CA ASP B 670 46.49 -10.13 -7.40
C ASP B 670 46.10 -8.74 -6.91
N MET B 671 46.79 -8.25 -5.89
CA MET B 671 46.34 -7.06 -5.19
C MET B 671 46.79 -5.77 -5.83
N ASP B 672 47.67 -5.81 -6.83
CA ASP B 672 48.04 -4.57 -7.51
C ASP B 672 47.51 -4.61 -8.93
N PRO B 673 46.40 -3.94 -9.22
CA PRO B 673 45.88 -3.95 -10.60
C PRO B 673 46.85 -3.35 -11.59
N GLN B 674 47.75 -2.47 -11.13
CA GLN B 674 48.76 -1.90 -12.01
C GLN B 674 49.97 -2.80 -12.21
N LYS B 675 49.95 -4.01 -11.62
CA LYS B 675 50.90 -5.08 -11.95
C LYS B 675 52.34 -4.70 -11.64
N LYS B 676 52.57 -3.97 -10.55
CA LYS B 676 53.92 -3.55 -10.19
C LYS B 676 54.43 -4.17 -8.90
N HIS B 677 53.59 -4.37 -7.89
CA HIS B 677 54.02 -4.94 -6.62
C HIS B 677 53.62 -6.40 -6.52
N SER B 678 54.12 -7.06 -5.47
CA SER B 678 54.05 -8.52 -5.38
C SER B 678 53.26 -8.94 -4.13
N VAL B 679 51.92 -8.90 -4.22
CA VAL B 679 51.08 -9.23 -3.08
C VAL B 679 49.91 -10.08 -3.55
N LEU B 680 49.75 -11.26 -2.99
CA LEU B 680 48.57 -12.09 -3.23
C LEU B 680 47.77 -12.22 -1.95
N MET B 681 46.45 -12.14 -2.05
CA MET B 681 45.54 -12.44 -0.95
C MET B 681 44.75 -13.69 -1.35
N SER B 682 44.50 -14.57 -0.39
CA SER B 682 43.70 -15.77 -0.63
C SER B 682 42.73 -15.93 0.53
N VAL B 683 41.86 -16.94 0.45
CA VAL B 683 40.69 -17.05 1.31
C VAL B 683 40.50 -18.48 1.80
N ILE B 684 40.24 -18.63 3.09
CA ILE B 684 39.84 -19.89 3.70
C ILE B 684 38.34 -19.84 3.94
N ALA B 685 37.63 -20.91 3.59
CA ALA B 685 36.18 -20.89 3.70
C ALA B 685 35.65 -22.31 3.85
N GLY B 686 34.42 -22.40 4.33
CA GLY B 686 33.83 -23.71 4.45
C GLY B 686 34.40 -24.49 5.62
N GLU B 687 34.35 -25.83 5.48
CA GLU B 687 34.89 -26.72 6.49
C GLU B 687 36.38 -26.48 6.71
N ALA B 688 37.06 -25.87 5.73
CA ALA B 688 38.47 -25.54 5.88
C ALA B 688 38.72 -24.54 7.01
N VAL B 689 37.74 -23.73 7.39
CA VAL B 689 37.95 -22.79 8.49
C VAL B 689 38.19 -23.55 9.79
N ALA B 690 37.50 -24.67 9.97
CA ALA B 690 37.72 -25.51 11.14
C ALA B 690 39.11 -26.14 11.14
N SER B 691 39.62 -26.51 9.95
CA SER B 691 40.93 -27.13 9.83
C SER B 691 42.06 -26.22 10.28
N VAL B 692 41.93 -24.91 10.06
CA VAL B 692 42.97 -23.97 10.48
C VAL B 692 42.70 -23.36 11.85
N ARG B 693 41.56 -23.70 12.49
CA ARG B 693 41.27 -23.23 13.83
C ARG B 693 42.30 -23.75 14.85
N THR B 694 42.99 -24.83 14.53
CA THR B 694 43.97 -25.44 15.43
C THR B 694 45.42 -25.16 15.02
N LEU B 695 45.65 -24.31 14.03
CA LEU B 695 46.99 -23.99 13.53
C LEU B 695 47.30 -22.53 13.80
N ASP B 696 48.56 -22.22 14.11
CA ASP B 696 48.92 -20.82 14.33
C ASP B 696 49.17 -20.15 12.98
N ASP B 697 49.56 -18.86 13.03
CA ASP B 697 49.68 -18.08 11.80
C ASP B 697 50.72 -18.68 10.86
N LYS B 698 51.91 -19.01 11.39
CA LYS B 698 52.95 -19.60 10.54
C LYS B 698 52.48 -20.91 9.92
N GLN B 699 51.87 -21.79 10.73
CA GLN B 699 51.38 -23.06 10.22
C GLN B 699 50.39 -22.87 9.07
N VAL B 700 49.57 -21.82 9.14
CA VAL B 700 48.68 -21.51 8.03
C VAL B 700 49.49 -21.03 6.83
N LEU B 701 50.49 -20.18 7.07
CA LEU B 701 51.31 -19.67 5.98
C LEU B 701 52.11 -20.77 5.31
N GLN B 702 52.46 -21.83 6.05
CA GLN B 702 53.16 -22.96 5.44
C GLN B 702 52.24 -23.81 4.58
N GLN B 703 50.96 -23.92 4.95
CA GLN B 703 50.04 -24.64 4.08
C GLN B 703 49.72 -23.83 2.84
N CYS B 704 49.68 -22.50 2.95
CA CYS B 704 49.54 -21.66 1.78
C CYS B 704 50.73 -21.84 0.84
N MET B 705 51.94 -21.72 1.38
CA MET B 705 53.12 -21.84 0.53
C MET B 705 53.23 -23.25 -0.06
N ALA B 706 52.84 -24.28 0.70
CA ALA B 706 52.85 -25.63 0.15
C ALA B 706 51.88 -25.75 -1.01
N THR B 707 50.73 -25.06 -0.93
CA THR B 707 49.81 -25.05 -2.05
C THR B 707 50.39 -24.29 -3.25
N LEU B 708 50.97 -23.10 -3.00
CA LEU B 708 51.53 -22.33 -4.11
C LEU B 708 52.64 -23.09 -4.81
N ARG B 709 53.38 -23.92 -4.10
CA ARG B 709 54.42 -24.69 -4.77
C ARG B 709 53.84 -25.87 -5.53
N GLU B 710 52.63 -26.30 -5.19
CA GLU B 710 51.96 -27.32 -5.99
C GLU B 710 51.38 -26.70 -7.27
N LEU B 711 50.67 -25.58 -7.14
CA LEU B 711 50.14 -24.88 -8.30
C LEU B 711 51.25 -24.47 -9.26
N PHE B 712 52.42 -24.13 -8.76
CA PHE B 712 53.51 -23.63 -9.59
C PHE B 712 54.69 -24.59 -9.61
N LYS B 713 54.40 -25.90 -9.59
CA LYS B 713 55.43 -26.91 -9.39
C LYS B 713 56.49 -26.91 -10.48
N GLU B 714 56.27 -26.19 -11.58
CA GLU B 714 57.21 -26.21 -12.70
C GLU B 714 58.29 -25.15 -12.58
N GLN B 715 58.20 -24.29 -11.57
CA GLN B 715 59.15 -23.21 -11.40
C GLN B 715 59.44 -23.03 -9.91
N GLU B 716 60.42 -22.19 -9.62
CA GLU B 716 60.72 -21.84 -8.23
C GLU B 716 59.72 -20.80 -7.75
N VAL B 717 59.31 -20.95 -6.50
CA VAL B 717 58.46 -19.98 -5.82
C VAL B 717 59.28 -19.36 -4.71
N PRO B 718 59.41 -18.03 -4.66
CA PRO B 718 60.17 -17.40 -3.57
C PRO B 718 59.49 -17.55 -2.22
N ASP B 719 60.23 -17.18 -1.17
CA ASP B 719 59.55 -17.22 0.12
C ASP B 719 58.85 -15.89 0.38
N PRO B 720 57.67 -15.89 1.02
CA PRO B 720 57.05 -14.61 1.39
C PRO B 720 57.97 -13.82 2.31
N THR B 721 57.85 -12.50 2.25
CA THR B 721 58.61 -11.64 3.14
C THR B 721 57.76 -11.00 4.23
N LYS B 722 56.49 -10.73 3.93
CA LYS B 722 55.53 -10.14 4.84
C LYS B 722 54.22 -10.88 4.66
N TYR B 723 53.46 -11.07 5.73
CA TYR B 723 52.19 -11.78 5.59
C TYR B 723 51.30 -11.51 6.81
N PHE B 724 50.02 -11.84 6.66
CA PHE B 724 49.09 -11.89 7.78
C PHE B 724 48.03 -12.96 7.54
N VAL B 725 47.53 -13.53 8.62
CA VAL B 725 46.39 -14.44 8.61
C VAL B 725 45.32 -13.86 9.52
N THR B 726 44.10 -13.68 8.99
CA THR B 726 43.04 -13.09 9.79
C THR B 726 42.46 -14.11 10.79
N ARG B 727 41.89 -13.58 11.86
CA ARG B 727 41.16 -14.37 12.85
C ARG B 727 39.88 -13.66 13.26
N TRP B 728 39.05 -13.29 12.27
CA TRP B 728 37.74 -12.74 12.59
C TRP B 728 36.94 -13.70 13.45
N SER B 729 37.10 -15.00 13.23
CA SER B 729 36.34 -16.01 13.93
C SER B 729 36.48 -15.91 15.44
N THR B 730 37.60 -15.36 15.92
CA THR B 730 37.87 -15.22 17.36
C THR B 730 38.13 -13.78 17.77
N ASP B 731 37.85 -12.81 16.92
CA ASP B 731 37.83 -11.42 17.36
C ASP B 731 36.62 -11.26 18.27
N PRO B 732 36.81 -11.03 19.56
CA PRO B 732 35.67 -11.08 20.51
C PRO B 732 34.44 -10.27 20.10
N TRP B 733 34.61 -9.12 19.46
CA TRP B 733 33.48 -8.25 19.14
C TRP B 733 33.00 -8.40 17.70
N ILE B 734 33.40 -9.47 16.99
CA ILE B 734 32.97 -9.69 15.62
C ILE B 734 32.53 -11.14 15.49
N GLN B 735 33.46 -12.06 15.65
CA GLN B 735 33.23 -13.50 15.69
C GLN B 735 32.64 -14.08 14.40
N MET B 736 32.72 -13.37 13.29
CA MET B 736 32.03 -13.82 12.07
C MET B 736 32.50 -12.97 10.89
N ALA B 737 32.10 -13.39 9.69
CA ALA B 737 32.36 -12.65 8.46
C ALA B 737 31.11 -12.01 7.90
N TYR B 738 30.07 -12.81 7.65
CA TYR B 738 28.80 -12.28 7.20
C TYR B 738 27.73 -13.34 7.38
N SER B 739 26.49 -12.90 7.41
CA SER B 739 25.41 -13.82 7.76
C SER B 739 24.99 -14.65 6.56
N PHE B 740 24.13 -15.63 6.84
CA PHE B 740 23.45 -16.45 5.84
C PHE B 740 22.28 -17.12 6.56
N VAL B 741 21.39 -17.72 5.78
CA VAL B 741 20.18 -18.31 6.33
C VAL B 741 20.42 -19.79 6.61
N LYS B 742 20.42 -20.17 7.89
CA LYS B 742 20.52 -21.57 8.26
C LYS B 742 19.26 -22.34 7.86
N THR B 743 19.41 -23.67 7.75
CA THR B 743 18.28 -24.55 7.50
C THR B 743 17.14 -24.18 8.43
N GLY B 744 15.92 -24.28 7.91
CA GLY B 744 14.73 -23.91 8.65
C GLY B 744 14.47 -22.43 8.76
N GLY B 745 15.42 -21.58 8.39
CA GLY B 745 15.23 -20.15 8.48
C GLY B 745 14.44 -19.60 7.29
N SER B 746 14.34 -18.28 7.28
CA SER B 746 13.68 -17.56 6.20
C SER B 746 14.33 -16.20 6.08
N GLY B 747 14.41 -15.69 4.85
CA GLY B 747 14.95 -14.36 4.63
C GLY B 747 14.24 -13.29 5.44
N GLU B 748 13.07 -13.61 5.97
CA GLU B 748 12.32 -12.60 6.70
C GLU B 748 12.96 -12.25 8.03
N ALA B 749 13.83 -13.13 8.55
CA ALA B 749 14.53 -12.78 9.78
C ALA B 749 15.16 -11.39 9.69
N TYR B 750 15.74 -11.06 8.53
CA TYR B 750 16.39 -9.76 8.38
C TYR B 750 15.41 -8.63 8.66
N ASP B 751 14.21 -8.71 8.09
CA ASP B 751 13.18 -7.71 8.37
C ASP B 751 12.83 -7.69 9.86
N ILE B 752 12.73 -8.87 10.48
CA ILE B 752 12.36 -8.95 11.89
C ILE B 752 13.46 -8.34 12.77
N ILE B 753 14.71 -8.64 12.46
CA ILE B 753 15.79 -8.07 13.26
C ILE B 753 15.78 -6.56 13.16
N ALA B 754 15.36 -6.03 12.01
CA ALA B 754 15.38 -4.59 11.76
C ALA B 754 14.22 -3.83 12.39
N GLU B 755 13.17 -4.52 12.85
CA GLU B 755 12.05 -3.84 13.50
C GLU B 755 12.50 -3.15 14.78
N ASP B 756 12.21 -1.87 14.89
CA ASP B 756 12.60 -1.14 16.08
C ASP B 756 11.73 -1.56 17.26
N ILE B 757 12.15 -1.13 18.45
CA ILE B 757 11.44 -1.40 19.68
C ILE B 757 10.95 -0.06 20.21
N GLN B 758 9.64 0.14 20.23
CA GLN B 758 9.01 1.30 20.85
C GLN B 758 9.52 2.63 20.27
N GLY B 759 9.98 2.61 19.02
CA GLY B 759 10.55 3.81 18.41
C GLY B 759 11.70 4.35 19.23
N THR B 760 12.33 3.48 20.02
CA THR B 760 13.36 3.88 20.96
C THR B 760 14.66 3.10 20.73
N VAL B 761 14.57 1.78 20.60
CA VAL B 761 15.72 0.93 20.34
C VAL B 761 15.66 0.48 18.89
N PHE B 762 16.71 0.79 18.14
CA PHE B 762 16.78 0.54 16.70
C PHE B 762 17.96 -0.36 16.38
N PHE B 763 17.84 -1.09 15.26
CA PHE B 763 18.84 -2.09 14.85
C PHE B 763 19.29 -1.85 13.42
N ALA B 764 20.58 -2.09 13.17
CA ALA B 764 21.13 -1.97 11.81
C ALA B 764 22.32 -2.91 11.68
N GLY B 765 22.83 -3.02 10.46
CA GLY B 765 23.89 -3.97 10.16
C GLY B 765 23.57 -4.88 8.99
N GLU B 766 24.60 -5.50 8.40
CA GLU B 766 24.40 -6.47 7.34
C GLU B 766 23.36 -7.53 7.69
N ALA B 767 23.29 -7.93 8.96
CA ALA B 767 22.34 -8.95 9.38
C ALA B 767 20.92 -8.42 9.50
N THR B 768 20.67 -7.17 9.13
CA THR B 768 19.34 -6.58 9.18
C THR B 768 18.86 -6.05 7.83
N ASN B 769 19.54 -6.41 6.74
CA ASN B 769 19.22 -5.88 5.42
C ASN B 769 18.80 -7.04 4.53
N ARG B 770 17.49 -7.26 4.46
CA ARG B 770 16.95 -8.39 3.70
C ARG B 770 17.30 -8.31 2.22
N HIS B 771 17.17 -7.12 1.62
CA HIS B 771 17.46 -7.01 0.19
C HIS B 771 18.95 -7.20 -0.09
N PHE B 772 19.81 -6.67 0.77
CA PHE B 772 21.24 -6.68 0.54
C PHE B 772 21.97 -7.20 1.76
N PRO B 773 21.88 -8.49 2.04
CA PRO B 773 22.65 -9.04 3.15
C PRO B 773 24.14 -9.01 2.86
N GLN B 774 24.92 -9.22 3.92
CA GLN B 774 26.34 -9.58 3.88
C GLN B 774 27.30 -8.43 3.59
N THR B 775 26.88 -7.46 2.79
CA THR B 775 27.84 -6.56 2.20
C THR B 775 27.99 -5.30 3.03
N VAL B 776 29.14 -4.63 2.85
CA VAL B 776 29.31 -3.27 3.34
C VAL B 776 28.20 -2.38 2.80
N THR B 777 27.90 -2.52 1.51
CA THR B 777 26.83 -1.73 0.89
C THR B 777 25.54 -1.87 1.68
N GLY B 778 25.18 -3.10 2.04
CA GLY B 778 23.94 -3.33 2.77
C GLY B 778 23.98 -2.80 4.19
N ALA B 779 25.12 -2.99 4.87
CA ALA B 779 25.24 -2.43 6.22
C ALA B 779 25.16 -0.92 6.18
N TYR B 780 25.83 -0.28 5.21
CA TYR B 780 25.69 1.16 5.03
C TYR B 780 24.23 1.52 4.85
N LEU B 781 23.54 0.82 3.94
CA LEU B 781 22.15 1.15 3.65
C LEU B 781 21.27 0.94 4.87
N SER B 782 21.57 -0.07 5.69
CA SER B 782 20.75 -0.26 6.88
C SER B 782 20.90 0.92 7.84
N GLY B 783 22.09 1.52 7.89
CA GLY B 783 22.28 2.70 8.72
C GLY B 783 21.48 3.88 8.20
N VAL B 784 21.62 4.18 6.91
CA VAL B 784 20.84 5.24 6.28
C VAL B 784 19.36 4.99 6.46
N ARG B 785 18.96 3.72 6.52
CA ARG B 785 17.56 3.36 6.75
C ARG B 785 17.14 3.70 8.18
N GLU B 786 17.93 3.26 9.16
CA GLU B 786 17.58 3.52 10.55
C GLU B 786 17.65 5.02 10.87
N ALA B 787 18.69 5.69 10.40
CA ALA B 787 18.75 7.13 10.56
C ALA B 787 17.45 7.78 10.08
N SER B 788 16.91 7.30 8.95
CA SER B 788 15.64 7.82 8.46
C SER B 788 14.51 7.56 9.44
N LYS B 789 14.44 6.34 9.99
CA LYS B 789 13.43 6.01 10.99
C LYS B 789 13.56 6.92 12.20
N ILE B 790 14.78 7.17 12.66
CA ILE B 790 14.97 7.93 13.88
C ILE B 790 14.58 9.39 13.67
N ALA B 791 14.99 9.98 12.55
CA ALA B 791 14.69 11.38 12.31
C ALA B 791 13.19 11.62 12.14
N ALA B 792 12.41 10.58 11.90
CA ALA B 792 11.00 10.76 11.59
C ALA B 792 10.13 10.98 12.82
N PHE B 793 10.71 11.05 14.02
CA PHE B 793 9.90 11.16 15.25
C PHE B 793 9.74 12.61 15.72
ZN ZN C . -3.00 -23.93 -26.14
ZN ZN D . 6.75 2.37 -30.88
ZN ZN E . -0.10 0.06 -43.01
PA FAD F . -22.33 -9.80 20.40
O1A FAD F . -23.37 -10.26 19.38
O2A FAD F . -22.85 -9.33 21.71
O5B FAD F . -21.39 -11.04 20.53
C5B FAD F . -20.31 -11.12 21.48
C4B FAD F . -20.11 -12.58 21.80
O4B FAD F . -18.92 -12.73 22.62
C3B FAD F . -21.25 -13.25 22.58
O3B FAD F . -21.58 -14.49 21.97
C2B FAD F . -20.65 -13.44 23.98
O2B FAD F . -21.18 -14.60 24.58
C1B FAD F . -19.19 -13.67 23.63
N9A FAD F . -18.24 -13.44 24.73
C8A FAD F . -18.24 -12.39 25.60
N7A FAD F . -17.23 -12.40 26.44
C5A FAD F . -16.52 -13.55 26.09
C6A FAD F . -15.33 -14.12 26.59
N6A FAD F . -14.62 -13.60 27.59
N1A FAD F . -14.90 -15.26 26.02
C2A FAD F . -15.60 -15.78 25.01
N3A FAD F . -16.73 -15.33 24.45
C4A FAD F . -17.14 -14.20 25.04
N1 FAD F . -29.19 -4.66 16.10
C2 FAD F . -29.67 -4.49 14.83
O2 FAD F . -28.95 -4.39 13.85
N3 FAD F . -31.04 -4.45 14.71
C4 FAD F . -31.96 -4.64 15.73
O4 FAD F . -33.14 -4.86 15.45
C4X FAD F . -31.38 -4.70 17.04
N5 FAD F . -32.08 -4.58 18.23
C5X FAD F . -31.57 -5.18 19.40
C6 FAD F . -32.38 -5.65 20.43
C7 FAD F . -31.83 -6.26 21.56
C7M FAD F . -32.73 -6.74 22.67
C8 FAD F . -30.44 -6.40 21.66
C8M FAD F . -29.81 -7.05 22.86
C9 FAD F . -29.62 -5.93 20.64
C9A FAD F . -30.18 -5.33 19.50
N10 FAD F . -29.38 -4.94 18.42
C10 FAD F . -29.99 -4.72 17.20
C1' FAD F . -27.92 -4.88 18.55
C2' FAD F . -27.17 -6.05 17.93
O2' FAD F . -27.73 -7.29 18.37
C3' FAD F . -25.70 -5.98 18.37
O3' FAD F . -25.19 -4.68 18.13
C4' FAD F . -24.81 -7.00 17.66
O4' FAD F . -25.23 -8.32 18.01
C5' FAD F . -23.36 -6.80 18.01
O5' FAD F . -22.67 -8.03 17.72
P FAD F . -21.22 -8.29 18.19
O1P FAD F . -20.39 -7.07 18.11
O2P FAD F . -20.75 -9.57 17.48
O3P FAD F . -21.49 -8.64 19.73
C1 8A2 G . -30.50 0.74 14.80
C3 8A2 G . -29.80 0.65 15.98
C4 8A2 G . -30.22 -0.24 16.92
C6 8A2 G . -31.36 -1.02 16.78
C7 8A2 G . -31.91 -1.81 17.96
C8 8A2 G . -33.30 -2.46 17.74
C9 8A2 G . -33.33 -3.92 18.18
C11 8A2 G . -32.02 -0.95 15.56
C12 8A2 G . -31.57 -0.10 14.58
F5 8A2 G . -29.44 -0.46 17.98
F13 8A2 G . -32.15 -0.13 13.36
O10 8A2 G . -34.36 -4.48 18.48
BR2 8A2 G . -30.03 2.08 13.53
CAC FLC H . -19.14 9.48 1.32
CA FLC H . -17.85 9.83 2.03
CB FLC H . -17.45 8.88 3.17
CBC FLC H . -18.60 8.83 4.22
CG FLC H . -16.16 9.42 3.82
CGC FLC H . -15.64 8.69 5.06
OA1 FLC H . -20.06 10.33 1.32
OA2 FLC H . -19.22 8.35 0.77
OB1 FLC H . -18.96 9.93 4.73
OB2 FLC H . -19.11 7.70 4.45
OG1 FLC H . -15.39 9.38 6.07
OG2 FLC H . -15.46 7.46 4.99
OHB FLC H . -17.20 7.59 2.64
O1 PG4 I . -24.10 11.08 -20.51
C1 PG4 I . -23.57 12.40 -20.27
C2 PG4 I . -24.52 13.21 -19.37
O2 PG4 I . -23.82 14.29 -18.74
C3 PG4 I . -22.69 13.77 -18.04
C4 PG4 I . -22.40 14.41 -16.69
O3 PG4 I . -22.07 13.32 -15.81
C5 PG4 I . -20.76 13.42 -15.25
C6 PG4 I . -19.81 12.44 -15.95
O4 PG4 I . -18.51 12.60 -15.38
C7 PG4 I . -17.83 13.68 -16.04
C8 PG4 I . -17.36 14.72 -15.02
O5 PG4 I . -17.06 15.95 -15.69
C1 EDO J . -2.25 4.45 -20.37
O1 EDO J . -0.84 4.40 -20.21
C2 EDO J . -2.86 5.55 -19.61
O2 EDO J . -2.26 6.81 -19.89
ZN ZN K . 12.77 42.82 -4.44
ZN ZN L . -11.87 30.78 -11.74
ZN ZN M . -8.57 38.10 -23.52
PA FAD N . 30.67 -4.54 11.58
O1A FAD N . 31.57 -3.96 10.45
O2A FAD N . 31.02 -5.88 12.09
O5B FAD N . 30.62 -3.55 12.80
C5B FAD N . 30.14 -3.88 14.11
C4B FAD N . 30.96 -3.10 15.10
O4B FAD N . 30.34 -3.19 16.40
C3B FAD N . 32.41 -3.60 15.27
O3B FAD N . 33.39 -2.56 15.18
C2B FAD N . 32.39 -4.25 16.66
O2B FAD N . 33.69 -4.17 17.26
C1B FAD N . 31.36 -3.37 17.36
N9A FAD N . 30.77 -3.94 18.57
C8A FAD N . 30.39 -5.24 18.79
N7A FAD N . 29.86 -5.45 19.97
C5A FAD N . 29.88 -4.19 20.57
C6A FAD N . 29.48 -3.74 21.85
N6A FAD N . 28.91 -4.53 22.77
N1A FAD N . 29.67 -2.44 22.13
C2A FAD N . 30.22 -1.64 21.20
N3A FAD N . 30.64 -1.95 19.97
C4A FAD N . 30.45 -3.25 19.72
N1 FAD N . 31.68 -7.06 2.34
C2 FAD N . 31.67 -6.40 1.15
O2 FAD N . 30.83 -5.56 0.87
N3 FAD N . 32.66 -6.75 0.27
C4 FAD N . 33.71 -7.63 0.48
O4 FAD N . 34.64 -7.68 -0.32
C4X FAD N . 33.61 -8.35 1.75
N5 FAD N . 34.38 -9.46 2.12
C5X FAD N . 34.59 -9.73 3.50
C6 FAD N . 35.72 -10.41 3.97
C7 FAD N . 35.90 -10.62 5.33
C7M FAD N . 37.11 -11.38 5.81
C8 FAD N . 34.94 -10.16 6.25
C8M FAD N . 35.08 -10.41 7.72
C9 FAD N . 33.82 -9.48 5.77
C9A FAD N . 33.63 -9.27 4.41
N10 FAD N . 32.53 -8.56 3.92
C10 FAD N . 32.58 -8.05 2.65
C1' FAD N . 31.39 -8.26 4.80
C2' FAD N . 31.45 -6.85 5.38
O2' FAD N . 32.78 -6.55 5.81
C3' FAD N . 30.48 -6.74 6.56
O3' FAD N . 29.23 -7.29 6.15
C4' FAD N . 30.24 -5.30 7.02
O4' FAD N . 31.48 -4.65 7.28
C5' FAD N . 29.34 -5.28 8.23
O5' FAD N . 29.15 -3.93 8.66
P FAD N . 28.33 -3.67 9.98
O1P FAD N . 27.00 -4.31 9.90
O2P FAD N . 28.43 -2.18 10.35
O3P FAD N . 29.17 -4.51 11.05
C1 8A2 O . 29.23 -10.22 -1.77
C3 8A2 O . 29.03 -10.71 -0.50
C4 8A2 O . 30.12 -10.94 0.30
C6 8A2 O . 31.42 -10.73 -0.11
C7 8A2 O . 32.63 -11.15 0.73
C8 8A2 O . 34.03 -10.91 0.11
C9 8A2 O . 34.97 -10.20 1.08
C11 8A2 O . 31.61 -10.18 -1.38
C12 8A2 O . 30.52 -9.94 -2.19
F5 8A2 O . 29.92 -11.37 1.56
F13 8A2 O . 30.72 -9.41 -3.42
O10 8A2 O . 36.20 -10.25 0.94
BR2 8A2 O . 27.74 -10.03 -2.95
C1 EDO P . 40.44 -9.92 12.91
O1 EDO P . 40.64 -8.59 12.50
C2 EDO P . 41.72 -10.66 13.06
O2 EDO P . 42.49 -10.64 11.88
#